data_1YK8
# 
_entry.id   1YK8 
# 
_audit_conform.dict_name       mmcif_pdbx.dic 
_audit_conform.dict_version    5.398 
_audit_conform.dict_location   http://mmcif.pdb.org/dictionaries/ascii/mmcif_pdbx.dic 
# 
loop_
_database_2.database_id 
_database_2.database_code 
_database_2.pdbx_database_accession 
_database_2.pdbx_DOI 
PDB   1YK8         pdb_00001yk8 10.2210/pdb1yk8/pdb 
RCSB  RCSB031609   ?            ?                   
WWPDB D_1000031609 ?            ?                   
# 
loop_
_pdbx_audit_revision_history.ordinal 
_pdbx_audit_revision_history.data_content_type 
_pdbx_audit_revision_history.major_revision 
_pdbx_audit_revision_history.minor_revision 
_pdbx_audit_revision_history.revision_date 
1 'Structure model' 1 0 2005-07-19 
2 'Structure model' 1 1 2008-04-30 
3 'Structure model' 1 2 2011-07-13 
4 'Structure model' 1 3 2023-08-23 
5 'Structure model' 1 4 2024-11-06 
# 
_pdbx_audit_revision_details.ordinal             1 
_pdbx_audit_revision_details.revision_ordinal    1 
_pdbx_audit_revision_details.data_content_type   'Structure model' 
_pdbx_audit_revision_details.provider            repository 
_pdbx_audit_revision_details.type                'Initial release' 
_pdbx_audit_revision_details.description         ? 
_pdbx_audit_revision_details.details             ? 
# 
loop_
_pdbx_audit_revision_group.ordinal 
_pdbx_audit_revision_group.revision_ordinal 
_pdbx_audit_revision_group.data_content_type 
_pdbx_audit_revision_group.group 
1 2 'Structure model' 'Version format compliance' 
2 3 'Structure model' 'Version format compliance' 
3 4 'Structure model' 'Data collection'           
4 4 'Structure model' 'Database references'       
5 4 'Structure model' 'Derived calculations'      
6 4 'Structure model' 'Refinement description'    
7 5 'Structure model' 'Structure summary'         
# 
loop_
_pdbx_audit_revision_category.ordinal 
_pdbx_audit_revision_category.revision_ordinal 
_pdbx_audit_revision_category.data_content_type 
_pdbx_audit_revision_category.category 
1 4 'Structure model' chem_comp_atom                
2 4 'Structure model' chem_comp_bond                
3 4 'Structure model' database_2                    
4 4 'Structure model' pdbx_initial_refinement_model 
5 4 'Structure model' struct_conn                   
6 4 'Structure model' struct_site                   
7 5 'Structure model' pdbx_entry_details            
8 5 'Structure model' pdbx_modification_feature     
# 
loop_
_pdbx_audit_revision_item.ordinal 
_pdbx_audit_revision_item.revision_ordinal 
_pdbx_audit_revision_item.data_content_type 
_pdbx_audit_revision_item.item 
1  4 'Structure model' '_database_2.pdbx_DOI'                
2  4 'Structure model' '_database_2.pdbx_database_accession' 
3  4 'Structure model' '_struct_conn.pdbx_leaving_atom_flag' 
4  4 'Structure model' '_struct_conn.ptnr1_auth_comp_id'     
5  4 'Structure model' '_struct_conn.ptnr1_auth_seq_id'      
6  4 'Structure model' '_struct_conn.ptnr1_label_asym_id'    
7  4 'Structure model' '_struct_conn.ptnr1_label_atom_id'    
8  4 'Structure model' '_struct_conn.ptnr1_label_comp_id'    
9  4 'Structure model' '_struct_conn.ptnr1_label_seq_id'     
10 4 'Structure model' '_struct_conn.ptnr2_auth_comp_id'     
11 4 'Structure model' '_struct_conn.ptnr2_auth_seq_id'      
12 4 'Structure model' '_struct_conn.ptnr2_label_asym_id'    
13 4 'Structure model' '_struct_conn.ptnr2_label_atom_id'    
14 4 'Structure model' '_struct_conn.ptnr2_label_comp_id'    
15 4 'Structure model' '_struct_conn.ptnr2_label_seq_id'     
16 4 'Structure model' '_struct_site.pdbx_auth_asym_id'      
17 4 'Structure model' '_struct_site.pdbx_auth_comp_id'      
18 4 'Structure model' '_struct_site.pdbx_auth_seq_id'       
# 
_pdbx_database_status.status_code                     REL 
_pdbx_database_status.entry_id                        1YK8 
_pdbx_database_status.recvd_initial_deposition_date   2005-01-17 
_pdbx_database_status.deposit_site                    RCSB 
_pdbx_database_status.process_site                    RCSB 
_pdbx_database_status.status_code_sf                  REL 
_pdbx_database_status.status_code_mr                  ? 
_pdbx_database_status.SG_entry                        ? 
_pdbx_database_status.pdb_format_compatible           Y 
_pdbx_database_status.status_code_cs                  ? 
_pdbx_database_status.status_code_nmr_data            ? 
_pdbx_database_status.methods_development_category    ? 
# 
loop_
_audit_author.name 
_audit_author.pdbx_ordinal 
'Barrett, D.G.'  1  
'Deaton, D.N.'   2  
'Hassell, A.M.'  3  
'McFadyen, R.B.' 4  
'Miller, A.B.'   5  
'Miller, L.R.'   6  
'Payne, J.A.'    7  
'Shewchuk, L.M.' 8  
'Willard, D.H.'  9  
'Wright, L.L.'   10 
# 
_citation.id                        primary 
_citation.title                     'Acyclic cyanamide-based inhibitors of cathepsin K.' 
_citation.journal_abbrev            Bioorg.Med.Chem.Lett. 
_citation.journal_volume            15 
_citation.page_first                3039 
_citation.page_last                 3043 
_citation.year                      2005 
_citation.journal_id_ASTM           BMCLE8 
_citation.country                   UK 
_citation.journal_id_ISSN           0960-894X 
_citation.journal_id_CSD            1127 
_citation.book_publisher            ? 
_citation.pdbx_database_id_PubMed   15896958 
_citation.pdbx_database_id_DOI      10.1016/j.bmcl.2005.04.032 
# 
loop_
_citation_author.citation_id 
_citation_author.name 
_citation_author.ordinal 
_citation_author.identifier_ORCID 
primary 'Barrett, D.G.'  1  ? 
primary 'Deaton, D.N.'   2  ? 
primary 'Hassell, A.M.'  3  ? 
primary 'McFadyen, R.B.' 4  ? 
primary 'Miller, A.B.'   5  ? 
primary 'Miller, L.R.'   6  ? 
primary 'Payne, J.A.'    7  ? 
primary 'Shewchuk, L.M.' 8  ? 
primary 'Willard, D.H.'  9  ? 
primary 'Wright, L.L.'   10 ? 
# 
loop_
_entity.id 
_entity.type 
_entity.src_method 
_entity.pdbx_description 
_entity.formula_weight 
_entity.pdbx_number_of_molecules 
_entity.pdbx_ec 
_entity.pdbx_mutation 
_entity.pdbx_fragment 
_entity.details 
1 polymer     man 'Cathepsin K'                                     23523.480 1  3.4.22.38 ? 'sequence database residues 115-329' 
? 
2 non-polymer syn 'TERT-BUTYL 2-CYANO-2-METHYLHYDRAZINECARBOXYLATE' 171.197   1  ?         ? ?                                    
? 
3 water       nat water                                             18.015    33 ?         ? ?                                    
? 
# 
_entity_name_com.entity_id   1 
_entity_name_com.name        'Cathepsin O, Cathepsin X, Cathepsin O2' 
# 
_entity_poly.entity_id                      1 
_entity_poly.type                           'polypeptide(L)' 
_entity_poly.nstd_linkage                   no 
_entity_poly.nstd_monomer                   no 
_entity_poly.pdbx_seq_one_letter_code       
;APDSVDYRKKGYVTPVKNQGQCGSCWAFSSVGALEGQLKKKTGKLLNLSPQNLVDCVSENDGCGGGYMTNAFQYVQKNRG
IDSEDAYPYVGQEESCMYNPTGKAAKCRGYREIPEGNEKALKRAVARVGPVSVAIDASLTSFQFYSKGVYYDESCNSDNL
NHAVLAVGYGIQKGNKHWIIKNSWGENWGNKGYILMARNKNNACGIANLASFPKM
;
_entity_poly.pdbx_seq_one_letter_code_can   
;APDSVDYRKKGYVTPVKNQGQCGSCWAFSSVGALEGQLKKKTGKLLNLSPQNLVDCVSENDGCGGGYMTNAFQYVQKNRG
IDSEDAYPYVGQEESCMYNPTGKAAKCRGYREIPEGNEKALKRAVARVGPVSVAIDASLTSFQFYSKGVYYDESCNSDNL
NHAVLAVGYGIQKGNKHWIIKNSWGENWGNKGYILMARNKNNACGIANLASFPKM
;
_entity_poly.pdbx_strand_id                 A 
_entity_poly.pdbx_target_identifier         ? 
# 
loop_
_pdbx_entity_nonpoly.entity_id 
_pdbx_entity_nonpoly.name 
_pdbx_entity_nonpoly.comp_id 
2 'TERT-BUTYL 2-CYANO-2-METHYLHYDRAZINECARBOXYLATE' T2M 
3 water                                             HOH 
# 
loop_
_entity_poly_seq.entity_id 
_entity_poly_seq.num 
_entity_poly_seq.mon_id 
_entity_poly_seq.hetero 
1 1   ALA n 
1 2   PRO n 
1 3   ASP n 
1 4   SER n 
1 5   VAL n 
1 6   ASP n 
1 7   TYR n 
1 8   ARG n 
1 9   LYS n 
1 10  LYS n 
1 11  GLY n 
1 12  TYR n 
1 13  VAL n 
1 14  THR n 
1 15  PRO n 
1 16  VAL n 
1 17  LYS n 
1 18  ASN n 
1 19  GLN n 
1 20  GLY n 
1 21  GLN n 
1 22  CYS n 
1 23  GLY n 
1 24  SER n 
1 25  CYS n 
1 26  TRP n 
1 27  ALA n 
1 28  PHE n 
1 29  SER n 
1 30  SER n 
1 31  VAL n 
1 32  GLY n 
1 33  ALA n 
1 34  LEU n 
1 35  GLU n 
1 36  GLY n 
1 37  GLN n 
1 38  LEU n 
1 39  LYS n 
1 40  LYS n 
1 41  LYS n 
1 42  THR n 
1 43  GLY n 
1 44  LYS n 
1 45  LEU n 
1 46  LEU n 
1 47  ASN n 
1 48  LEU n 
1 49  SER n 
1 50  PRO n 
1 51  GLN n 
1 52  ASN n 
1 53  LEU n 
1 54  VAL n 
1 55  ASP n 
1 56  CYS n 
1 57  VAL n 
1 58  SER n 
1 59  GLU n 
1 60  ASN n 
1 61  ASP n 
1 62  GLY n 
1 63  CYS n 
1 64  GLY n 
1 65  GLY n 
1 66  GLY n 
1 67  TYR n 
1 68  MET n 
1 69  THR n 
1 70  ASN n 
1 71  ALA n 
1 72  PHE n 
1 73  GLN n 
1 74  TYR n 
1 75  VAL n 
1 76  GLN n 
1 77  LYS n 
1 78  ASN n 
1 79  ARG n 
1 80  GLY n 
1 81  ILE n 
1 82  ASP n 
1 83  SER n 
1 84  GLU n 
1 85  ASP n 
1 86  ALA n 
1 87  TYR n 
1 88  PRO n 
1 89  TYR n 
1 90  VAL n 
1 91  GLY n 
1 92  GLN n 
1 93  GLU n 
1 94  GLU n 
1 95  SER n 
1 96  CYS n 
1 97  MET n 
1 98  TYR n 
1 99  ASN n 
1 100 PRO n 
1 101 THR n 
1 102 GLY n 
1 103 LYS n 
1 104 ALA n 
1 105 ALA n 
1 106 LYS n 
1 107 CYS n 
1 108 ARG n 
1 109 GLY n 
1 110 TYR n 
1 111 ARG n 
1 112 GLU n 
1 113 ILE n 
1 114 PRO n 
1 115 GLU n 
1 116 GLY n 
1 117 ASN n 
1 118 GLU n 
1 119 LYS n 
1 120 ALA n 
1 121 LEU n 
1 122 LYS n 
1 123 ARG n 
1 124 ALA n 
1 125 VAL n 
1 126 ALA n 
1 127 ARG n 
1 128 VAL n 
1 129 GLY n 
1 130 PRO n 
1 131 VAL n 
1 132 SER n 
1 133 VAL n 
1 134 ALA n 
1 135 ILE n 
1 136 ASP n 
1 137 ALA n 
1 138 SER n 
1 139 LEU n 
1 140 THR n 
1 141 SER n 
1 142 PHE n 
1 143 GLN n 
1 144 PHE n 
1 145 TYR n 
1 146 SER n 
1 147 LYS n 
1 148 GLY n 
1 149 VAL n 
1 150 TYR n 
1 151 TYR n 
1 152 ASP n 
1 153 GLU n 
1 154 SER n 
1 155 CYS n 
1 156 ASN n 
1 157 SER n 
1 158 ASP n 
1 159 ASN n 
1 160 LEU n 
1 161 ASN n 
1 162 HIS n 
1 163 ALA n 
1 164 VAL n 
1 165 LEU n 
1 166 ALA n 
1 167 VAL n 
1 168 GLY n 
1 169 TYR n 
1 170 GLY n 
1 171 ILE n 
1 172 GLN n 
1 173 LYS n 
1 174 GLY n 
1 175 ASN n 
1 176 LYS n 
1 177 HIS n 
1 178 TRP n 
1 179 ILE n 
1 180 ILE n 
1 181 LYS n 
1 182 ASN n 
1 183 SER n 
1 184 TRP n 
1 185 GLY n 
1 186 GLU n 
1 187 ASN n 
1 188 TRP n 
1 189 GLY n 
1 190 ASN n 
1 191 LYS n 
1 192 GLY n 
1 193 TYR n 
1 194 ILE n 
1 195 LEU n 
1 196 MET n 
1 197 ALA n 
1 198 ARG n 
1 199 ASN n 
1 200 LYS n 
1 201 ASN n 
1 202 ASN n 
1 203 ALA n 
1 204 CYS n 
1 205 GLY n 
1 206 ILE n 
1 207 ALA n 
1 208 ASN n 
1 209 LEU n 
1 210 ALA n 
1 211 SER n 
1 212 PHE n 
1 213 PRO n 
1 214 LYS n 
1 215 MET n 
# 
_entity_src_gen.entity_id                          1 
_entity_src_gen.pdbx_src_id                        1 
_entity_src_gen.pdbx_alt_source_flag               sample 
_entity_src_gen.pdbx_seq_type                      ? 
_entity_src_gen.pdbx_beg_seq_num                   ? 
_entity_src_gen.pdbx_end_seq_num                   ? 
_entity_src_gen.gene_src_common_name               human 
_entity_src_gen.gene_src_genus                     Homo 
_entity_src_gen.pdbx_gene_src_gene                 'CTSK, CTSO, CTSO2' 
_entity_src_gen.gene_src_species                   ? 
_entity_src_gen.gene_src_strain                    ? 
_entity_src_gen.gene_src_tissue                    ? 
_entity_src_gen.gene_src_tissue_fraction           ? 
_entity_src_gen.gene_src_details                   ? 
_entity_src_gen.pdbx_gene_src_fragment             ? 
_entity_src_gen.pdbx_gene_src_scientific_name      'Homo sapiens' 
_entity_src_gen.pdbx_gene_src_ncbi_taxonomy_id     9606 
_entity_src_gen.pdbx_gene_src_variant              ? 
_entity_src_gen.pdbx_gene_src_cell_line            ? 
_entity_src_gen.pdbx_gene_src_atcc                 ? 
_entity_src_gen.pdbx_gene_src_organ                ? 
_entity_src_gen.pdbx_gene_src_organelle            ? 
_entity_src_gen.pdbx_gene_src_cell                 ? 
_entity_src_gen.pdbx_gene_src_cellular_location    ? 
_entity_src_gen.host_org_common_name               'fall armyworm' 
_entity_src_gen.pdbx_host_org_scientific_name      'Spodoptera frugiperda' 
_entity_src_gen.pdbx_host_org_ncbi_taxonomy_id     7108 
_entity_src_gen.host_org_genus                     Spodoptera 
_entity_src_gen.pdbx_host_org_gene                 ? 
_entity_src_gen.pdbx_host_org_organ                ? 
_entity_src_gen.host_org_species                   ? 
_entity_src_gen.pdbx_host_org_tissue               ? 
_entity_src_gen.pdbx_host_org_tissue_fraction      ? 
_entity_src_gen.pdbx_host_org_strain               ? 
_entity_src_gen.pdbx_host_org_variant              ? 
_entity_src_gen.pdbx_host_org_cell_line            ? 
_entity_src_gen.pdbx_host_org_atcc                 ? 
_entity_src_gen.pdbx_host_org_culture_collection   ? 
_entity_src_gen.pdbx_host_org_cell                 ? 
_entity_src_gen.pdbx_host_org_organelle            ? 
_entity_src_gen.pdbx_host_org_cellular_location    ? 
_entity_src_gen.pdbx_host_org_vector_type          baculovirus 
_entity_src_gen.pdbx_host_org_vector               ? 
_entity_src_gen.host_org_details                   ? 
_entity_src_gen.expression_system_id               ? 
_entity_src_gen.plasmid_name                       pFASTBAC 
_entity_src_gen.plasmid_details                    ? 
_entity_src_gen.pdbx_description                   ? 
# 
loop_
_chem_comp.id 
_chem_comp.type 
_chem_comp.mon_nstd_flag 
_chem_comp.name 
_chem_comp.pdbx_synonyms 
_chem_comp.formula 
_chem_comp.formula_weight 
ALA 'L-peptide linking' y ALANINE                                           ? 'C3 H7 N O2'     89.093  
ARG 'L-peptide linking' y ARGININE                                          ? 'C6 H15 N4 O2 1' 175.209 
ASN 'L-peptide linking' y ASPARAGINE                                        ? 'C4 H8 N2 O3'    132.118 
ASP 'L-peptide linking' y 'ASPARTIC ACID'                                   ? 'C4 H7 N O4'     133.103 
CYS 'L-peptide linking' y CYSTEINE                                          ? 'C3 H7 N O2 S'   121.158 
GLN 'L-peptide linking' y GLUTAMINE                                         ? 'C5 H10 N2 O3'   146.144 
GLU 'L-peptide linking' y 'GLUTAMIC ACID'                                   ? 'C5 H9 N O4'     147.129 
GLY 'peptide linking'   y GLYCINE                                           ? 'C2 H5 N O2'     75.067  
HIS 'L-peptide linking' y HISTIDINE                                         ? 'C6 H10 N3 O2 1' 156.162 
HOH non-polymer         . WATER                                             ? 'H2 O'           18.015  
ILE 'L-peptide linking' y ISOLEUCINE                                        ? 'C6 H13 N O2'    131.173 
LEU 'L-peptide linking' y LEUCINE                                           ? 'C6 H13 N O2'    131.173 
LYS 'L-peptide linking' y LYSINE                                            ? 'C6 H15 N2 O2 1' 147.195 
MET 'L-peptide linking' y METHIONINE                                        ? 'C5 H11 N O2 S'  149.211 
PHE 'L-peptide linking' y PHENYLALANINE                                     ? 'C9 H11 N O2'    165.189 
PRO 'L-peptide linking' y PROLINE                                           ? 'C5 H9 N O2'     115.130 
SER 'L-peptide linking' y SERINE                                            ? 'C3 H7 N O3'     105.093 
T2M non-polymer         . 'TERT-BUTYL 2-CYANO-2-METHYLHYDRAZINECARBOXYLATE' ? 'C7 H13 N3 O2'   171.197 
THR 'L-peptide linking' y THREONINE                                         ? 'C4 H9 N O3'     119.119 
TRP 'L-peptide linking' y TRYPTOPHAN                                        ? 'C11 H12 N2 O2'  204.225 
TYR 'L-peptide linking' y TYROSINE                                          ? 'C9 H11 N O3'    181.189 
VAL 'L-peptide linking' y VALINE                                            ? 'C5 H11 N O2'    117.146 
# 
loop_
_pdbx_poly_seq_scheme.asym_id 
_pdbx_poly_seq_scheme.entity_id 
_pdbx_poly_seq_scheme.seq_id 
_pdbx_poly_seq_scheme.mon_id 
_pdbx_poly_seq_scheme.ndb_seq_num 
_pdbx_poly_seq_scheme.pdb_seq_num 
_pdbx_poly_seq_scheme.auth_seq_num 
_pdbx_poly_seq_scheme.pdb_mon_id 
_pdbx_poly_seq_scheme.auth_mon_id 
_pdbx_poly_seq_scheme.pdb_strand_id 
_pdbx_poly_seq_scheme.pdb_ins_code 
_pdbx_poly_seq_scheme.hetero 
A 1 1   ALA 1   115 ?   ?   ?   A . n 
A 1 2   PRO 2   116 ?   ?   ?   A . n 
A 1 3   ASP 3   117 117 ASP ASP A . n 
A 1 4   SER 4   118 118 SER SER A . n 
A 1 5   VAL 5   119 119 VAL VAL A . n 
A 1 6   ASP 6   120 120 ASP ASP A . n 
A 1 7   TYR 7   121 121 TYR TYR A . n 
A 1 8   ARG 8   122 122 ARG ARG A . n 
A 1 9   LYS 9   123 123 LYS LYS A . n 
A 1 10  LYS 10  124 124 LYS LYS A . n 
A 1 11  GLY 11  125 125 GLY GLY A . n 
A 1 12  TYR 12  126 126 TYR TYR A . n 
A 1 13  VAL 13  127 127 VAL VAL A . n 
A 1 14  THR 14  128 128 THR THR A . n 
A 1 15  PRO 15  129 129 PRO PRO A . n 
A 1 16  VAL 16  130 130 VAL VAL A . n 
A 1 17  LYS 17  131 131 LYS LYS A . n 
A 1 18  ASN 18  132 132 ASN ASN A . n 
A 1 19  GLN 19  133 133 GLN GLN A . n 
A 1 20  GLY 20  134 134 GLY GLY A . n 
A 1 21  GLN 21  135 135 GLN GLN A . n 
A 1 22  CYS 22  136 136 CYS CYS A . n 
A 1 23  GLY 23  137 137 GLY GLY A . n 
A 1 24  SER 24  138 138 SER SER A . n 
A 1 25  CYS 25  139 139 CYS CYS A . n 
A 1 26  TRP 26  140 140 TRP TRP A . n 
A 1 27  ALA 27  141 141 ALA ALA A . n 
A 1 28  PHE 28  142 142 PHE PHE A . n 
A 1 29  SER 29  143 143 SER SER A . n 
A 1 30  SER 30  144 144 SER SER A . n 
A 1 31  VAL 31  145 145 VAL VAL A . n 
A 1 32  GLY 32  146 146 GLY GLY A . n 
A 1 33  ALA 33  147 147 ALA ALA A . n 
A 1 34  LEU 34  148 148 LEU LEU A . n 
A 1 35  GLU 35  149 149 GLU GLU A . n 
A 1 36  GLY 36  150 150 GLY GLY A . n 
A 1 37  GLN 37  151 151 GLN GLN A . n 
A 1 38  LEU 38  152 152 LEU LEU A . n 
A 1 39  LYS 39  153 153 LYS LYS A . n 
A 1 40  LYS 40  154 154 LYS LYS A . n 
A 1 41  LYS 41  155 155 LYS LYS A . n 
A 1 42  THR 42  156 156 THR THR A . n 
A 1 43  GLY 43  157 157 GLY GLY A . n 
A 1 44  LYS 44  158 158 LYS LYS A . n 
A 1 45  LEU 45  159 159 LEU LEU A . n 
A 1 46  LEU 46  160 160 LEU LEU A . n 
A 1 47  ASN 47  161 161 ASN ASN A . n 
A 1 48  LEU 48  162 162 LEU LEU A . n 
A 1 49  SER 49  163 163 SER SER A . n 
A 1 50  PRO 50  164 164 PRO PRO A . n 
A 1 51  GLN 51  165 165 GLN GLN A . n 
A 1 52  ASN 52  166 166 ASN ASN A . n 
A 1 53  LEU 53  167 167 LEU LEU A . n 
A 1 54  VAL 54  168 168 VAL VAL A . n 
A 1 55  ASP 55  169 169 ASP ASP A . n 
A 1 56  CYS 56  170 170 CYS CYS A . n 
A 1 57  VAL 57  171 171 VAL VAL A . n 
A 1 58  SER 58  172 172 SER SER A . n 
A 1 59  GLU 59  173 173 GLU GLU A . n 
A 1 60  ASN 60  174 174 ASN ASN A . n 
A 1 61  ASP 61  175 175 ASP ASP A . n 
A 1 62  GLY 62  176 176 GLY GLY A . n 
A 1 63  CYS 63  177 177 CYS CYS A . n 
A 1 64  GLY 64  178 178 GLY GLY A . n 
A 1 65  GLY 65  179 179 GLY GLY A . n 
A 1 66  GLY 66  180 180 GLY GLY A . n 
A 1 67  TYR 67  181 181 TYR TYR A . n 
A 1 68  MET 68  182 182 MET MET A . n 
A 1 69  THR 69  183 183 THR THR A . n 
A 1 70  ASN 70  184 184 ASN ASN A . n 
A 1 71  ALA 71  185 185 ALA ALA A . n 
A 1 72  PHE 72  186 186 PHE PHE A . n 
A 1 73  GLN 73  187 187 GLN GLN A . n 
A 1 74  TYR 74  188 188 TYR TYR A . n 
A 1 75  VAL 75  189 189 VAL VAL A . n 
A 1 76  GLN 76  190 190 GLN GLN A . n 
A 1 77  LYS 77  191 191 LYS LYS A . n 
A 1 78  ASN 78  192 192 ASN ASN A . n 
A 1 79  ARG 79  193 193 ARG ARG A . n 
A 1 80  GLY 80  194 194 GLY GLY A . n 
A 1 81  ILE 81  195 195 ILE ILE A . n 
A 1 82  ASP 82  196 196 ASP ASP A . n 
A 1 83  SER 83  197 197 SER SER A . n 
A 1 84  GLU 84  198 198 GLU GLU A . n 
A 1 85  ASP 85  199 199 ASP ASP A . n 
A 1 86  ALA 86  200 200 ALA ALA A . n 
A 1 87  TYR 87  201 201 TYR TYR A . n 
A 1 88  PRO 88  202 202 PRO PRO A . n 
A 1 89  TYR 89  203 203 TYR TYR A . n 
A 1 90  VAL 90  204 204 VAL VAL A . n 
A 1 91  GLY 91  205 205 GLY GLY A . n 
A 1 92  GLN 92  206 206 GLN GLN A . n 
A 1 93  GLU 93  207 207 GLU GLU A . n 
A 1 94  GLU 94  208 208 GLU GLU A . n 
A 1 95  SER 95  209 209 SER SER A . n 
A 1 96  CYS 96  210 210 CYS CYS A . n 
A 1 97  MET 97  211 211 MET MET A . n 
A 1 98  TYR 98  212 212 TYR TYR A . n 
A 1 99  ASN 99  213 213 ASN ASN A . n 
A 1 100 PRO 100 214 214 PRO PRO A . n 
A 1 101 THR 101 215 215 THR THR A . n 
A 1 102 GLY 102 216 216 GLY GLY A . n 
A 1 103 LYS 103 217 217 LYS LYS A . n 
A 1 104 ALA 104 218 218 ALA ALA A . n 
A 1 105 ALA 105 219 219 ALA ALA A . n 
A 1 106 LYS 106 220 220 LYS ALA A . n 
A 1 107 CYS 107 221 221 CYS CYS A . n 
A 1 108 ARG 108 222 222 ARG ARG A . n 
A 1 109 GLY 109 223 223 GLY GLY A . n 
A 1 110 TYR 110 224 224 TYR TYR A . n 
A 1 111 ARG 111 225 225 ARG ARG A . n 
A 1 112 GLU 112 226 226 GLU GLU A . n 
A 1 113 ILE 113 227 227 ILE ILE A . n 
A 1 114 PRO 114 228 228 PRO PRO A . n 
A 1 115 GLU 115 229 229 GLU GLU A . n 
A 1 116 GLY 116 230 230 GLY GLY A . n 
A 1 117 ASN 117 231 231 ASN ASN A . n 
A 1 118 GLU 118 232 232 GLU GLU A . n 
A 1 119 LYS 119 233 233 LYS LYS A . n 
A 1 120 ALA 120 234 234 ALA ALA A . n 
A 1 121 LEU 121 235 235 LEU LEU A . n 
A 1 122 LYS 122 236 236 LYS LYS A . n 
A 1 123 ARG 123 237 237 ARG ARG A . n 
A 1 124 ALA 124 238 238 ALA ALA A . n 
A 1 125 VAL 125 239 239 VAL VAL A . n 
A 1 126 ALA 126 240 240 ALA ALA A . n 
A 1 127 ARG 127 241 241 ARG ARG A . n 
A 1 128 VAL 128 242 242 VAL VAL A . n 
A 1 129 GLY 129 243 243 GLY GLY A . n 
A 1 130 PRO 130 244 244 PRO PRO A . n 
A 1 131 VAL 131 245 245 VAL VAL A . n 
A 1 132 SER 132 246 246 SER SER A . n 
A 1 133 VAL 133 247 247 VAL VAL A . n 
A 1 134 ALA 134 248 248 ALA ALA A . n 
A 1 135 ILE 135 249 249 ILE ILE A . n 
A 1 136 ASP 136 250 250 ASP ASP A . n 
A 1 137 ALA 137 251 251 ALA ALA A . n 
A 1 138 SER 138 252 252 SER SER A . n 
A 1 139 LEU 139 253 253 LEU LEU A . n 
A 1 140 THR 140 254 254 THR THR A . n 
A 1 141 SER 141 255 255 SER SER A . n 
A 1 142 PHE 142 256 256 PHE PHE A . n 
A 1 143 GLN 143 257 257 GLN GLN A . n 
A 1 144 PHE 144 258 258 PHE PHE A . n 
A 1 145 TYR 145 259 259 TYR TYR A . n 
A 1 146 SER 146 260 260 SER SER A . n 
A 1 147 LYS 147 261 261 LYS LYS A . n 
A 1 148 GLY 148 262 262 GLY GLY A . n 
A 1 149 VAL 149 263 263 VAL VAL A . n 
A 1 150 TYR 150 264 264 TYR TYR A . n 
A 1 151 TYR 151 265 265 TYR TYR A . n 
A 1 152 ASP 152 266 266 ASP ASP A . n 
A 1 153 GLU 153 267 267 GLU GLU A . n 
A 1 154 SER 154 268 268 SER SER A . n 
A 1 155 CYS 155 269 269 CYS CYS A . n 
A 1 156 ASN 156 270 270 ASN ASN A . n 
A 1 157 SER 157 271 271 SER SER A . n 
A 1 158 ASP 158 272 272 ASP ASP A . n 
A 1 159 ASN 159 273 273 ASN ASN A . n 
A 1 160 LEU 160 274 274 LEU LEU A . n 
A 1 161 ASN 161 275 275 ASN ASN A . n 
A 1 162 HIS 162 276 276 HIS HIS A . n 
A 1 163 ALA 163 277 277 ALA ALA A . n 
A 1 164 VAL 164 278 278 VAL VAL A . n 
A 1 165 LEU 165 279 279 LEU LEU A . n 
A 1 166 ALA 166 280 280 ALA ALA A . n 
A 1 167 VAL 167 281 281 VAL VAL A . n 
A 1 168 GLY 168 282 282 GLY GLY A . n 
A 1 169 TYR 169 283 283 TYR TYR A . n 
A 1 170 GLY 170 284 284 GLY GLY A . n 
A 1 171 ILE 171 285 285 ILE ILE A . n 
A 1 172 GLN 172 286 286 GLN GLN A . n 
A 1 173 LYS 173 287 287 LYS LYS A . n 
A 1 174 GLY 174 288 288 GLY GLY A . n 
A 1 175 ASN 175 289 289 ASN ASN A . n 
A 1 176 LYS 176 290 290 LYS LYS A . n 
A 1 177 HIS 177 291 291 HIS HIS A . n 
A 1 178 TRP 178 292 292 TRP TRP A . n 
A 1 179 ILE 179 293 293 ILE ILE A . n 
A 1 180 ILE 180 294 294 ILE ILE A . n 
A 1 181 LYS 181 295 295 LYS LYS A . n 
A 1 182 ASN 182 296 296 ASN ASN A . n 
A 1 183 SER 183 297 297 SER SER A . n 
A 1 184 TRP 184 298 298 TRP TRP A . n 
A 1 185 GLY 185 299 299 GLY GLY A . n 
A 1 186 GLU 186 300 300 GLU GLU A . n 
A 1 187 ASN 187 301 301 ASN ASN A . n 
A 1 188 TRP 188 302 302 TRP TRP A . n 
A 1 189 GLY 189 303 303 GLY GLY A . n 
A 1 190 ASN 190 304 304 ASN ASN A . n 
A 1 191 LYS 191 305 305 LYS LYS A . n 
A 1 192 GLY 192 306 306 GLY GLY A . n 
A 1 193 TYR 193 307 307 TYR TYR A . n 
A 1 194 ILE 194 308 308 ILE ILE A . n 
A 1 195 LEU 195 309 309 LEU LEU A . n 
A 1 196 MET 196 310 310 MET MET A . n 
A 1 197 ALA 197 311 311 ALA ALA A . n 
A 1 198 ARG 198 312 312 ARG ARG A . n 
A 1 199 ASN 199 313 313 ASN ASN A . n 
A 1 200 LYS 200 314 314 LYS LYS A . n 
A 1 201 ASN 201 315 315 ASN ASN A . n 
A 1 202 ASN 202 316 316 ASN ASN A . n 
A 1 203 ALA 203 317 317 ALA ALA A . n 
A 1 204 CYS 204 318 318 CYS CYS A . n 
A 1 205 GLY 205 319 319 GLY GLY A . n 
A 1 206 ILE 206 320 320 ILE ILE A . n 
A 1 207 ALA 207 321 321 ALA ALA A . n 
A 1 208 ASN 208 322 322 ASN ASN A . n 
A 1 209 LEU 209 323 323 LEU LEU A . n 
A 1 210 ALA 210 324 324 ALA ALA A . n 
A 1 211 SER 211 325 325 SER SER A . n 
A 1 212 PHE 212 326 326 PHE PHE A . n 
A 1 213 PRO 213 327 327 PRO PRO A . n 
A 1 214 LYS 214 328 328 LYS LYS A . n 
A 1 215 MET 215 329 329 MET MET A . n 
# 
loop_
_pdbx_nonpoly_scheme.asym_id 
_pdbx_nonpoly_scheme.entity_id 
_pdbx_nonpoly_scheme.mon_id 
_pdbx_nonpoly_scheme.ndb_seq_num 
_pdbx_nonpoly_scheme.pdb_seq_num 
_pdbx_nonpoly_scheme.auth_seq_num 
_pdbx_nonpoly_scheme.pdb_mon_id 
_pdbx_nonpoly_scheme.auth_mon_id 
_pdbx_nonpoly_scheme.pdb_strand_id 
_pdbx_nonpoly_scheme.pdb_ins_code 
B 2 T2M 1  101 1  T2M LIG A . 
C 3 HOH 1  1   1  HOH HOH A . 
C 3 HOH 2  2   2  HOH HOH A . 
C 3 HOH 3  3   3  HOH HOH A . 
C 3 HOH 4  4   4  HOH HOH A . 
C 3 HOH 5  5   5  HOH HOH A . 
C 3 HOH 6  6   6  HOH HOH A . 
C 3 HOH 7  7   7  HOH HOH A . 
C 3 HOH 8  8   8  HOH HOH A . 
C 3 HOH 9  9   9  HOH HOH A . 
C 3 HOH 10 10  10 HOH HOH A . 
C 3 HOH 11 11  11 HOH HOH A . 
C 3 HOH 12 12  12 HOH HOH A . 
C 3 HOH 13 13  13 HOH HOH A . 
C 3 HOH 14 14  14 HOH HOH A . 
C 3 HOH 15 15  15 HOH HOH A . 
C 3 HOH 16 16  16 HOH HOH A . 
C 3 HOH 17 17  17 HOH HOH A . 
C 3 HOH 18 18  18 HOH HOH A . 
C 3 HOH 19 19  19 HOH HOH A . 
C 3 HOH 20 20  20 HOH HOH A . 
C 3 HOH 21 21  21 HOH HOH A . 
C 3 HOH 22 22  22 HOH HOH A . 
C 3 HOH 23 23  23 HOH HOH A . 
C 3 HOH 24 24  24 HOH HOH A . 
C 3 HOH 25 25  25 HOH HOH A . 
C 3 HOH 26 26  26 HOH HOH A . 
C 3 HOH 27 27  27 HOH HOH A . 
C 3 HOH 28 28  28 HOH HOH A . 
C 3 HOH 29 29  29 HOH HOH A . 
C 3 HOH 30 30  30 HOH HOH A . 
C 3 HOH 31 31  31 HOH HOH A . 
C 3 HOH 32 32  32 HOH HOH A . 
C 3 HOH 33 33  33 HOH HOH A . 
# 
loop_
_pdbx_unobs_or_zero_occ_atoms.id 
_pdbx_unobs_or_zero_occ_atoms.PDB_model_num 
_pdbx_unobs_or_zero_occ_atoms.polymer_flag 
_pdbx_unobs_or_zero_occ_atoms.occupancy_flag 
_pdbx_unobs_or_zero_occ_atoms.auth_asym_id 
_pdbx_unobs_or_zero_occ_atoms.auth_comp_id 
_pdbx_unobs_or_zero_occ_atoms.auth_seq_id 
_pdbx_unobs_or_zero_occ_atoms.PDB_ins_code 
_pdbx_unobs_or_zero_occ_atoms.auth_atom_id 
_pdbx_unobs_or_zero_occ_atoms.label_alt_id 
_pdbx_unobs_or_zero_occ_atoms.label_asym_id 
_pdbx_unobs_or_zero_occ_atoms.label_comp_id 
_pdbx_unobs_or_zero_occ_atoms.label_seq_id 
_pdbx_unobs_or_zero_occ_atoms.label_atom_id 
1  1 Y 1 A GLN 135 ? CG  ? A GLN 21  CG  
2  1 Y 1 A GLN 135 ? CD  ? A GLN 21  CD  
3  1 Y 1 A GLN 135 ? OE1 ? A GLN 21  OE1 
4  1 Y 1 A GLN 135 ? NE2 ? A GLN 21  NE2 
5  1 Y 1 A LYS 155 ? CG  ? A LYS 41  CG  
6  1 Y 1 A LYS 155 ? CD  ? A LYS 41  CD  
7  1 Y 1 A LYS 155 ? CE  ? A LYS 41  CE  
8  1 Y 1 A LYS 155 ? NZ  ? A LYS 41  NZ  
9  1 Y 1 A LYS 191 ? CG  ? A LYS 77  CG  
10 1 Y 1 A LYS 191 ? CD  ? A LYS 77  CD  
11 1 Y 1 A LYS 191 ? CE  ? A LYS 77  CE  
12 1 Y 1 A LYS 191 ? NZ  ? A LYS 77  NZ  
13 1 Y 1 A LYS 220 ? CG  ? A LYS 106 CG  
14 1 Y 1 A LYS 220 ? CD  ? A LYS 106 CD  
15 1 Y 1 A LYS 220 ? CE  ? A LYS 106 CE  
16 1 Y 1 A LYS 220 ? NZ  ? A LYS 106 NZ  
17 1 Y 1 A GLU 232 ? CG  ? A GLU 118 CG  
18 1 Y 1 A GLU 232 ? CD  ? A GLU 118 CD  
19 1 Y 1 A GLU 232 ? OE1 ? A GLU 118 OE1 
20 1 Y 1 A GLU 232 ? OE2 ? A GLU 118 OE2 
21 1 Y 1 A ASN 301 ? CG  ? A ASN 187 CG  
22 1 Y 1 A ASN 301 ? OD1 ? A ASN 187 OD1 
23 1 Y 1 A ASN 301 ? ND2 ? A ASN 187 ND2 
# 
loop_
_software.name 
_software.classification 
_software.version 
_software.citation_id 
_software.pdbx_ordinal 
DENZO     'data reduction' . ? 1 
SCALEPACK 'data scaling'   . ? 2 
X-PLOR    'model building' . ? 3 
REFMAC    refinement       . ? 4 
X-PLOR    phasing          . ? 5 
# 
_cell.entry_id           1YK8 
_cell.length_a           56.383 
_cell.length_b           56.383 
_cell.length_c           128.431 
_cell.angle_alpha        90 
_cell.angle_beta         90 
_cell.angle_gamma        90 
_cell.pdbx_unique_axis   ? 
_cell.Z_PDB              8 
# 
_symmetry.entry_id                         1YK8 
_symmetry.space_group_name_H-M             'P 43 21 2' 
_symmetry.pdbx_full_space_group_name_H-M   ? 
_symmetry.Int_Tables_number                96 
_symmetry.cell_setting                     ? 
_symmetry.space_group_name_Hall            ? 
# 
_exptl.entry_id          1YK8 
_exptl.method            'X-RAY DIFFRACTION' 
_exptl.crystals_number   1 
# 
_exptl_crystal.id                    1 
_exptl_crystal.density_meas          ? 
_exptl_crystal.density_Matthews      2.1 
_exptl_crystal.density_percent_sol   41 
_exptl_crystal.description           ? 
_exptl_crystal.F_000                 ? 
_exptl_crystal.preparation           ? 
# 
_exptl_crystal_grow.crystal_id      1 
_exptl_crystal_grow.method          'VAPOR DIFFUSION, HANGING DROP' 
_exptl_crystal_grow.temp            293 
_exptl_crystal_grow.temp_details    ? 
_exptl_crystal_grow.pH              6.5 
_exptl_crystal_grow.pdbx_details    '0.2 M ammonium sulfate, 30% PEG8000, pH 6.5, VAPOR DIFFUSION, HANGING DROP, temperature 293K' 
_exptl_crystal_grow.pdbx_pH_range   . 
# 
_diffrn.id                     1 
_diffrn.ambient_temp           93 
_diffrn.ambient_temp_details   ? 
_diffrn.crystal_id             1 
# 
_diffrn_detector.diffrn_id              1 
_diffrn_detector.detector               CCD 
_diffrn_detector.type                   MARRESEARCH 
_diffrn_detector.pdbx_collection_date   1998-12-15 
_diffrn_detector.details                ? 
# 
_diffrn_radiation.diffrn_id                        1 
_diffrn_radiation.wavelength_id                    1 
_diffrn_radiation.pdbx_monochromatic_or_laue_m_l   M 
_diffrn_radiation.monochromator                    ? 
_diffrn_radiation.pdbx_diffrn_protocol             'SINGLE WAVELENGTH' 
_diffrn_radiation.pdbx_scattering_type             x-ray 
# 
_diffrn_radiation_wavelength.id           1 
_diffrn_radiation_wavelength.wavelength   1.00 
_diffrn_radiation_wavelength.wt           1.0 
# 
_diffrn_source.diffrn_id                   1 
_diffrn_source.source                      SYNCHROTRON 
_diffrn_source.type                        'APS BEAMLINE 17-BM' 
_diffrn_source.pdbx_synchrotron_site       APS 
_diffrn_source.pdbx_synchrotron_beamline   17-BM 
_diffrn_source.pdbx_wavelength             ? 
_diffrn_source.pdbx_wavelength_list        1.00 
# 
_reflns.entry_id                     1YK8 
_reflns.observed_criterion_sigma_F   1 
_reflns.observed_criterion_sigma_I   1 
_reflns.d_resolution_high            2.6 
_reflns.d_resolution_low             12 
_reflns.number_all                   6653 
_reflns.number_obs                   6304 
_reflns.percent_possible_obs         99.6 
_reflns.pdbx_Rmerge_I_obs            0.082 
_reflns.pdbx_Rsym_value              ? 
_reflns.pdbx_netI_over_sigmaI        31 
_reflns.B_iso_Wilson_estimate        ? 
_reflns.pdbx_redundancy              8.3 
_reflns.R_free_details               ? 
_reflns.limit_h_max                  ? 
_reflns.limit_h_min                  ? 
_reflns.limit_k_max                  ? 
_reflns.limit_k_min                  ? 
_reflns.limit_l_max                  ? 
_reflns.limit_l_min                  ? 
_reflns.observed_criterion_F_max     ? 
_reflns.observed_criterion_F_min     ? 
_reflns.pdbx_chi_squared             ? 
_reflns.pdbx_scaling_rejects         ? 
_reflns.pdbx_diffrn_id               1 
_reflns.pdbx_ordinal                 1 
# 
_reflns_shell.d_res_high             2.6 
_reflns_shell.d_res_low              2.7 
_reflns_shell.percent_possible_all   99.6 
_reflns_shell.Rmerge_I_obs           0.22 
_reflns_shell.pdbx_Rsym_value        ? 
_reflns_shell.meanI_over_sigI_obs    14 
_reflns_shell.pdbx_redundancy        8 
_reflns_shell.percent_possible_obs   ? 
_reflns_shell.number_unique_all      650 
_reflns_shell.number_measured_all    ? 
_reflns_shell.number_measured_obs    ? 
_reflns_shell.number_unique_obs      ? 
_reflns_shell.pdbx_chi_squared       ? 
_reflns_shell.pdbx_diffrn_id         ? 
_reflns_shell.pdbx_ordinal           1 
# 
_refine.entry_id                                 1YK8 
_refine.ls_d_res_high                            2.6 
_refine.ls_d_res_low                             12 
_refine.pdbx_ls_sigma_F                          1 
_refine.pdbx_ls_sigma_I                          1 
_refine.ls_number_reflns_all                     6653 
_refine.ls_number_reflns_obs                     6304 
_refine.ls_number_reflns_R_free                  313 
_refine.ls_percent_reflns_obs                    99.6 
_refine.ls_R_factor_all                          ? 
_refine.ls_R_factor_obs                          ? 
_refine.ls_R_factor_R_work                       0.219 
_refine.ls_R_factor_R_free                       0.277 
_refine.ls_redundancy_reflns_obs                 ? 
_refine.pdbx_data_cutoff_high_absF               ? 
_refine.pdbx_data_cutoff_low_absF                ? 
_refine.ls_number_parameters                     ? 
_refine.ls_number_restraints                     ? 
_refine.ls_percent_reflns_R_free                 ? 
_refine.ls_R_factor_R_free_error                 ? 
_refine.ls_R_factor_R_free_error_details         ? 
_refine.pdbx_method_to_determine_struct          'MOLECULAR REPLACEMENT' 
_refine.pdbx_starting_model                      'PDB ENTRY 1Q6K' 
_refine.pdbx_ls_cross_valid_method               THROUGHOUT 
_refine.pdbx_R_Free_selection_details            random 
_refine.pdbx_stereochem_target_val_spec_case     ? 
_refine.pdbx_stereochemistry_target_values       'Engh & Huber' 
_refine.solvent_model_details                    ? 
_refine.solvent_model_param_bsol                 ? 
_refine.solvent_model_param_ksol                 ? 
_refine.occupancy_max                            ? 
_refine.occupancy_min                            ? 
_refine.pdbx_isotropic_thermal_model             'overall anisotropic' 
_refine.B_iso_mean                               21.31 
_refine.aniso_B[1][1]                            -0.02 
_refine.aniso_B[1][2]                            0.0 
_refine.aniso_B[1][3]                            0.0 
_refine.aniso_B[2][2]                            -0.02 
_refine.aniso_B[2][3]                            0.0 
_refine.aniso_B[3][3]                            0.05 
_refine.details                                  ? 
_refine.B_iso_min                                ? 
_refine.B_iso_max                                ? 
_refine.correlation_coeff_Fo_to_Fc               ? 
_refine.correlation_coeff_Fo_to_Fc_free          ? 
_refine.pdbx_solvent_vdw_probe_radii             ? 
_refine.pdbx_solvent_ion_probe_radii             ? 
_refine.pdbx_solvent_shrinkage_radii             ? 
_refine.overall_SU_R_Cruickshank_DPI             ? 
_refine.overall_SU_R_free                        ? 
_refine.overall_SU_B                             ? 
_refine.overall_SU_ML                            ? 
_refine.pdbx_overall_ESU_R                       ? 
_refine.pdbx_overall_ESU_R_Free                  ? 
_refine.pdbx_data_cutoff_high_rms_absF           ? 
_refine.ls_wR_factor_R_free                      ? 
_refine.ls_wR_factor_R_work                      ? 
_refine.overall_FOM_free_R_set                   ? 
_refine.overall_FOM_work_R_set                   ? 
_refine.pdbx_refine_id                           'X-RAY DIFFRACTION' 
_refine.pdbx_diffrn_id                           1 
_refine.pdbx_TLS_residual_ADP_flag               ? 
_refine.pdbx_overall_phase_error                 ? 
_refine.pdbx_overall_SU_R_free_Cruickshank_DPI   ? 
_refine.pdbx_overall_SU_R_Blow_DPI               ? 
_refine.pdbx_overall_SU_R_free_Blow_DPI          ? 
# 
_refine_hist.pdbx_refine_id                   'X-RAY DIFFRACTION' 
_refine_hist.cycle_id                         LAST 
_refine_hist.pdbx_number_atoms_protein        1614 
_refine_hist.pdbx_number_atoms_nucleic_acid   0 
_refine_hist.pdbx_number_atoms_ligand         12 
_refine_hist.number_atoms_solvent             33 
_refine_hist.number_atoms_total               1659 
_refine_hist.d_res_high                       2.6 
_refine_hist.d_res_low                        12 
# 
loop_
_refine_ls_restr.type 
_refine_ls_restr.dev_ideal 
_refine_ls_restr.dev_ideal_target 
_refine_ls_restr.weight 
_refine_ls_restr.number 
_refine_ls_restr.pdbx_refine_id 
_refine_ls_restr.pdbx_restraint_function 
r_angle_refined_deg    1.685 ? ? ? 'X-RAY DIFFRACTION' ? 
r_bond_refined_d       0.02  ? ? ? 'X-RAY DIFFRACTION' ? 
r_dihedral_angle_1_deg 5.24  ? ? ? 'X-RAY DIFFRACTION' ? 
# 
_refine_ls_shell.pdbx_total_number_of_bins_used   ? 
_refine_ls_shell.d_res_high                       2.60 
_refine_ls_shell.d_res_low                        2.68 
_refine_ls_shell.number_reflns_R_work             ? 
_refine_ls_shell.R_factor_R_work                  0.218 
_refine_ls_shell.percent_reflns_obs               99 
_refine_ls_shell.R_factor_R_free                  0.393 
_refine_ls_shell.R_factor_R_free_error            ? 
_refine_ls_shell.percent_reflns_R_free            ? 
_refine_ls_shell.number_reflns_R_free             20 
_refine_ls_shell.number_reflns_obs                454 
_refine_ls_shell.redundancy_reflns_obs            ? 
_refine_ls_shell.number_reflns_all                ? 
_refine_ls_shell.pdbx_refine_id                   'X-RAY DIFFRACTION' 
_refine_ls_shell.R_factor_all                     ? 
# 
_struct.entry_id                  1YK8 
_struct.title                     'Cathepsin K complexed with a cyanamide-based inhibitor' 
_struct.pdbx_model_details        ? 
_struct.pdbx_CASP_flag            ? 
_struct.pdbx_model_type_details   ? 
# 
_struct_keywords.entry_id        1YK8 
_struct_keywords.pdbx_keywords   HYDROLASE 
_struct_keywords.text            'catK, cathepsin, cysteine, protease, HYDROLASE' 
# 
loop_
_struct_asym.id 
_struct_asym.pdbx_blank_PDB_chainid_flag 
_struct_asym.pdbx_modified 
_struct_asym.entity_id 
_struct_asym.details 
A N N 1 ? 
B N N 2 ? 
C N N 3 ? 
# 
_struct_ref.id                         1 
_struct_ref.db_name                    UNP 
_struct_ref.db_code                    CATK_HUMAN 
_struct_ref.pdbx_db_accession          P43235 
_struct_ref.entity_id                  1 
_struct_ref.pdbx_seq_one_letter_code   
;APDSVDYRKKGYVTPVKNQGQCGSCWAFSSVGALEGQLKKKTGKLLNLSPQNLVDCVSENDGCGGGYMTNAFQYVQKNRG
IDSEDAYPYVGQEESCMYNPTGKAAKCRGYREIPEGNEKALKRAVARVGPVSVAIDASLTSFQFYSKGVYYDESCNSDNL
NHAVLAVGYGIQKGNKHWIIKNSWGENWGNKGYILMARNKNNACGIANLASFPKM
;
_struct_ref.pdbx_align_begin           115 
_struct_ref.pdbx_db_isoform            ? 
# 
_struct_ref_seq.align_id                      1 
_struct_ref_seq.ref_id                        1 
_struct_ref_seq.pdbx_PDB_id_code              1YK8 
_struct_ref_seq.pdbx_strand_id                A 
_struct_ref_seq.seq_align_beg                 1 
_struct_ref_seq.pdbx_seq_align_beg_ins_code   ? 
_struct_ref_seq.seq_align_end                 215 
_struct_ref_seq.pdbx_seq_align_end_ins_code   ? 
_struct_ref_seq.pdbx_db_accession             P43235 
_struct_ref_seq.db_align_beg                  115 
_struct_ref_seq.pdbx_db_align_beg_ins_code    ? 
_struct_ref_seq.db_align_end                  329 
_struct_ref_seq.pdbx_db_align_end_ins_code    ? 
_struct_ref_seq.pdbx_auth_seq_align_beg       115 
_struct_ref_seq.pdbx_auth_seq_align_end       329 
# 
_pdbx_struct_assembly.id                   1 
_pdbx_struct_assembly.details              author_defined_assembly 
_pdbx_struct_assembly.method_details       ? 
_pdbx_struct_assembly.oligomeric_details   monomeric 
_pdbx_struct_assembly.oligomeric_count     1 
# 
_pdbx_struct_assembly_gen.assembly_id       1 
_pdbx_struct_assembly_gen.oper_expression   1 
_pdbx_struct_assembly_gen.asym_id_list      A,B,C 
# 
_pdbx_struct_oper_list.id                   1 
_pdbx_struct_oper_list.type                 'identity operation' 
_pdbx_struct_oper_list.name                 1_555 
_pdbx_struct_oper_list.symmetry_operation   x,y,z 
_pdbx_struct_oper_list.matrix[1][1]         1.0000000000 
_pdbx_struct_oper_list.matrix[1][2]         0.0000000000 
_pdbx_struct_oper_list.matrix[1][3]         0.0000000000 
_pdbx_struct_oper_list.vector[1]            0.0000000000 
_pdbx_struct_oper_list.matrix[2][1]         0.0000000000 
_pdbx_struct_oper_list.matrix[2][2]         1.0000000000 
_pdbx_struct_oper_list.matrix[2][3]         0.0000000000 
_pdbx_struct_oper_list.vector[2]            0.0000000000 
_pdbx_struct_oper_list.matrix[3][1]         0.0000000000 
_pdbx_struct_oper_list.matrix[3][2]         0.0000000000 
_pdbx_struct_oper_list.matrix[3][3]         1.0000000000 
_pdbx_struct_oper_list.vector[3]            0.0000000000 
# 
loop_
_struct_conf.conf_type_id 
_struct_conf.id 
_struct_conf.pdbx_PDB_helix_id 
_struct_conf.beg_label_comp_id 
_struct_conf.beg_label_asym_id 
_struct_conf.beg_label_seq_id 
_struct_conf.pdbx_beg_PDB_ins_code 
_struct_conf.end_label_comp_id 
_struct_conf.end_label_asym_id 
_struct_conf.end_label_seq_id 
_struct_conf.pdbx_end_PDB_ins_code 
_struct_conf.beg_auth_comp_id 
_struct_conf.beg_auth_asym_id 
_struct_conf.beg_auth_seq_id 
_struct_conf.end_auth_comp_id 
_struct_conf.end_auth_asym_id 
_struct_conf.end_auth_seq_id 
_struct_conf.pdbx_PDB_helix_class 
_struct_conf.details 
_struct_conf.pdbx_PDB_helix_length 
HELX_P HELX_P1 1 SER A 24  ? GLY A 43  ? SER A 138 GLY A 157 1 ? 20 
HELX_P HELX_P2 2 SER A 49  ? VAL A 57  ? SER A 163 VAL A 171 1 ? 9  
HELX_P HELX_P3 3 ASP A 61  ? GLY A 65  ? ASP A 175 GLY A 179 5 ? 5  
HELX_P HELX_P4 4 TYR A 67  ? ARG A 79  ? TYR A 181 ARG A 193 1 ? 13 
HELX_P HELX_P5 5 ASN A 99  ? THR A 101 ? ASN A 213 THR A 215 5 ? 3  
HELX_P HELX_P6 6 ASN A 117 ? VAL A 128 ? ASN A 231 VAL A 242 1 ? 12 
HELX_P HELX_P7 7 LEU A 139 ? PHE A 144 ? LEU A 253 PHE A 258 1 ? 6  
HELX_P HELX_P8 8 ASN A 202 ? ILE A 206 ? ASN A 316 ILE A 320 5 ? 5  
# 
_struct_conf_type.id          HELX_P 
_struct_conf_type.criteria    ? 
_struct_conf_type.reference   ? 
# 
loop_
_struct_conn.id 
_struct_conn.conn_type_id 
_struct_conn.pdbx_leaving_atom_flag 
_struct_conn.pdbx_PDB_id 
_struct_conn.ptnr1_label_asym_id 
_struct_conn.ptnr1_label_comp_id 
_struct_conn.ptnr1_label_seq_id 
_struct_conn.ptnr1_label_atom_id 
_struct_conn.pdbx_ptnr1_label_alt_id 
_struct_conn.pdbx_ptnr1_PDB_ins_code 
_struct_conn.pdbx_ptnr1_standard_comp_id 
_struct_conn.ptnr1_symmetry 
_struct_conn.ptnr2_label_asym_id 
_struct_conn.ptnr2_label_comp_id 
_struct_conn.ptnr2_label_seq_id 
_struct_conn.ptnr2_label_atom_id 
_struct_conn.pdbx_ptnr2_label_alt_id 
_struct_conn.pdbx_ptnr2_PDB_ins_code 
_struct_conn.ptnr1_auth_asym_id 
_struct_conn.ptnr1_auth_comp_id 
_struct_conn.ptnr1_auth_seq_id 
_struct_conn.ptnr2_auth_asym_id 
_struct_conn.ptnr2_auth_comp_id 
_struct_conn.ptnr2_auth_seq_id 
_struct_conn.ptnr2_symmetry 
_struct_conn.pdbx_ptnr3_label_atom_id 
_struct_conn.pdbx_ptnr3_label_seq_id 
_struct_conn.pdbx_ptnr3_label_comp_id 
_struct_conn.pdbx_ptnr3_label_asym_id 
_struct_conn.pdbx_ptnr3_label_alt_id 
_struct_conn.pdbx_ptnr3_PDB_ins_code 
_struct_conn.details 
_struct_conn.pdbx_dist_value 
_struct_conn.pdbx_value_order 
_struct_conn.pdbx_role 
disulf1 disulf ?    ? A CYS 22  SG  ? ? ? 1_555 A CYS 63  SG ? ? A CYS 136 A CYS 177 1_555 ? ? ? ? ? ? ? 2.066 ? ? 
disulf2 disulf ?    ? A CYS 56  SG  ? ? ? 1_555 A CYS 96  SG ? ? A CYS 170 A CYS 210 1_555 ? ? ? ? ? ? ? 2.067 ? ? 
disulf3 disulf ?    ? A CYS 155 SG  ? ? ? 1_555 A CYS 204 SG ? ? A CYS 269 A CYS 318 1_555 ? ? ? ? ? ? ? 2.032 ? ? 
covale1 covale none ? B T2M .   C11 ? ? ? 1_555 A CYS 25  SG ? ? A T2M 101 A CYS 139 1_555 ? ? ? ? ? ? ? 1.579 ? ? 
# 
loop_
_struct_conn_type.id 
_struct_conn_type.criteria 
_struct_conn_type.reference 
disulf ? ? 
covale ? ? 
# 
loop_
_pdbx_modification_feature.ordinal 
_pdbx_modification_feature.label_comp_id 
_pdbx_modification_feature.label_asym_id 
_pdbx_modification_feature.label_seq_id 
_pdbx_modification_feature.label_alt_id 
_pdbx_modification_feature.modified_residue_label_comp_id 
_pdbx_modification_feature.modified_residue_label_asym_id 
_pdbx_modification_feature.modified_residue_label_seq_id 
_pdbx_modification_feature.modified_residue_label_alt_id 
_pdbx_modification_feature.auth_comp_id 
_pdbx_modification_feature.auth_asym_id 
_pdbx_modification_feature.auth_seq_id 
_pdbx_modification_feature.PDB_ins_code 
_pdbx_modification_feature.symmetry 
_pdbx_modification_feature.modified_residue_auth_comp_id 
_pdbx_modification_feature.modified_residue_auth_asym_id 
_pdbx_modification_feature.modified_residue_auth_seq_id 
_pdbx_modification_feature.modified_residue_PDB_ins_code 
_pdbx_modification_feature.modified_residue_symmetry 
_pdbx_modification_feature.comp_id_linking_atom 
_pdbx_modification_feature.modified_residue_id_linking_atom 
_pdbx_modification_feature.modified_residue_id 
_pdbx_modification_feature.ref_pcm_id 
_pdbx_modification_feature.ref_comp_id 
_pdbx_modification_feature.type 
_pdbx_modification_feature.category 
1 T2M B .   ? CYS A 25  ? T2M A 101 ? 1_555 CYS A 139 ? 1_555 C11 SG CYS 1 T2M None 'Covalent chemical modification' 
2 CYS A 22  ? CYS A 63  ? CYS A 136 ? 1_555 CYS A 177 ? 1_555 SG  SG .   . .   None 'Disulfide bridge'               
3 CYS A 56  ? CYS A 96  ? CYS A 170 ? 1_555 CYS A 210 ? 1_555 SG  SG .   . .   None 'Disulfide bridge'               
4 CYS A 155 ? CYS A 204 ? CYS A 269 ? 1_555 CYS A 318 ? 1_555 SG  SG .   . .   None 'Disulfide bridge'               
# 
loop_
_struct_sheet.id 
_struct_sheet.type 
_struct_sheet.number_strands 
_struct_sheet.details 
A ? 3 ? 
B ? 5 ? 
C ? 2 ? 
D ? 2 ? 
# 
loop_
_struct_sheet_order.sheet_id 
_struct_sheet_order.range_id_1 
_struct_sheet_order.range_id_2 
_struct_sheet_order.offset 
_struct_sheet_order.sense 
A 1 2 ? anti-parallel 
A 2 3 ? anti-parallel 
B 1 2 ? anti-parallel 
B 2 3 ? anti-parallel 
B 3 4 ? anti-parallel 
B 4 5 ? parallel      
C 1 2 ? anti-parallel 
D 1 2 ? anti-parallel 
# 
loop_
_struct_sheet_range.sheet_id 
_struct_sheet_range.id 
_struct_sheet_range.beg_label_comp_id 
_struct_sheet_range.beg_label_asym_id 
_struct_sheet_range.beg_label_seq_id 
_struct_sheet_range.pdbx_beg_PDB_ins_code 
_struct_sheet_range.end_label_comp_id 
_struct_sheet_range.end_label_asym_id 
_struct_sheet_range.end_label_seq_id 
_struct_sheet_range.pdbx_end_PDB_ins_code 
_struct_sheet_range.beg_auth_comp_id 
_struct_sheet_range.beg_auth_asym_id 
_struct_sheet_range.beg_auth_seq_id 
_struct_sheet_range.end_auth_comp_id 
_struct_sheet_range.end_auth_asym_id 
_struct_sheet_range.end_auth_seq_id 
A 1 VAL A 5   ? ASP A 6   ? VAL A 119 ASP A 120 
A 2 HIS A 162 ? GLN A 172 ? HIS A 276 GLN A 286 
A 3 VAL A 131 ? ILE A 135 ? VAL A 245 ILE A 249 
B 1 VAL A 5   ? ASP A 6   ? VAL A 119 ASP A 120 
B 2 HIS A 162 ? GLN A 172 ? HIS A 276 GLN A 286 
B 3 ASN A 175 ? LYS A 181 ? ASN A 289 LYS A 295 
B 4 TYR A 193 ? ALA A 197 ? TYR A 307 ALA A 311 
B 5 VAL A 149 ? TYR A 150 ? VAL A 263 TYR A 264 
C 1 ILE A 81  ? ASP A 82  ? ILE A 195 ASP A 196 
C 2 LYS A 103 ? ALA A 105 ? LYS A 217 ALA A 219 
D 1 TYR A 110 ? GLU A 112 ? TYR A 224 GLU A 226 
D 2 SER A 211 ? PRO A 213 ? SER A 325 PRO A 327 
# 
loop_
_pdbx_struct_sheet_hbond.sheet_id 
_pdbx_struct_sheet_hbond.range_id_1 
_pdbx_struct_sheet_hbond.range_id_2 
_pdbx_struct_sheet_hbond.range_1_label_atom_id 
_pdbx_struct_sheet_hbond.range_1_label_comp_id 
_pdbx_struct_sheet_hbond.range_1_label_asym_id 
_pdbx_struct_sheet_hbond.range_1_label_seq_id 
_pdbx_struct_sheet_hbond.range_1_PDB_ins_code 
_pdbx_struct_sheet_hbond.range_1_auth_atom_id 
_pdbx_struct_sheet_hbond.range_1_auth_comp_id 
_pdbx_struct_sheet_hbond.range_1_auth_asym_id 
_pdbx_struct_sheet_hbond.range_1_auth_seq_id 
_pdbx_struct_sheet_hbond.range_2_label_atom_id 
_pdbx_struct_sheet_hbond.range_2_label_comp_id 
_pdbx_struct_sheet_hbond.range_2_label_asym_id 
_pdbx_struct_sheet_hbond.range_2_label_seq_id 
_pdbx_struct_sheet_hbond.range_2_PDB_ins_code 
_pdbx_struct_sheet_hbond.range_2_auth_atom_id 
_pdbx_struct_sheet_hbond.range_2_auth_comp_id 
_pdbx_struct_sheet_hbond.range_2_auth_asym_id 
_pdbx_struct_sheet_hbond.range_2_auth_seq_id 
A 1 2 N VAL A 5   ? N VAL A 119 O TYR A 169 ? O TYR A 283 
A 2 3 O HIS A 162 ? O HIS A 276 N ILE A 135 ? N ILE A 249 
B 1 2 N VAL A 5   ? N VAL A 119 O TYR A 169 ? O TYR A 283 
B 2 3 N GLN A 172 ? N GLN A 286 O ASN A 175 ? O ASN A 289 
B 3 4 N TRP A 178 ? N TRP A 292 O MET A 196 ? O MET A 310 
B 4 5 O LEU A 195 ? O LEU A 309 N TYR A 150 ? N TYR A 264 
C 1 2 N ILE A 81  ? N ILE A 195 O ALA A 104 ? O ALA A 218 
D 1 2 N ARG A 111 ? N ARG A 225 O PHE A 212 ? O PHE A 326 
# 
_struct_site.id                   AC1 
_struct_site.pdbx_evidence_code   Software 
_struct_site.pdbx_auth_asym_id    A 
_struct_site.pdbx_auth_comp_id    T2M 
_struct_site.pdbx_auth_seq_id     101 
_struct_site.pdbx_auth_ins_code   ? 
_struct_site.pdbx_num_residues    6 
_struct_site.details              'BINDING SITE FOR RESIDUE T2M A 101' 
# 
loop_
_struct_site_gen.id 
_struct_site_gen.site_id 
_struct_site_gen.pdbx_num_res 
_struct_site_gen.label_comp_id 
_struct_site_gen.label_asym_id 
_struct_site_gen.label_seq_id 
_struct_site_gen.pdbx_auth_ins_code 
_struct_site_gen.auth_comp_id 
_struct_site_gen.auth_asym_id 
_struct_site_gen.auth_seq_id 
_struct_site_gen.label_atom_id 
_struct_site_gen.label_alt_id 
_struct_site_gen.symmetry 
_struct_site_gen.details 
1 AC1 6 GLN A 19  ? GLN A 133 . ? 1_555 ? 
2 AC1 6 GLY A 23  ? GLY A 137 . ? 1_555 ? 
3 AC1 6 CYS A 25  ? CYS A 139 . ? 1_555 ? 
4 AC1 6 GLY A 66  ? GLY A 180 . ? 1_555 ? 
5 AC1 6 ASN A 161 ? ASN A 275 . ? 1_555 ? 
6 AC1 6 HIS A 162 ? HIS A 276 . ? 1_555 ? 
# 
_pdbx_entry_details.entry_id                   1YK8 
_pdbx_entry_details.compound_details           ? 
_pdbx_entry_details.source_details             ? 
_pdbx_entry_details.nonpolymer_details         ? 
_pdbx_entry_details.sequence_details           ? 
_pdbx_entry_details.has_ligand_of_interest     ? 
_pdbx_entry_details.has_protein_modification   Y 
# 
_pdbx_validate_rmsd_angle.id                         1 
_pdbx_validate_rmsd_angle.PDB_model_num              1 
_pdbx_validate_rmsd_angle.auth_atom_id_1             CB 
_pdbx_validate_rmsd_angle.auth_asym_id_1             A 
_pdbx_validate_rmsd_angle.auth_comp_id_1             ASP 
_pdbx_validate_rmsd_angle.auth_seq_id_1              272 
_pdbx_validate_rmsd_angle.PDB_ins_code_1             ? 
_pdbx_validate_rmsd_angle.label_alt_id_1             ? 
_pdbx_validate_rmsd_angle.auth_atom_id_2             CG 
_pdbx_validate_rmsd_angle.auth_asym_id_2             A 
_pdbx_validate_rmsd_angle.auth_comp_id_2             ASP 
_pdbx_validate_rmsd_angle.auth_seq_id_2              272 
_pdbx_validate_rmsd_angle.PDB_ins_code_2             ? 
_pdbx_validate_rmsd_angle.label_alt_id_2             ? 
_pdbx_validate_rmsd_angle.auth_atom_id_3             OD2 
_pdbx_validate_rmsd_angle.auth_asym_id_3             A 
_pdbx_validate_rmsd_angle.auth_comp_id_3             ASP 
_pdbx_validate_rmsd_angle.auth_seq_id_3              272 
_pdbx_validate_rmsd_angle.PDB_ins_code_3             ? 
_pdbx_validate_rmsd_angle.label_alt_id_3             ? 
_pdbx_validate_rmsd_angle.angle_value                124.74 
_pdbx_validate_rmsd_angle.angle_target_value         118.30 
_pdbx_validate_rmsd_angle.angle_deviation            6.44 
_pdbx_validate_rmsd_angle.angle_standard_deviation   0.90 
_pdbx_validate_rmsd_angle.linker_flag                N 
# 
loop_
_pdbx_validate_torsion.id 
_pdbx_validate_torsion.PDB_model_num 
_pdbx_validate_torsion.auth_comp_id 
_pdbx_validate_torsion.auth_asym_id 
_pdbx_validate_torsion.auth_seq_id 
_pdbx_validate_torsion.PDB_ins_code 
_pdbx_validate_torsion.label_alt_id 
_pdbx_validate_torsion.phi 
_pdbx_validate_torsion.psi 
1  1 GLN A 135 ? ? -102.16 43.02  
2  1 ALA A 240 ? ? -62.15  -70.39 
3  1 VAL A 242 ? ? -106.65 -65.36 
4  1 SER A 260 ? ? -131.24 -51.16 
5  1 ASN A 273 ? ? -109.09 65.85  
6  1 ASN A 275 ? ? -159.37 10.18  
7  1 LYS A 287 ? ? 33.98   49.84  
8  1 ALA A 311 ? ? -33.82  135.28 
9  1 CYS A 318 ? ? 59.08   8.05   
10 1 LEU A 323 ? ? -142.01 47.87  
11 1 LYS A 328 ? ? -102.90 77.08  
# 
loop_
_pdbx_unobs_or_zero_occ_residues.id 
_pdbx_unobs_or_zero_occ_residues.PDB_model_num 
_pdbx_unobs_or_zero_occ_residues.polymer_flag 
_pdbx_unobs_or_zero_occ_residues.occupancy_flag 
_pdbx_unobs_or_zero_occ_residues.auth_asym_id 
_pdbx_unobs_or_zero_occ_residues.auth_comp_id 
_pdbx_unobs_or_zero_occ_residues.auth_seq_id 
_pdbx_unobs_or_zero_occ_residues.PDB_ins_code 
_pdbx_unobs_or_zero_occ_residues.label_asym_id 
_pdbx_unobs_or_zero_occ_residues.label_comp_id 
_pdbx_unobs_or_zero_occ_residues.label_seq_id 
1 1 Y 1 A ALA 115 ? A ALA 1 
2 1 Y 1 A PRO 116 ? A PRO 2 
# 
loop_
_chem_comp_atom.comp_id 
_chem_comp_atom.atom_id 
_chem_comp_atom.type_symbol 
_chem_comp_atom.pdbx_aromatic_flag 
_chem_comp_atom.pdbx_stereo_config 
_chem_comp_atom.pdbx_ordinal 
ALA N    N N N 1   
ALA CA   C N S 2   
ALA C    C N N 3   
ALA O    O N N 4   
ALA CB   C N N 5   
ALA OXT  O N N 6   
ALA H    H N N 7   
ALA H2   H N N 8   
ALA HA   H N N 9   
ALA HB1  H N N 10  
ALA HB2  H N N 11  
ALA HB3  H N N 12  
ALA HXT  H N N 13  
ARG N    N N N 14  
ARG CA   C N S 15  
ARG C    C N N 16  
ARG O    O N N 17  
ARG CB   C N N 18  
ARG CG   C N N 19  
ARG CD   C N N 20  
ARG NE   N N N 21  
ARG CZ   C N N 22  
ARG NH1  N N N 23  
ARG NH2  N N N 24  
ARG OXT  O N N 25  
ARG H    H N N 26  
ARG H2   H N N 27  
ARG HA   H N N 28  
ARG HB2  H N N 29  
ARG HB3  H N N 30  
ARG HG2  H N N 31  
ARG HG3  H N N 32  
ARG HD2  H N N 33  
ARG HD3  H N N 34  
ARG HE   H N N 35  
ARG HH11 H N N 36  
ARG HH12 H N N 37  
ARG HH21 H N N 38  
ARG HH22 H N N 39  
ARG HXT  H N N 40  
ASN N    N N N 41  
ASN CA   C N S 42  
ASN C    C N N 43  
ASN O    O N N 44  
ASN CB   C N N 45  
ASN CG   C N N 46  
ASN OD1  O N N 47  
ASN ND2  N N N 48  
ASN OXT  O N N 49  
ASN H    H N N 50  
ASN H2   H N N 51  
ASN HA   H N N 52  
ASN HB2  H N N 53  
ASN HB3  H N N 54  
ASN HD21 H N N 55  
ASN HD22 H N N 56  
ASN HXT  H N N 57  
ASP N    N N N 58  
ASP CA   C N S 59  
ASP C    C N N 60  
ASP O    O N N 61  
ASP CB   C N N 62  
ASP CG   C N N 63  
ASP OD1  O N N 64  
ASP OD2  O N N 65  
ASP OXT  O N N 66  
ASP H    H N N 67  
ASP H2   H N N 68  
ASP HA   H N N 69  
ASP HB2  H N N 70  
ASP HB3  H N N 71  
ASP HD2  H N N 72  
ASP HXT  H N N 73  
CYS N    N N N 74  
CYS CA   C N R 75  
CYS C    C N N 76  
CYS O    O N N 77  
CYS CB   C N N 78  
CYS SG   S N N 79  
CYS OXT  O N N 80  
CYS H    H N N 81  
CYS H2   H N N 82  
CYS HA   H N N 83  
CYS HB2  H N N 84  
CYS HB3  H N N 85  
CYS HG   H N N 86  
CYS HXT  H N N 87  
GLN N    N N N 88  
GLN CA   C N S 89  
GLN C    C N N 90  
GLN O    O N N 91  
GLN CB   C N N 92  
GLN CG   C N N 93  
GLN CD   C N N 94  
GLN OE1  O N N 95  
GLN NE2  N N N 96  
GLN OXT  O N N 97  
GLN H    H N N 98  
GLN H2   H N N 99  
GLN HA   H N N 100 
GLN HB2  H N N 101 
GLN HB3  H N N 102 
GLN HG2  H N N 103 
GLN HG3  H N N 104 
GLN HE21 H N N 105 
GLN HE22 H N N 106 
GLN HXT  H N N 107 
GLU N    N N N 108 
GLU CA   C N S 109 
GLU C    C N N 110 
GLU O    O N N 111 
GLU CB   C N N 112 
GLU CG   C N N 113 
GLU CD   C N N 114 
GLU OE1  O N N 115 
GLU OE2  O N N 116 
GLU OXT  O N N 117 
GLU H    H N N 118 
GLU H2   H N N 119 
GLU HA   H N N 120 
GLU HB2  H N N 121 
GLU HB3  H N N 122 
GLU HG2  H N N 123 
GLU HG3  H N N 124 
GLU HE2  H N N 125 
GLU HXT  H N N 126 
GLY N    N N N 127 
GLY CA   C N N 128 
GLY C    C N N 129 
GLY O    O N N 130 
GLY OXT  O N N 131 
GLY H    H N N 132 
GLY H2   H N N 133 
GLY HA2  H N N 134 
GLY HA3  H N N 135 
GLY HXT  H N N 136 
HIS N    N N N 137 
HIS CA   C N S 138 
HIS C    C N N 139 
HIS O    O N N 140 
HIS CB   C N N 141 
HIS CG   C Y N 142 
HIS ND1  N Y N 143 
HIS CD2  C Y N 144 
HIS CE1  C Y N 145 
HIS NE2  N Y N 146 
HIS OXT  O N N 147 
HIS H    H N N 148 
HIS H2   H N N 149 
HIS HA   H N N 150 
HIS HB2  H N N 151 
HIS HB3  H N N 152 
HIS HD1  H N N 153 
HIS HD2  H N N 154 
HIS HE1  H N N 155 
HIS HE2  H N N 156 
HIS HXT  H N N 157 
HOH O    O N N 158 
HOH H1   H N N 159 
HOH H2   H N N 160 
ILE N    N N N 161 
ILE CA   C N S 162 
ILE C    C N N 163 
ILE O    O N N 164 
ILE CB   C N S 165 
ILE CG1  C N N 166 
ILE CG2  C N N 167 
ILE CD1  C N N 168 
ILE OXT  O N N 169 
ILE H    H N N 170 
ILE H2   H N N 171 
ILE HA   H N N 172 
ILE HB   H N N 173 
ILE HG12 H N N 174 
ILE HG13 H N N 175 
ILE HG21 H N N 176 
ILE HG22 H N N 177 
ILE HG23 H N N 178 
ILE HD11 H N N 179 
ILE HD12 H N N 180 
ILE HD13 H N N 181 
ILE HXT  H N N 182 
LEU N    N N N 183 
LEU CA   C N S 184 
LEU C    C N N 185 
LEU O    O N N 186 
LEU CB   C N N 187 
LEU CG   C N N 188 
LEU CD1  C N N 189 
LEU CD2  C N N 190 
LEU OXT  O N N 191 
LEU H    H N N 192 
LEU H2   H N N 193 
LEU HA   H N N 194 
LEU HB2  H N N 195 
LEU HB3  H N N 196 
LEU HG   H N N 197 
LEU HD11 H N N 198 
LEU HD12 H N N 199 
LEU HD13 H N N 200 
LEU HD21 H N N 201 
LEU HD22 H N N 202 
LEU HD23 H N N 203 
LEU HXT  H N N 204 
LYS N    N N N 205 
LYS CA   C N S 206 
LYS C    C N N 207 
LYS O    O N N 208 
LYS CB   C N N 209 
LYS CG   C N N 210 
LYS CD   C N N 211 
LYS CE   C N N 212 
LYS NZ   N N N 213 
LYS OXT  O N N 214 
LYS H    H N N 215 
LYS H2   H N N 216 
LYS HA   H N N 217 
LYS HB2  H N N 218 
LYS HB3  H N N 219 
LYS HG2  H N N 220 
LYS HG3  H N N 221 
LYS HD2  H N N 222 
LYS HD3  H N N 223 
LYS HE2  H N N 224 
LYS HE3  H N N 225 
LYS HZ1  H N N 226 
LYS HZ2  H N N 227 
LYS HZ3  H N N 228 
LYS HXT  H N N 229 
MET N    N N N 230 
MET CA   C N S 231 
MET C    C N N 232 
MET O    O N N 233 
MET CB   C N N 234 
MET CG   C N N 235 
MET SD   S N N 236 
MET CE   C N N 237 
MET OXT  O N N 238 
MET H    H N N 239 
MET H2   H N N 240 
MET HA   H N N 241 
MET HB2  H N N 242 
MET HB3  H N N 243 
MET HG2  H N N 244 
MET HG3  H N N 245 
MET HE1  H N N 246 
MET HE2  H N N 247 
MET HE3  H N N 248 
MET HXT  H N N 249 
PHE N    N N N 250 
PHE CA   C N S 251 
PHE C    C N N 252 
PHE O    O N N 253 
PHE CB   C N N 254 
PHE CG   C Y N 255 
PHE CD1  C Y N 256 
PHE CD2  C Y N 257 
PHE CE1  C Y N 258 
PHE CE2  C Y N 259 
PHE CZ   C Y N 260 
PHE OXT  O N N 261 
PHE H    H N N 262 
PHE H2   H N N 263 
PHE HA   H N N 264 
PHE HB2  H N N 265 
PHE HB3  H N N 266 
PHE HD1  H N N 267 
PHE HD2  H N N 268 
PHE HE1  H N N 269 
PHE HE2  H N N 270 
PHE HZ   H N N 271 
PHE HXT  H N N 272 
PRO N    N N N 273 
PRO CA   C N S 274 
PRO C    C N N 275 
PRO O    O N N 276 
PRO CB   C N N 277 
PRO CG   C N N 278 
PRO CD   C N N 279 
PRO OXT  O N N 280 
PRO H    H N N 281 
PRO HA   H N N 282 
PRO HB2  H N N 283 
PRO HB3  H N N 284 
PRO HG2  H N N 285 
PRO HG3  H N N 286 
PRO HD2  H N N 287 
PRO HD3  H N N 288 
PRO HXT  H N N 289 
SER N    N N N 290 
SER CA   C N S 291 
SER C    C N N 292 
SER O    O N N 293 
SER CB   C N N 294 
SER OG   O N N 295 
SER OXT  O N N 296 
SER H    H N N 297 
SER H2   H N N 298 
SER HA   H N N 299 
SER HB2  H N N 300 
SER HB3  H N N 301 
SER HG   H N N 302 
SER HXT  H N N 303 
T2M C1   C N N 304 
T2M N2   N N N 305 
T2M N3   N N N 306 
T2M C4   C N N 307 
T2M O5   O N N 308 
T2M O6   O N N 309 
T2M C7   C N N 310 
T2M C8   C N N 311 
T2M C9   C N N 312 
T2M C10  C N N 313 
T2M C11  C N N 314 
T2M N12  N N N 315 
T2M H11  H N N 316 
T2M H12  H N N 317 
T2M H13  H N N 318 
T2M HN3  H N N 319 
T2M H81  H N N 320 
T2M H82  H N N 321 
T2M H83  H N N 322 
T2M H91  H N N 323 
T2M H92  H N N 324 
T2M H93  H N N 325 
T2M H101 H N N 326 
T2M H102 H N N 327 
T2M H103 H N N 328 
THR N    N N N 329 
THR CA   C N S 330 
THR C    C N N 331 
THR O    O N N 332 
THR CB   C N R 333 
THR OG1  O N N 334 
THR CG2  C N N 335 
THR OXT  O N N 336 
THR H    H N N 337 
THR H2   H N N 338 
THR HA   H N N 339 
THR HB   H N N 340 
THR HG1  H N N 341 
THR HG21 H N N 342 
THR HG22 H N N 343 
THR HG23 H N N 344 
THR HXT  H N N 345 
TRP N    N N N 346 
TRP CA   C N S 347 
TRP C    C N N 348 
TRP O    O N N 349 
TRP CB   C N N 350 
TRP CG   C Y N 351 
TRP CD1  C Y N 352 
TRP CD2  C Y N 353 
TRP NE1  N Y N 354 
TRP CE2  C Y N 355 
TRP CE3  C Y N 356 
TRP CZ2  C Y N 357 
TRP CZ3  C Y N 358 
TRP CH2  C Y N 359 
TRP OXT  O N N 360 
TRP H    H N N 361 
TRP H2   H N N 362 
TRP HA   H N N 363 
TRP HB2  H N N 364 
TRP HB3  H N N 365 
TRP HD1  H N N 366 
TRP HE1  H N N 367 
TRP HE3  H N N 368 
TRP HZ2  H N N 369 
TRP HZ3  H N N 370 
TRP HH2  H N N 371 
TRP HXT  H N N 372 
TYR N    N N N 373 
TYR CA   C N S 374 
TYR C    C N N 375 
TYR O    O N N 376 
TYR CB   C N N 377 
TYR CG   C Y N 378 
TYR CD1  C Y N 379 
TYR CD2  C Y N 380 
TYR CE1  C Y N 381 
TYR CE2  C Y N 382 
TYR CZ   C Y N 383 
TYR OH   O N N 384 
TYR OXT  O N N 385 
TYR H    H N N 386 
TYR H2   H N N 387 
TYR HA   H N N 388 
TYR HB2  H N N 389 
TYR HB3  H N N 390 
TYR HD1  H N N 391 
TYR HD2  H N N 392 
TYR HE1  H N N 393 
TYR HE2  H N N 394 
TYR HH   H N N 395 
TYR HXT  H N N 396 
VAL N    N N N 397 
VAL CA   C N S 398 
VAL C    C N N 399 
VAL O    O N N 400 
VAL CB   C N N 401 
VAL CG1  C N N 402 
VAL CG2  C N N 403 
VAL OXT  O N N 404 
VAL H    H N N 405 
VAL H2   H N N 406 
VAL HA   H N N 407 
VAL HB   H N N 408 
VAL HG11 H N N 409 
VAL HG12 H N N 410 
VAL HG13 H N N 411 
VAL HG21 H N N 412 
VAL HG22 H N N 413 
VAL HG23 H N N 414 
VAL HXT  H N N 415 
# 
loop_
_chem_comp_bond.comp_id 
_chem_comp_bond.atom_id_1 
_chem_comp_bond.atom_id_2 
_chem_comp_bond.value_order 
_chem_comp_bond.pdbx_aromatic_flag 
_chem_comp_bond.pdbx_stereo_config 
_chem_comp_bond.pdbx_ordinal 
ALA N   CA   sing N N 1   
ALA N   H    sing N N 2   
ALA N   H2   sing N N 3   
ALA CA  C    sing N N 4   
ALA CA  CB   sing N N 5   
ALA CA  HA   sing N N 6   
ALA C   O    doub N N 7   
ALA C   OXT  sing N N 8   
ALA CB  HB1  sing N N 9   
ALA CB  HB2  sing N N 10  
ALA CB  HB3  sing N N 11  
ALA OXT HXT  sing N N 12  
ARG N   CA   sing N N 13  
ARG N   H    sing N N 14  
ARG N   H2   sing N N 15  
ARG CA  C    sing N N 16  
ARG CA  CB   sing N N 17  
ARG CA  HA   sing N N 18  
ARG C   O    doub N N 19  
ARG C   OXT  sing N N 20  
ARG CB  CG   sing N N 21  
ARG CB  HB2  sing N N 22  
ARG CB  HB3  sing N N 23  
ARG CG  CD   sing N N 24  
ARG CG  HG2  sing N N 25  
ARG CG  HG3  sing N N 26  
ARG CD  NE   sing N N 27  
ARG CD  HD2  sing N N 28  
ARG CD  HD3  sing N N 29  
ARG NE  CZ   sing N N 30  
ARG NE  HE   sing N N 31  
ARG CZ  NH1  sing N N 32  
ARG CZ  NH2  doub N N 33  
ARG NH1 HH11 sing N N 34  
ARG NH1 HH12 sing N N 35  
ARG NH2 HH21 sing N N 36  
ARG NH2 HH22 sing N N 37  
ARG OXT HXT  sing N N 38  
ASN N   CA   sing N N 39  
ASN N   H    sing N N 40  
ASN N   H2   sing N N 41  
ASN CA  C    sing N N 42  
ASN CA  CB   sing N N 43  
ASN CA  HA   sing N N 44  
ASN C   O    doub N N 45  
ASN C   OXT  sing N N 46  
ASN CB  CG   sing N N 47  
ASN CB  HB2  sing N N 48  
ASN CB  HB3  sing N N 49  
ASN CG  OD1  doub N N 50  
ASN CG  ND2  sing N N 51  
ASN ND2 HD21 sing N N 52  
ASN ND2 HD22 sing N N 53  
ASN OXT HXT  sing N N 54  
ASP N   CA   sing N N 55  
ASP N   H    sing N N 56  
ASP N   H2   sing N N 57  
ASP CA  C    sing N N 58  
ASP CA  CB   sing N N 59  
ASP CA  HA   sing N N 60  
ASP C   O    doub N N 61  
ASP C   OXT  sing N N 62  
ASP CB  CG   sing N N 63  
ASP CB  HB2  sing N N 64  
ASP CB  HB3  sing N N 65  
ASP CG  OD1  doub N N 66  
ASP CG  OD2  sing N N 67  
ASP OD2 HD2  sing N N 68  
ASP OXT HXT  sing N N 69  
CYS N   CA   sing N N 70  
CYS N   H    sing N N 71  
CYS N   H2   sing N N 72  
CYS CA  C    sing N N 73  
CYS CA  CB   sing N N 74  
CYS CA  HA   sing N N 75  
CYS C   O    doub N N 76  
CYS C   OXT  sing N N 77  
CYS CB  SG   sing N N 78  
CYS CB  HB2  sing N N 79  
CYS CB  HB3  sing N N 80  
CYS SG  HG   sing N N 81  
CYS OXT HXT  sing N N 82  
GLN N   CA   sing N N 83  
GLN N   H    sing N N 84  
GLN N   H2   sing N N 85  
GLN CA  C    sing N N 86  
GLN CA  CB   sing N N 87  
GLN CA  HA   sing N N 88  
GLN C   O    doub N N 89  
GLN C   OXT  sing N N 90  
GLN CB  CG   sing N N 91  
GLN CB  HB2  sing N N 92  
GLN CB  HB3  sing N N 93  
GLN CG  CD   sing N N 94  
GLN CG  HG2  sing N N 95  
GLN CG  HG3  sing N N 96  
GLN CD  OE1  doub N N 97  
GLN CD  NE2  sing N N 98  
GLN NE2 HE21 sing N N 99  
GLN NE2 HE22 sing N N 100 
GLN OXT HXT  sing N N 101 
GLU N   CA   sing N N 102 
GLU N   H    sing N N 103 
GLU N   H2   sing N N 104 
GLU CA  C    sing N N 105 
GLU CA  CB   sing N N 106 
GLU CA  HA   sing N N 107 
GLU C   O    doub N N 108 
GLU C   OXT  sing N N 109 
GLU CB  CG   sing N N 110 
GLU CB  HB2  sing N N 111 
GLU CB  HB3  sing N N 112 
GLU CG  CD   sing N N 113 
GLU CG  HG2  sing N N 114 
GLU CG  HG3  sing N N 115 
GLU CD  OE1  doub N N 116 
GLU CD  OE2  sing N N 117 
GLU OE2 HE2  sing N N 118 
GLU OXT HXT  sing N N 119 
GLY N   CA   sing N N 120 
GLY N   H    sing N N 121 
GLY N   H2   sing N N 122 
GLY CA  C    sing N N 123 
GLY CA  HA2  sing N N 124 
GLY CA  HA3  sing N N 125 
GLY C   O    doub N N 126 
GLY C   OXT  sing N N 127 
GLY OXT HXT  sing N N 128 
HIS N   CA   sing N N 129 
HIS N   H    sing N N 130 
HIS N   H2   sing N N 131 
HIS CA  C    sing N N 132 
HIS CA  CB   sing N N 133 
HIS CA  HA   sing N N 134 
HIS C   O    doub N N 135 
HIS C   OXT  sing N N 136 
HIS CB  CG   sing N N 137 
HIS CB  HB2  sing N N 138 
HIS CB  HB3  sing N N 139 
HIS CG  ND1  sing Y N 140 
HIS CG  CD2  doub Y N 141 
HIS ND1 CE1  doub Y N 142 
HIS ND1 HD1  sing N N 143 
HIS CD2 NE2  sing Y N 144 
HIS CD2 HD2  sing N N 145 
HIS CE1 NE2  sing Y N 146 
HIS CE1 HE1  sing N N 147 
HIS NE2 HE2  sing N N 148 
HIS OXT HXT  sing N N 149 
HOH O   H1   sing N N 150 
HOH O   H2   sing N N 151 
ILE N   CA   sing N N 152 
ILE N   H    sing N N 153 
ILE N   H2   sing N N 154 
ILE CA  C    sing N N 155 
ILE CA  CB   sing N N 156 
ILE CA  HA   sing N N 157 
ILE C   O    doub N N 158 
ILE C   OXT  sing N N 159 
ILE CB  CG1  sing N N 160 
ILE CB  CG2  sing N N 161 
ILE CB  HB   sing N N 162 
ILE CG1 CD1  sing N N 163 
ILE CG1 HG12 sing N N 164 
ILE CG1 HG13 sing N N 165 
ILE CG2 HG21 sing N N 166 
ILE CG2 HG22 sing N N 167 
ILE CG2 HG23 sing N N 168 
ILE CD1 HD11 sing N N 169 
ILE CD1 HD12 sing N N 170 
ILE CD1 HD13 sing N N 171 
ILE OXT HXT  sing N N 172 
LEU N   CA   sing N N 173 
LEU N   H    sing N N 174 
LEU N   H2   sing N N 175 
LEU CA  C    sing N N 176 
LEU CA  CB   sing N N 177 
LEU CA  HA   sing N N 178 
LEU C   O    doub N N 179 
LEU C   OXT  sing N N 180 
LEU CB  CG   sing N N 181 
LEU CB  HB2  sing N N 182 
LEU CB  HB3  sing N N 183 
LEU CG  CD1  sing N N 184 
LEU CG  CD2  sing N N 185 
LEU CG  HG   sing N N 186 
LEU CD1 HD11 sing N N 187 
LEU CD1 HD12 sing N N 188 
LEU CD1 HD13 sing N N 189 
LEU CD2 HD21 sing N N 190 
LEU CD2 HD22 sing N N 191 
LEU CD2 HD23 sing N N 192 
LEU OXT HXT  sing N N 193 
LYS N   CA   sing N N 194 
LYS N   H    sing N N 195 
LYS N   H2   sing N N 196 
LYS CA  C    sing N N 197 
LYS CA  CB   sing N N 198 
LYS CA  HA   sing N N 199 
LYS C   O    doub N N 200 
LYS C   OXT  sing N N 201 
LYS CB  CG   sing N N 202 
LYS CB  HB2  sing N N 203 
LYS CB  HB3  sing N N 204 
LYS CG  CD   sing N N 205 
LYS CG  HG2  sing N N 206 
LYS CG  HG3  sing N N 207 
LYS CD  CE   sing N N 208 
LYS CD  HD2  sing N N 209 
LYS CD  HD3  sing N N 210 
LYS CE  NZ   sing N N 211 
LYS CE  HE2  sing N N 212 
LYS CE  HE3  sing N N 213 
LYS NZ  HZ1  sing N N 214 
LYS NZ  HZ2  sing N N 215 
LYS NZ  HZ3  sing N N 216 
LYS OXT HXT  sing N N 217 
MET N   CA   sing N N 218 
MET N   H    sing N N 219 
MET N   H2   sing N N 220 
MET CA  C    sing N N 221 
MET CA  CB   sing N N 222 
MET CA  HA   sing N N 223 
MET C   O    doub N N 224 
MET C   OXT  sing N N 225 
MET CB  CG   sing N N 226 
MET CB  HB2  sing N N 227 
MET CB  HB3  sing N N 228 
MET CG  SD   sing N N 229 
MET CG  HG2  sing N N 230 
MET CG  HG3  sing N N 231 
MET SD  CE   sing N N 232 
MET CE  HE1  sing N N 233 
MET CE  HE2  sing N N 234 
MET CE  HE3  sing N N 235 
MET OXT HXT  sing N N 236 
PHE N   CA   sing N N 237 
PHE N   H    sing N N 238 
PHE N   H2   sing N N 239 
PHE CA  C    sing N N 240 
PHE CA  CB   sing N N 241 
PHE CA  HA   sing N N 242 
PHE C   O    doub N N 243 
PHE C   OXT  sing N N 244 
PHE CB  CG   sing N N 245 
PHE CB  HB2  sing N N 246 
PHE CB  HB3  sing N N 247 
PHE CG  CD1  doub Y N 248 
PHE CG  CD2  sing Y N 249 
PHE CD1 CE1  sing Y N 250 
PHE CD1 HD1  sing N N 251 
PHE CD2 CE2  doub Y N 252 
PHE CD2 HD2  sing N N 253 
PHE CE1 CZ   doub Y N 254 
PHE CE1 HE1  sing N N 255 
PHE CE2 CZ   sing Y N 256 
PHE CE2 HE2  sing N N 257 
PHE CZ  HZ   sing N N 258 
PHE OXT HXT  sing N N 259 
PRO N   CA   sing N N 260 
PRO N   CD   sing N N 261 
PRO N   H    sing N N 262 
PRO CA  C    sing N N 263 
PRO CA  CB   sing N N 264 
PRO CA  HA   sing N N 265 
PRO C   O    doub N N 266 
PRO C   OXT  sing N N 267 
PRO CB  CG   sing N N 268 
PRO CB  HB2  sing N N 269 
PRO CB  HB3  sing N N 270 
PRO CG  CD   sing N N 271 
PRO CG  HG2  sing N N 272 
PRO CG  HG3  sing N N 273 
PRO CD  HD2  sing N N 274 
PRO CD  HD3  sing N N 275 
PRO OXT HXT  sing N N 276 
SER N   CA   sing N N 277 
SER N   H    sing N N 278 
SER N   H2   sing N N 279 
SER CA  C    sing N N 280 
SER CA  CB   sing N N 281 
SER CA  HA   sing N N 282 
SER C   O    doub N N 283 
SER C   OXT  sing N N 284 
SER CB  OG   sing N N 285 
SER CB  HB2  sing N N 286 
SER CB  HB3  sing N N 287 
SER OG  HG   sing N N 288 
SER OXT HXT  sing N N 289 
T2M C1  N2   sing N N 290 
T2M C1  H11  sing N N 291 
T2M C1  H12  sing N N 292 
T2M C1  H13  sing N N 293 
T2M N2  N3   sing N N 294 
T2M N2  C11  sing N N 295 
T2M N3  C4   sing N N 296 
T2M N3  HN3  sing N N 297 
T2M C4  O5   doub N N 298 
T2M C4  O6   sing N N 299 
T2M O6  C7   sing N N 300 
T2M C7  C8   sing N N 301 
T2M C7  C9   sing N N 302 
T2M C7  C10  sing N N 303 
T2M C8  H81  sing N N 304 
T2M C8  H82  sing N N 305 
T2M C8  H83  sing N N 306 
T2M C9  H91  sing N N 307 
T2M C9  H92  sing N N 308 
T2M C9  H93  sing N N 309 
T2M C10 H101 sing N N 310 
T2M C10 H102 sing N N 311 
T2M C10 H103 sing N N 312 
T2M C11 N12  trip N N 313 
THR N   CA   sing N N 314 
THR N   H    sing N N 315 
THR N   H2   sing N N 316 
THR CA  C    sing N N 317 
THR CA  CB   sing N N 318 
THR CA  HA   sing N N 319 
THR C   O    doub N N 320 
THR C   OXT  sing N N 321 
THR CB  OG1  sing N N 322 
THR CB  CG2  sing N N 323 
THR CB  HB   sing N N 324 
THR OG1 HG1  sing N N 325 
THR CG2 HG21 sing N N 326 
THR CG2 HG22 sing N N 327 
THR CG2 HG23 sing N N 328 
THR OXT HXT  sing N N 329 
TRP N   CA   sing N N 330 
TRP N   H    sing N N 331 
TRP N   H2   sing N N 332 
TRP CA  C    sing N N 333 
TRP CA  CB   sing N N 334 
TRP CA  HA   sing N N 335 
TRP C   O    doub N N 336 
TRP C   OXT  sing N N 337 
TRP CB  CG   sing N N 338 
TRP CB  HB2  sing N N 339 
TRP CB  HB3  sing N N 340 
TRP CG  CD1  doub Y N 341 
TRP CG  CD2  sing Y N 342 
TRP CD1 NE1  sing Y N 343 
TRP CD1 HD1  sing N N 344 
TRP CD2 CE2  doub Y N 345 
TRP CD2 CE3  sing Y N 346 
TRP NE1 CE2  sing Y N 347 
TRP NE1 HE1  sing N N 348 
TRP CE2 CZ2  sing Y N 349 
TRP CE3 CZ3  doub Y N 350 
TRP CE3 HE3  sing N N 351 
TRP CZ2 CH2  doub Y N 352 
TRP CZ2 HZ2  sing N N 353 
TRP CZ3 CH2  sing Y N 354 
TRP CZ3 HZ3  sing N N 355 
TRP CH2 HH2  sing N N 356 
TRP OXT HXT  sing N N 357 
TYR N   CA   sing N N 358 
TYR N   H    sing N N 359 
TYR N   H2   sing N N 360 
TYR CA  C    sing N N 361 
TYR CA  CB   sing N N 362 
TYR CA  HA   sing N N 363 
TYR C   O    doub N N 364 
TYR C   OXT  sing N N 365 
TYR CB  CG   sing N N 366 
TYR CB  HB2  sing N N 367 
TYR CB  HB3  sing N N 368 
TYR CG  CD1  doub Y N 369 
TYR CG  CD2  sing Y N 370 
TYR CD1 CE1  sing Y N 371 
TYR CD1 HD1  sing N N 372 
TYR CD2 CE2  doub Y N 373 
TYR CD2 HD2  sing N N 374 
TYR CE1 CZ   doub Y N 375 
TYR CE1 HE1  sing N N 376 
TYR CE2 CZ   sing Y N 377 
TYR CE2 HE2  sing N N 378 
TYR CZ  OH   sing N N 379 
TYR OH  HH   sing N N 380 
TYR OXT HXT  sing N N 381 
VAL N   CA   sing N N 382 
VAL N   H    sing N N 383 
VAL N   H2   sing N N 384 
VAL CA  C    sing N N 385 
VAL CA  CB   sing N N 386 
VAL CA  HA   sing N N 387 
VAL C   O    doub N N 388 
VAL C   OXT  sing N N 389 
VAL CB  CG1  sing N N 390 
VAL CB  CG2  sing N N 391 
VAL CB  HB   sing N N 392 
VAL CG1 HG11 sing N N 393 
VAL CG1 HG12 sing N N 394 
VAL CG1 HG13 sing N N 395 
VAL CG2 HG21 sing N N 396 
VAL CG2 HG22 sing N N 397 
VAL CG2 HG23 sing N N 398 
VAL OXT HXT  sing N N 399 
# 
_pdbx_initial_refinement_model.id               1 
_pdbx_initial_refinement_model.entity_id_list   ? 
_pdbx_initial_refinement_model.type             'experimental model' 
_pdbx_initial_refinement_model.source_name      PDB 
_pdbx_initial_refinement_model.accession_code   1Q6K 
_pdbx_initial_refinement_model.details          'PDB ENTRY 1Q6K' 
# 
_atom_sites.entry_id                    1YK8 
_atom_sites.fract_transf_matrix[1][1]   0.01437027 
_atom_sites.fract_transf_matrix[1][2]   -0.00159230 
_atom_sites.fract_transf_matrix[1][3]   -0.01027256 
_atom_sites.fract_transf_matrix[2][1]   0.00987702 
_atom_sites.fract_transf_matrix[2][2]   0.00755622 
_atom_sites.fract_transf_matrix[2][3]   0.01264570 
_atom_sites.fract_transf_matrix[3][1]   0.00142287 
_atom_sites.fract_transf_matrix[3][2]   -0.00700926 
_atom_sites.fract_transf_matrix[3][3]   0.00307692 
_atom_sites.fract_transf_vector[1]      1.391797 
_atom_sites.fract_transf_vector[2]      -0.130068 
_atom_sites.fract_transf_vector[3]      1.090812 
# 
loop_
_atom_type.symbol 
C 
N 
O 
S 
# 
loop_
_atom_site.group_PDB 
_atom_site.id 
_atom_site.type_symbol 
_atom_site.label_atom_id 
_atom_site.label_alt_id 
_atom_site.label_comp_id 
_atom_site.label_asym_id 
_atom_site.label_entity_id 
_atom_site.label_seq_id 
_atom_site.pdbx_PDB_ins_code 
_atom_site.Cartn_x 
_atom_site.Cartn_y 
_atom_site.Cartn_z 
_atom_site.occupancy 
_atom_site.B_iso_or_equiv 
_atom_site.pdbx_formal_charge 
_atom_site.auth_seq_id 
_atom_site.auth_comp_id 
_atom_site.auth_asym_id 
_atom_site.auth_atom_id 
_atom_site.pdbx_PDB_model_num 
ATOM   1    N N   . ASP A 1 3   ? 17.898  1.235   14.333  1.00 28.61 ? 117 ASP A N   1 
ATOM   2    C CA  . ASP A 1 3   ? 16.408  1.055   14.415  1.00 28.88 ? 117 ASP A CA  1 
ATOM   3    C C   . ASP A 1 3   ? 15.756  1.506   13.118  1.00 28.64 ? 117 ASP A C   1 
ATOM   4    O O   . ASP A 1 3   ? 15.261  2.642   13.022  1.00 30.03 ? 117 ASP A O   1 
ATOM   5    C CB  . ASP A 1 3   ? 15.810  1.838   15.596  1.00 28.45 ? 117 ASP A CB  1 
ATOM   6    C CG  . ASP A 1 3   ? 14.550  1.182   16.167  1.00 29.96 ? 117 ASP A CG  1 
ATOM   7    O OD1 . ASP A 1 3   ? 14.109  1.670   17.261  1.00 32.71 ? 117 ASP A OD1 1 
ATOM   8    O OD2 . ASP A 1 3   ? 13.958  0.188   15.618  1.00 27.31 ? 117 ASP A OD2 1 
ATOM   9    N N   . SER A 1 4   ? 15.749  0.639   12.115  1.00 27.39 ? 118 SER A N   1 
ATOM   10   C CA  . SER A 1 4   ? 15.421  1.107   10.787  1.00 27.31 ? 118 SER A CA  1 
ATOM   11   C C   . SER A 1 4   ? 15.383  0.048   9.695   1.00 26.79 ? 118 SER A C   1 
ATOM   12   O O   . SER A 1 4   ? 16.126  -0.941  9.710   1.00 26.26 ? 118 SER A O   1 
ATOM   13   C CB  . SER A 1 4   ? 16.428  2.181   10.338  1.00 27.67 ? 118 SER A CB  1 
ATOM   14   O OG  . SER A 1 4   ? 15.949  2.834   9.166   1.00 30.20 ? 118 SER A OG  1 
ATOM   15   N N   . VAL A 1 5   ? 14.542  0.319   8.698   1.00 26.26 ? 119 VAL A N   1 
ATOM   16   C CA  . VAL A 1 5   ? 14.417  -0.555  7.558   1.00 26.31 ? 119 VAL A CA  1 
ATOM   17   C C   . VAL A 1 5   ? 13.779  0.110   6.362   1.00 26.31 ? 119 VAL A C   1 
ATOM   18   O O   . VAL A 1 5   ? 12.839  0.905   6.442   1.00 25.10 ? 119 VAL A O   1 
ATOM   19   C CB  . VAL A 1 5   ? 13.656  -1.877  7.899   1.00 26.47 ? 119 VAL A CB  1 
ATOM   20   C CG1 . VAL A 1 5   ? 12.193  -1.633  8.152   1.00 26.32 ? 119 VAL A CG1 1 
ATOM   21   C CG2 . VAL A 1 5   ? 13.849  -2.894  6.807   1.00 26.71 ? 119 VAL A CG2 1 
ATOM   22   N N   . ASP A 1 6   ? 14.351  -0.247  5.226   1.00 26.85 ? 120 ASP A N   1 
ATOM   23   C CA  . ASP A 1 6   ? 13.880  0.211   3.956   1.00 26.45 ? 120 ASP A CA  1 
ATOM   24   C C   . ASP A 1 6   ? 13.854  -0.987  3.054   1.00 25.49 ? 120 ASP A C   1 
ATOM   25   O O   . ASP A 1 6   ? 14.847  -1.373  2.487   1.00 24.75 ? 120 ASP A O   1 
ATOM   26   C CB  . ASP A 1 6   ? 14.812  1.283   3.437   1.00 27.20 ? 120 ASP A CB  1 
ATOM   27   C CG  . ASP A 1 6   ? 14.331  1.879   2.140   1.00 28.51 ? 120 ASP A CG  1 
ATOM   28   O OD1 . ASP A 1 6   ? 13.261  1.437   1.637   1.00 32.49 ? 120 ASP A OD1 1 
ATOM   29   O OD2 . ASP A 1 6   ? 14.955  2.796   1.582   1.00 26.90 ? 120 ASP A OD2 1 
ATOM   30   N N   . TYR A 1 7   ? 12.696  -1.609  2.970   1.00 25.43 ? 121 TYR A N   1 
ATOM   31   C CA  . TYR A 1 7   ? 12.477  -2.733  2.071   1.00 24.53 ? 121 TYR A CA  1 
ATOM   32   C C   . TYR A 1 7   ? 12.790  -2.496  0.604   1.00 24.79 ? 121 TYR A C   1 
ATOM   33   O O   . TYR A 1 7   ? 12.834  -3.447  -0.146  1.00 25.46 ? 121 TYR A O   1 
ATOM   34   C CB  . TYR A 1 7   ? 11.044  -3.154  2.217   1.00 24.05 ? 121 TYR A CB  1 
ATOM   35   C CG  . TYR A 1 7   ? 10.889  -3.895  3.488   1.00 22.48 ? 121 TYR A CG  1 
ATOM   36   C CD1 . TYR A 1 7   ? 11.566  -5.109  3.690   1.00 21.33 ? 121 TYR A CD1 1 
ATOM   37   C CD2 . TYR A 1 7   ? 10.118  -3.369  4.532   1.00 23.81 ? 121 TYR A CD2 1 
ATOM   38   C CE1 . TYR A 1 7   ? 11.443  -5.831  4.887   1.00 19.98 ? 121 TYR A CE1 1 
ATOM   39   C CE2 . TYR A 1 7   ? 9.985   -4.067  5.756   1.00 23.13 ? 121 TYR A CE2 1 
ATOM   40   C CZ  . TYR A 1 7   ? 10.661  -5.313  5.919   1.00 22.11 ? 121 TYR A CZ  1 
ATOM   41   O OH  . TYR A 1 7   ? 10.531  -6.009  7.095   1.00 21.12 ? 121 TYR A OH  1 
ATOM   42   N N   . ARG A 1 8   ? 13.026  -1.237  0.208   1.00 25.20 ? 122 ARG A N   1 
ATOM   43   C CA  . ARG A 1 8   ? 13.399  -0.850  -1.161  1.00 24.30 ? 122 ARG A CA  1 
ATOM   44   C C   . ARG A 1 8   ? 14.780  -1.364  -1.535  1.00 24.73 ? 122 ARG A C   1 
ATOM   45   O O   . ARG A 1 8   ? 15.023  -1.788  -2.665  1.00 25.85 ? 122 ARG A O   1 
ATOM   46   C CB  . ARG A 1 8   ? 13.396  0.659   -1.292  1.00 23.97 ? 122 ARG A CB  1 
ATOM   47   C CG  . ARG A 1 8   ? 12.031  1.257   -1.156  1.00 22.26 ? 122 ARG A CG  1 
ATOM   48   C CD  . ARG A 1 8   ? 12.004  2.733   -1.391  1.00 19.61 ? 122 ARG A CD  1 
ATOM   49   N NE  . ARG A 1 8   ? 12.693  3.477   -0.349  1.00 15.92 ? 122 ARG A NE  1 
ATOM   50   C CZ  . ARG A 1 8   ? 12.755  4.802   -0.287  1.00 15.50 ? 122 ARG A CZ  1 
ATOM   51   N NH1 . ARG A 1 8   ? 12.158  5.576   -1.190  1.00 19.10 ? 122 ARG A NH1 1 
ATOM   52   N NH2 . ARG A 1 8   ? 13.453  5.367   0.660   1.00 13.37 ? 122 ARG A NH2 1 
ATOM   53   N N   . LYS A 1 9   ? 15.692  -1.358  -0.583  1.00 24.36 ? 123 LYS A N   1 
ATOM   54   C CA  . LYS A 1 9   ? 17.010  -1.945  -0.794  1.00 24.13 ? 123 LYS A CA  1 
ATOM   55   C C   . LYS A 1 9   ? 16.982  -3.447  -0.638  1.00 23.43 ? 123 LYS A C   1 
ATOM   56   O O   . LYS A 1 9   ? 17.863  -4.149  -1.127  1.00 22.94 ? 123 LYS A O   1 
ATOM   57   C CB  . LYS A 1 9   ? 17.971  -1.365  0.208   1.00 24.58 ? 123 LYS A CB  1 
ATOM   58   C CG  . LYS A 1 9   ? 18.044  0.143   0.098   1.00 26.83 ? 123 LYS A CG  1 
ATOM   59   C CD  . LYS A 1 9   ? 18.653  0.747   1.364   1.00 30.83 ? 123 LYS A CD  1 
ATOM   60   C CE  . LYS A 1 9   ? 18.594  2.303   1.351   1.00 33.23 ? 123 LYS A CE  1 
ATOM   61   N NZ  . LYS A 1 9   ? 19.177  2.863   2.623   1.00 33.56 ? 123 LYS A NZ  1 
ATOM   62   N N   . LYS A 1 10  ? 15.960  -3.936  0.063   1.00 23.16 ? 124 LYS A N   1 
ATOM   63   C CA  . LYS A 1 10  ? 15.803  -5.365  0.338   1.00 22.00 ? 124 LYS A CA  1 
ATOM   64   C C   . LYS A 1 10  ? 15.268  -6.165  -0.861  1.00 20.29 ? 124 LYS A C   1 
ATOM   65   O O   . LYS A 1 10  ? 15.281  -7.371  -0.831  1.00 18.50 ? 124 LYS A O   1 
ATOM   66   C CB  . LYS A 1 10  ? 14.881  -5.540  1.546   1.00 22.42 ? 124 LYS A CB  1 
ATOM   67   C CG  . LYS A 1 10  ? 15.353  -4.899  2.847   1.00 23.67 ? 124 LYS A CG  1 
ATOM   68   C CD  . LYS A 1 10  ? 16.735  -5.236  3.146   1.00 27.76 ? 124 LYS A CD  1 
ATOM   69   C CE  . LYS A 1 10  ? 16.935  -6.775  3.240   1.00 33.22 ? 124 LYS A CE  1 
ATOM   70   N NZ  . LYS A 1 10  ? 16.438  -7.344  4.573   1.00 36.43 ? 124 LYS A NZ  1 
ATOM   71   N N   . GLY A 1 11  ? 14.794  -5.487  -1.902  1.00 19.60 ? 125 GLY A N   1 
ATOM   72   C CA  . GLY A 1 11  ? 14.165  -6.159  -3.033  1.00 18.78 ? 125 GLY A CA  1 
ATOM   73   C C   . GLY A 1 11  ? 12.718  -6.549  -2.792  1.00 18.91 ? 125 GLY A C   1 
ATOM   74   O O   . GLY A 1 11  ? 12.153  -7.426  -3.486  1.00 15.78 ? 125 GLY A O   1 
ATOM   75   N N   . TYR A 1 12  ? 12.122  -5.888  -1.787  1.00 20.12 ? 126 TYR A N   1 
ATOM   76   C CA  . TYR A 1 12  ? 10.745  -6.180  -1.358  1.00 21.87 ? 126 TYR A CA  1 
ATOM   77   C C   . TYR A 1 12  ? 9.703   -5.337  -2.095  1.00 21.41 ? 126 TYR A C   1 
ATOM   78   O O   . TYR A 1 12  ? 8.505   -5.512  -1.882  1.00 20.33 ? 126 TYR A O   1 
ATOM   79   C CB  . TYR A 1 12  ? 10.551  -5.970  0.135   1.00 21.57 ? 126 TYR A CB  1 
ATOM   80   C CG  . TYR A 1 12  ? 11.070  -7.066  1.007   1.00 25.69 ? 126 TYR A CG  1 
ATOM   81   C CD1 . TYR A 1 12  ? 10.235  -7.737  1.909   1.00 29.15 ? 126 TYR A CD1 1 
ATOM   82   C CD2 . TYR A 1 12  ? 12.422  -7.403  1.001   1.00 29.07 ? 126 TYR A CD2 1 
ATOM   83   C CE1 . TYR A 1 12  ? 10.760  -8.741  2.767   1.00 29.54 ? 126 TYR A CE1 1 
ATOM   84   C CE2 . TYR A 1 12  ? 12.946  -8.399  1.855   1.00 28.08 ? 126 TYR A CE2 1 
ATOM   85   C CZ  . TYR A 1 12  ? 12.115  -9.055  2.722   1.00 28.04 ? 126 TYR A CZ  1 
ATOM   86   O OH  . TYR A 1 12  ? 12.638  -9.989  3.571   1.00 28.95 ? 126 TYR A OH  1 
ATOM   87   N N   . VAL A 1 13  ? 10.165  -4.430  -2.960  1.00 21.65 ? 127 VAL A N   1 
ATOM   88   C CA  . VAL A 1 13  ? 9.262   -3.472  -3.603  1.00 21.32 ? 127 VAL A CA  1 
ATOM   89   C C   . VAL A 1 13  ? 9.468   -3.339  -5.117  1.00 21.51 ? 127 VAL A C   1 
ATOM   90   O O   . VAL A 1 13  ? 10.576  -3.216  -5.633  1.00 21.41 ? 127 VAL A O   1 
ATOM   91   C CB  . VAL A 1 13  ? 9.360   -2.118  -2.909  1.00 20.72 ? 127 VAL A CB  1 
ATOM   92   C CG1 . VAL A 1 13  ? 8.206   -1.192  -3.323  1.00 19.87 ? 127 VAL A CG1 1 
ATOM   93   C CG2 . VAL A 1 13  ? 9.370   -2.324  -1.420  1.00 19.78 ? 127 VAL A CG2 1 
ATOM   94   N N   . THR A 1 14  ? 8.357   -3.336  -5.815  1.00 22.14 ? 128 THR A N   1 
ATOM   95   C CA  . THR A 1 14  ? 8.380   -3.200  -7.252  1.00 22.93 ? 128 THR A CA  1 
ATOM   96   C C   . THR A 1 14  ? 8.365   -1.755  -7.630  1.00 22.19 ? 128 THR A C   1 
ATOM   97   O O   . THR A 1 14  ? 8.174   -0.911  -6.774  1.00 22.97 ? 128 THR A O   1 
ATOM   98   C CB  . THR A 1 14  ? 7.155   -3.828  -7.839  1.00 23.32 ? 128 THR A CB  1 
ATOM   99   O OG1 . THR A 1 14  ? 6.037   -3.045  -7.443  1.00 24.68 ? 128 THR A OG1 1 
ATOM   100  C CG2 . THR A 1 14  ? 6.913   -5.198  -7.290  1.00 23.62 ? 128 THR A CG2 1 
ATOM   101  N N   . PRO A 1 15  ? 8.488   -1.448  -8.922  1.00 22.01 ? 129 PRO A N   1 
ATOM   102  C CA  . PRO A 1 15  ? 8.438   -0.033  -9.354  1.00 21.94 ? 129 PRO A CA  1 
ATOM   103  C C   . PRO A 1 15  ? 7.215   0.729   -8.862  1.00 20.46 ? 129 PRO A C   1 
ATOM   104  O O   . PRO A 1 15  ? 6.224   0.147   -8.468  1.00 20.21 ? 129 PRO A O   1 
ATOM   105  C CB  . PRO A 1 15  ? 8.460   -0.120  -10.905 1.00 21.92 ? 129 PRO A CB  1 
ATOM   106  C CG  . PRO A 1 15  ? 9.111   -1.463  -11.174 1.00 22.09 ? 129 PRO A CG  1 
ATOM   107  C CD  . PRO A 1 15  ? 8.644   -2.352  -10.070 1.00 20.64 ? 129 PRO A CD  1 
ATOM   108  N N   . VAL A 1 16  ? 7.318   2.039   -8.904  1.00 20.39 ? 130 VAL A N   1 
ATOM   109  C CA  . VAL A 1 16  ? 6.212   2.931   -8.618  1.00 20.13 ? 130 VAL A CA  1 
ATOM   110  C C   . VAL A 1 16  ? 5.262   2.997   -9.834  1.00 20.74 ? 130 VAL A C   1 
ATOM   111  O O   . VAL A 1 16  ? 5.681   3.234   -10.957 1.00 22.43 ? 130 VAL A O   1 
ATOM   112  C CB  . VAL A 1 16  ? 6.735   4.310   -8.237  1.00 19.89 ? 130 VAL A CB  1 
ATOM   113  C CG1 . VAL A 1 16  ? 5.615   5.313   -8.204  1.00 19.55 ? 130 VAL A CG1 1 
ATOM   114  C CG2 . VAL A 1 16  ? 7.445   4.233   -6.853  1.00 19.52 ? 130 VAL A CG2 1 
ATOM   115  N N   . LYS A 1 17  ? 3.976   2.761   -9.586  1.00 20.78 ? 131 LYS A N   1 
ATOM   116  C CA  . LYS A 1 17  ? 2.928   2.755   -10.594 1.00 19.83 ? 131 LYS A CA  1 
ATOM   117  C C   . LYS A 1 17  ? 2.142   4.031   -10.465 1.00 20.59 ? 131 LYS A C   1 
ATOM   118  O O   . LYS A 1 17  ? 2.247   4.748   -9.448  1.00 21.38 ? 131 LYS A O   1 
ATOM   119  C CB  . LYS A 1 17  ? 1.964   1.605   -10.340 1.00 19.03 ? 131 LYS A CB  1 
ATOM   120  C CG  . LYS A 1 17  ? 2.640   0.235   -10.186 1.00 17.88 ? 131 LYS A CG  1 
ATOM   121  C CD  . LYS A 1 17  ? 3.448   -0.144  -11.434 1.00 14.68 ? 131 LYS A CD  1 
ATOM   122  C CE  . LYS A 1 17  ? 3.805   -1.569  -11.380 1.00 11.19 ? 131 LYS A CE  1 
ATOM   123  N NZ  . LYS A 1 17  ? 4.551   -1.752  -10.182 1.00 12.01 ? 131 LYS A NZ  1 
ATOM   124  N N   . ASN A 1 18  ? 1.319   4.280   -11.486 1.00 20.62 ? 132 ASN A N   1 
ATOM   125  C CA  . ASN A 1 18  ? 0.453   5.453   -11.552 1.00 19.95 ? 132 ASN A CA  1 
ATOM   126  C C   . ASN A 1 18  ? -1.000  4.960   -11.768 1.00 19.63 ? 132 ASN A C   1 
ATOM   127  O O   . ASN A 1 18  ? -1.375  4.483   -12.843 1.00 17.51 ? 132 ASN A O   1 
ATOM   128  C CB  . ASN A 1 18  ? 0.920   6.420   -12.677 1.00 19.92 ? 132 ASN A CB  1 
ATOM   129  C CG  . ASN A 1 18  ? 0.205   7.787   -12.618 1.00 19.79 ? 132 ASN A CG  1 
ATOM   130  O OD1 . ASN A 1 18  ? -0.956  7.874   -12.224 1.00 17.81 ? 132 ASN A OD1 1 
ATOM   131  N ND2 . ASN A 1 18  ? 0.903   8.838   -13.003 1.00 17.63 ? 132 ASN A ND2 1 
ATOM   132  N N   . GLN A 1 19  ? -1.808  5.050   -10.711 1.00 20.21 ? 133 GLN A N   1 
ATOM   133  C CA  . GLN A 1 19  ? -3.246  4.683   -10.783 1.00 19.27 ? 133 GLN A CA  1 
ATOM   134  C C   . GLN A 1 19  ? -4.016  5.477   -11.809 1.00 19.58 ? 133 GLN A C   1 
ATOM   135  O O   . GLN A 1 19  ? -5.096  5.071   -12.233 1.00 18.50 ? 133 GLN A O   1 
ATOM   136  C CB  . GLN A 1 19  ? -3.915  4.879   -9.440  1.00 18.68 ? 133 GLN A CB  1 
ATOM   137  C CG  . GLN A 1 19  ? -4.009  6.282   -8.969  1.00 17.52 ? 133 GLN A CG  1 
ATOM   138  C CD  . GLN A 1 19  ? -4.533  6.316   -7.531  1.00 19.40 ? 133 GLN A CD  1 
ATOM   139  O OE1 . GLN A 1 19  ? -5.871  6.346   -7.374  1.00 19.20 ? 133 GLN A OE1 1 
ATOM   140  N NE2 . GLN A 1 19  ? -3.751  6.268   -6.581  1.00 19.49 ? 133 GLN A NE2 1 
ATOM   141  N N   . GLY A 1 20  ? -3.448  6.616   -12.204 1.00 20.89 ? 134 GLY A N   1 
ATOM   142  C CA  . GLY A 1 20  ? -4.043  7.500   -13.197 1.00 21.14 ? 134 GLY A CA  1 
ATOM   143  C C   . GLY A 1 20  ? -5.304  8.092   -12.607 1.00 21.54 ? 134 GLY A C   1 
ATOM   144  O O   . GLY A 1 20  ? -5.345  8.418   -11.434 1.00 21.58 ? 134 GLY A O   1 
ATOM   145  N N   . GLN A 1 21  ? -6.352  8.143   -13.406 1.00 22.58 ? 135 GLN A N   1 
ATOM   146  C CA  . GLN A 1 21  ? -7.615  8.748   -13.010 1.00 23.62 ? 135 GLN A CA  1 
ATOM   147  C C   . GLN A 1 21  ? -8.646  7.684   -12.636 1.00 23.53 ? 135 GLN A C   1 
ATOM   148  O O   . GLN A 1 21  ? -9.821  7.767   -13.017 1.00 23.84 ? 135 GLN A O   1 
ATOM   149  C CB  . GLN A 1 21  ? -8.160  9.658   -14.177 1.00 24.47 ? 135 GLN A CB  1 
ATOM   150  N N   . CYS A 1 22  ? -8.197  6.689   -11.897 1.00 22.52 ? 136 CYS A N   1 
ATOM   151  C CA  . CYS A 1 22  ? -9.088  5.720   -11.331 1.00 22.15 ? 136 CYS A CA  1 
ATOM   152  C C   . CYS A 1 22  ? -8.806  5.768   -9.826  1.00 20.77 ? 136 CYS A C   1 
ATOM   153  O O   . CYS A 1 22  ? -7.636  5.958   -9.426  1.00 20.05 ? 136 CYS A O   1 
ATOM   154  C CB  . CYS A 1 22  ? -8.772  4.358   -11.966 1.00 22.33 ? 136 CYS A CB  1 
ATOM   155  S SG  . CYS A 1 22  ? -9.638  2.958   -11.291 1.00 23.37 ? 136 CYS A SG  1 
ATOM   156  N N   . GLY A 1 23  ? -9.865  5.634   -9.014  1.00 18.39 ? 137 GLY A N   1 
ATOM   157  C CA  . GLY A 1 23  ? -9.723  5.586   -7.561  1.00 18.01 ? 137 GLY A CA  1 
ATOM   158  C C   . GLY A 1 23  ? -9.436  4.179   -6.967  1.00 17.35 ? 137 GLY A C   1 
ATOM   159  O O   . GLY A 1 23  ? -10.204 3.640   -6.133  1.00 16.64 ? 137 GLY A O   1 
ATOM   160  N N   . SER A 1 24  ? -8.339  3.601   -7.446  1.00 15.97 ? 138 SER A N   1 
ATOM   161  C CA  . SER A 1 24  ? -7.933  2.252   -7.165  1.00 15.68 ? 138 SER A CA  1 
ATOM   162  C C   . SER A 1 24  ? -6.659  2.251   -6.341  1.00 16.10 ? 138 SER A C   1 
ATOM   163  O O   . SER A 1 24  ? -5.939  1.247   -6.352  1.00 15.76 ? 138 SER A O   1 
ATOM   164  C CB  . SER A 1 24  ? -7.669  1.494   -8.463  1.00 15.03 ? 138 SER A CB  1 
ATOM   165  O OG  . SER A 1 24  ? -6.708  2.162   -9.263  1.00 14.32 ? 138 SER A OG  1 
ATOM   166  N N   . CYS A 1 25  ? -6.385  3.355   -5.635  1.00 16.00 ? 139 CYS A N   1 
ATOM   167  C CA  . CYS A 1 25  ? -5.212  3.405   -4.778  1.00 15.91 ? 139 CYS A CA  1 
ATOM   168  C C   . CYS A 1 25  ? -5.214  2.194   -3.875  1.00 15.77 ? 139 CYS A C   1 
ATOM   169  O O   . CYS A 1 25  ? -4.160  1.594   -3.672  1.00 15.44 ? 139 CYS A O   1 
ATOM   170  C CB  . CYS A 1 25  ? -5.159  4.667   -3.940  1.00 15.67 ? 139 CYS A CB  1 
ATOM   171  S SG  . CYS A 1 25  ? -6.541  4.674   -2.821  1.00 16.68 ? 139 CYS A SG  1 
ATOM   172  N N   . TRP A 1 26  ? -6.383  1.792   -3.380  1.00 15.80 ? 140 TRP A N   1 
ATOM   173  C CA  . TRP A 1 26  ? -6.453  0.597   -2.540  1.00 16.91 ? 140 TRP A CA  1 
ATOM   174  C C   . TRP A 1 26  ? -5.947  -0.723  -3.180  1.00 16.72 ? 140 TRP A C   1 
ATOM   175  O O   . TRP A 1 26  ? -5.539  -1.631  -2.481  1.00 16.22 ? 140 TRP A O   1 
ATOM   176  C CB  . TRP A 1 26  ? -7.865  0.390   -2.036  1.00 16.83 ? 140 TRP A CB  1 
ATOM   177  C CG  . TRP A 1 26  ? -8.854  0.085   -3.102  1.00 17.48 ? 140 TRP A CG  1 
ATOM   178  C CD1 . TRP A 1 26  ? -9.671  0.973   -3.725  1.00 15.17 ? 140 TRP A CD1 1 
ATOM   179  C CD2 . TRP A 1 26  ? -9.135  -1.214  -3.685  1.00 17.69 ? 140 TRP A CD2 1 
ATOM   180  N NE1 . TRP A 1 26  ? -10.432 0.328   -4.673  1.00 14.95 ? 140 TRP A NE1 1 
ATOM   181  C CE2 . TRP A 1 26  ? -10.152 -1.019  -4.646  1.00 16.56 ? 140 TRP A CE2 1 
ATOM   182  C CE3 . TRP A 1 26  ? -8.629  -2.523  -3.486  1.00 15.59 ? 140 TRP A CE3 1 
ATOM   183  C CZ2 . TRP A 1 26  ? -10.690 -2.080  -5.398  1.00 14.91 ? 140 TRP A CZ2 1 
ATOM   184  C CZ3 . TRP A 1 26  ? -9.135  -3.553  -4.241  1.00 14.62 ? 140 TRP A CZ3 1 
ATOM   185  C CH2 . TRP A 1 26  ? -10.172 -3.328  -5.185  1.00 15.24 ? 140 TRP A CH2 1 
ATOM   186  N N   . ALA A 1 27  ? -6.042  -0.813  -4.493  1.00 17.45 ? 141 ALA A N   1 
ATOM   187  C CA  . ALA A 1 27  ? -5.573  -1.959  -5.262  1.00 18.43 ? 141 ALA A CA  1 
ATOM   188  C C   . ALA A 1 27  ? -4.065  -2.019  -5.371  1.00 18.58 ? 141 ALA A C   1 
ATOM   189  O O   . ALA A 1 27  ? -3.483  -3.096  -5.344  1.00 19.35 ? 141 ALA A O   1 
ATOM   190  C CB  . ALA A 1 27  ? -6.170  -1.909  -6.655  1.00 18.74 ? 141 ALA A CB  1 
ATOM   191  N N   . PHE A 1 28  ? -3.432  -0.860  -5.522  1.00 18.13 ? 142 PHE A N   1 
ATOM   192  C CA  . PHE A 1 28  ? -1.992  -0.797  -5.518  1.00 17.66 ? 142 PHE A CA  1 
ATOM   193  C C   . PHE A 1 28  ? -1.457  -1.104  -4.138  1.00 17.02 ? 142 PHE A C   1 
ATOM   194  O O   . PHE A 1 28  ? -0.510  -1.827  -4.008  1.00 17.27 ? 142 PHE A O   1 
ATOM   195  C CB  . PHE A 1 28  ? -1.539  0.559   -6.061  1.00 17.86 ? 142 PHE A CB  1 
ATOM   196  C CG  . PHE A 1 28  ? -1.759  0.667   -7.522  1.00 17.88 ? 142 PHE A CG  1 
ATOM   197  C CD1 . PHE A 1 28  ? -3.012  1.007   -8.017  1.00 18.73 ? 142 PHE A CD1 1 
ATOM   198  C CD2 . PHE A 1 28  ? -0.784  0.281   -8.406  1.00 17.87 ? 142 PHE A CD2 1 
ATOM   199  C CE1 . PHE A 1 28  ? -3.259  1.067   -9.385  1.00 18.01 ? 142 PHE A CE1 1 
ATOM   200  C CE2 . PHE A 1 28  ? -1.023  0.345   -9.803  1.00 20.17 ? 142 PHE A CE2 1 
ATOM   201  C CZ  . PHE A 1 28  ? -2.269  0.752   -10.283 1.00 18.52 ? 142 PHE A CZ  1 
ATOM   202  N N   . SER A 1 29  ? -2.103  -0.570  -3.103  1.00 17.48 ? 143 SER A N   1 
ATOM   203  C CA  . SER A 1 29  ? -1.682  -0.795  -1.726  1.00 16.82 ? 143 SER A CA  1 
ATOM   204  C C   . SER A 1 29  ? -1.652  -2.250  -1.389  1.00 16.94 ? 143 SER A C   1 
ATOM   205  O O   . SER A 1 29  ? -0.724  -2.715  -0.801  1.00 17.53 ? 143 SER A O   1 
ATOM   206  C CB  . SER A 1 29  ? -2.575  -0.083  -0.735  1.00 16.68 ? 143 SER A CB  1 
ATOM   207  O OG  . SER A 1 29  ? -2.296  -0.561  0.578   1.00 13.57 ? 143 SER A OG  1 
ATOM   208  N N   . SER A 1 30  ? -2.663  -2.972  -1.794  1.00 17.62 ? 144 SER A N   1 
ATOM   209  C CA  . SER A 1 30  ? -2.765  -4.377  -1.492  1.00 19.06 ? 144 SER A CA  1 
ATOM   210  C C   . SER A 1 30  ? -1.738  -5.186  -2.286  1.00 19.27 ? 144 SER A C   1 
ATOM   211  O O   . SER A 1 30  ? -1.115  -6.091  -1.773  1.00 20.27 ? 144 SER A O   1 
ATOM   212  C CB  . SER A 1 30  ? -4.199  -4.857  -1.813  1.00 20.71 ? 144 SER A CB  1 
ATOM   213  O OG  . SER A 1 30  ? -5.224  -4.229  -1.005  1.00 20.71 ? 144 SER A OG  1 
ATOM   214  N N   . VAL A 1 31  ? -1.524  -4.855  -3.544  1.00 19.51 ? 145 VAL A N   1 
ATOM   215  C CA  . VAL A 1 31  ? -0.561  -5.623  -4.327  1.00 19.28 ? 145 VAL A CA  1 
ATOM   216  C C   . VAL A 1 31  ? 0.830   -5.436  -3.772  1.00 18.33 ? 145 VAL A C   1 
ATOM   217  O O   . VAL A 1 31  ? 1.593   -6.375  -3.710  1.00 16.76 ? 145 VAL A O   1 
ATOM   218  C CB  . VAL A 1 31  ? -0.599  -5.281  -5.833  1.00 19.48 ? 145 VAL A CB  1 
ATOM   219  C CG1 . VAL A 1 31  ? -1.942  -5.679  -6.408  1.00 20.82 ? 145 VAL A CG1 1 
ATOM   220  C CG2 . VAL A 1 31  ? -0.347  -3.814  -6.101  1.00 20.10 ? 145 VAL A CG2 1 
ATOM   221  N N   . GLY A 1 32  ? 1.164   -4.212  -3.369  1.00 18.43 ? 146 GLY A N   1 
ATOM   222  C CA  . GLY A 1 32  ? 2.454   -3.969  -2.728  1.00 18.46 ? 146 GLY A CA  1 
ATOM   223  C C   . GLY A 1 32  ? 2.721   -4.953  -1.578  1.00 18.15 ? 146 GLY A C   1 
ATOM   224  O O   . GLY A 1 32  ? 3.727   -5.623  -1.506  1.00 16.85 ? 146 GLY A O   1 
ATOM   225  N N   . ALA A 1 33  ? 1.752   -5.023  -0.679  1.00 18.53 ? 147 ALA A N   1 
ATOM   226  C CA  . ALA A 1 33  ? 1.831   -5.865  0.479   1.00 18.16 ? 147 ALA A CA  1 
ATOM   227  C C   . ALA A 1 33  ? 1.952   -7.300  0.062   1.00 17.04 ? 147 ALA A C   1 
ATOM   228  O O   . ALA A 1 33  ? 2.784   -8.003  0.555   1.00 15.88 ? 147 ALA A O   1 
ATOM   229  C CB  . ALA A 1 33  ? 0.568   -5.662  1.357   1.00 19.29 ? 147 ALA A CB  1 
ATOM   230  N N   . LEU A 1 34  ? 1.094   -7.738  -0.833  1.00 17.27 ? 148 LEU A N   1 
ATOM   231  C CA  . LEU A 1 34  ? 1.190   -9.106  -1.354  1.00 17.69 ? 148 LEU A CA  1 
ATOM   232  C C   . LEU A 1 34  ? 2.565   -9.388  -1.971  1.00 16.76 ? 148 LEU A C   1 
ATOM   233  O O   . LEU A 1 34  ? 3.151   -10.430 -1.793  1.00 16.56 ? 148 LEU A O   1 
ATOM   234  C CB  . LEU A 1 34  ? 0.052   -9.370  -2.337  1.00 17.48 ? 148 LEU A CB  1 
ATOM   235  C CG  . LEU A 1 34  ? -1.310  -9.404  -1.588  1.00 19.65 ? 148 LEU A CG  1 
ATOM   236  C CD1 . LEU A 1 34  ? -2.501  -9.520  -2.506  1.00 20.25 ? 148 LEU A CD1 1 
ATOM   237  C CD2 . LEU A 1 34  ? -1.389  -10.562 -0.597  1.00 20.23 ? 148 LEU A CD2 1 
ATOM   238  N N   . GLU A 1 35  ? 3.090   -8.409  -2.650  1.00 16.94 ? 149 GLU A N   1 
ATOM   239  C CA  . GLU A 1 35  ? 4.354   -8.543  -3.330  1.00 17.55 ? 149 GLU A CA  1 
ATOM   240  C C   . GLU A 1 35  ? 5.528   -8.599  -2.326  1.00 17.19 ? 149 GLU A C   1 
ATOM   241  O O   . GLU A 1 35  ? 6.450   -9.374  -2.494  1.00 16.37 ? 149 GLU A O   1 
ATOM   242  C CB  . GLU A 1 35  ? 4.511   -7.338  -4.257  1.00 18.38 ? 149 GLU A CB  1 
ATOM   243  C CG  . GLU A 1 35  ? 3.483   -7.294  -5.366  1.00 19.02 ? 149 GLU A CG  1 
ATOM   244  C CD  . GLU A 1 35  ? 3.601   -6.049  -6.203  1.00 21.64 ? 149 GLU A CD  1 
ATOM   245  O OE1 . GLU A 1 35  ? 4.162   -5.060  -5.701  1.00 25.42 ? 149 GLU A OE1 1 
ATOM   246  O OE2 . GLU A 1 35  ? 3.132   -6.030  -7.361  1.00 22.45 ? 149 GLU A OE2 1 
ATOM   247  N N   . GLY A 1 36  ? 5.467   -7.790  -1.276  1.00 16.63 ? 150 GLY A N   1 
ATOM   248  C CA  . GLY A 1 36  ? 6.435   -7.842  -0.219  1.00 17.17 ? 150 GLY A CA  1 
ATOM   249  C C   . GLY A 1 36  ? 6.499   -9.192  0.459   1.00 18.19 ? 150 GLY A C   1 
ATOM   250  O O   . GLY A 1 36  ? 7.596   -9.709  0.799   1.00 17.13 ? 150 GLY A O   1 
ATOM   251  N N   . GLN A 1 37  ? 5.317   -9.765  0.641   1.00 19.26 ? 151 GLN A N   1 
ATOM   252  C CA  . GLN A 1 37  ? 5.172   -11.075 1.255   1.00 20.05 ? 151 GLN A CA  1 
ATOM   253  C C   . GLN A 1 37  ? 5.568   -12.183 0.339   1.00 20.02 ? 151 GLN A C   1 
ATOM   254  O O   . GLN A 1 37  ? 5.875   -13.256 0.791   1.00 21.18 ? 151 GLN A O   1 
ATOM   255  C CB  . GLN A 1 37  ? 3.725   -11.289 1.708   1.00 20.91 ? 151 GLN A CB  1 
ATOM   256  C CG  . GLN A 1 37  ? 3.350   -10.559 2.996   1.00 21.28 ? 151 GLN A CG  1 
ATOM   257  C CD  . GLN A 1 37  ? 4.505   -10.500 3.986   1.00 25.43 ? 151 GLN A CD  1 
ATOM   258  O OE1 . GLN A 1 37  ? 4.949   -11.528 4.547   1.00 25.16 ? 151 GLN A OE1 1 
ATOM   259  N NE2 . GLN A 1 37  ? 4.993   -9.304  4.212   1.00 28.83 ? 151 GLN A NE2 1 
ATOM   260  N N   . LEU A 1 38  ? 5.552   -11.927 -0.954  1.00 19.98 ? 152 LEU A N   1 
ATOM   261  C CA  . LEU A 1 38  ? 6.007   -12.883 -1.944  1.00 19.41 ? 152 LEU A CA  1 
ATOM   262  C C   . LEU A 1 38  ? 7.538   -12.954 -1.894  1.00 20.67 ? 152 LEU A C   1 
ATOM   263  O O   . LEU A 1 38  ? 8.123   -13.993 -1.681  1.00 22.40 ? 152 LEU A O   1 
ATOM   264  C CB  . LEU A 1 38  ? 5.508   -12.421 -3.298  1.00 19.31 ? 152 LEU A CB  1 
ATOM   265  C CG  . LEU A 1 38  ? 5.629   -13.263 -4.558  1.00 16.85 ? 152 LEU A CG  1 
ATOM   266  C CD1 . LEU A 1 38  ? 4.802   -14.550 -4.513  1.00 15.57 ? 152 LEU A CD1 1 
ATOM   267  C CD2 . LEU A 1 38  ? 5.205   -12.465 -5.719  1.00 14.26 ? 152 LEU A CD2 1 
ATOM   268  N N   . LYS A 1 39  ? 8.210   -11.834 -2.045  1.00 21.77 ? 153 LYS A N   1 
ATOM   269  C CA  . LYS A 1 39  ? 9.652   -11.792 -1.871  1.00 21.43 ? 153 LYS A CA  1 
ATOM   270  C C   . LYS A 1 39  ? 10.063  -12.479 -0.582  1.00 22.08 ? 153 LYS A C   1 
ATOM   271  O O   . LYS A 1 39  ? 10.935  -13.342 -0.593  1.00 23.91 ? 153 LYS A O   1 
ATOM   272  C CB  . LYS A 1 39  ? 10.116  -10.371 -1.804  1.00 21.01 ? 153 LYS A CB  1 
ATOM   273  C CG  . LYS A 1 39  ? 11.549  -10.254 -1.371  1.00 21.50 ? 153 LYS A CG  1 
ATOM   274  C CD  . LYS A 1 39  ? 12.518  -10.830 -2.469  1.00 19.84 ? 153 LYS A CD  1 
ATOM   275  C CE  . LYS A 1 39  ? 13.956  -10.303 -2.257  1.00 18.72 ? 153 LYS A CE  1 
ATOM   276  N NZ  . LYS A 1 39  ? 14.944  -11.070 -3.048  1.00 17.37 ? 153 LYS A NZ  1 
ATOM   277  N N   . LYS A 1 40  ? 9.423   -12.093 0.522   1.00 22.03 ? 154 LYS A N   1 
ATOM   278  C CA  . LYS A 1 40  ? 9.689   -12.643 1.849   1.00 21.22 ? 154 LYS A CA  1 
ATOM   279  C C   . LYS A 1 40  ? 9.668   -14.184 1.904   1.00 21.05 ? 154 LYS A C   1 
ATOM   280  O O   . LYS A 1 40  ? 10.563  -14.816 2.392   1.00 21.25 ? 154 LYS A O   1 
ATOM   281  C CB  . LYS A 1 40  ? 8.673   -12.092 2.828   1.00 20.78 ? 154 LYS A CB  1 
ATOM   282  C CG  . LYS A 1 40  ? 8.792   -12.688 4.225   1.00 22.09 ? 154 LYS A CG  1 
ATOM   283  C CD  . LYS A 1 40  ? 8.986   -11.622 5.278   1.00 22.76 ? 154 LYS A CD  1 
ATOM   284  C CE  . LYS A 1 40  ? 9.300   -12.166 6.637   1.00 21.53 ? 154 LYS A CE  1 
ATOM   285  N NZ  . LYS A 1 40  ? 9.288   -11.061 7.621   1.00 21.41 ? 154 LYS A NZ  1 
ATOM   286  N N   . LYS A 1 41  ? 8.626   -14.780 1.388   1.00 21.58 ? 155 LYS A N   1 
ATOM   287  C CA  . LYS A 1 41  ? 8.467   -16.213 1.445   1.00 21.19 ? 155 LYS A CA  1 
ATOM   288  C C   . LYS A 1 41  ? 9.341   -16.989 0.443   1.00 20.82 ? 155 LYS A C   1 
ATOM   289  O O   . LYS A 1 41  ? 9.900   -18.023 0.783   1.00 20.69 ? 155 LYS A O   1 
ATOM   290  C CB  . LYS A 1 41  ? 6.995   -16.538 1.211   1.00 21.48 ? 155 LYS A CB  1 
ATOM   291  N N   . THR A 1 42  ? 9.435   -16.527 -0.798  1.00 21.05 ? 156 THR A N   1 
ATOM   292  C CA  . THR A 1 42  ? 10.041  -17.362 -1.868  1.00 21.07 ? 156 THR A CA  1 
ATOM   293  C C   . THR A 1 42  ? 11.369  -16.901 -2.348  1.00 20.99 ? 156 THR A C   1 
ATOM   294  O O   . THR A 1 42  ? 11.991  -17.608 -3.130  1.00 20.68 ? 156 THR A O   1 
ATOM   295  C CB  . THR A 1 42  ? 9.094   -17.484 -3.080  1.00 20.80 ? 156 THR A CB  1 
ATOM   296  O OG1 . THR A 1 42  ? 9.020   -16.257 -3.826  1.00 19.46 ? 156 THR A OG1 1 
ATOM   297  C CG2 . THR A 1 42  ? 7.679   -17.731 -2.577  1.00 22.50 ? 156 THR A CG2 1 
ATOM   298  N N   . GLY A 1 43  ? 11.756  -15.686 -1.916  1.00 21.58 ? 157 GLY A N   1 
ATOM   299  C CA  . GLY A 1 43  ? 13.019  -15.034 -2.289  1.00 21.01 ? 157 GLY A CA  1 
ATOM   300  C C   . GLY A 1 43  ? 12.949  -14.143 -3.532  1.00 20.53 ? 157 GLY A C   1 
ATOM   301  O O   . GLY A 1 43  ? 13.939  -13.490 -3.894  1.00 20.37 ? 157 GLY A O   1 
ATOM   302  N N   . LYS A 1 44  ? 11.802  -14.134 -4.204  1.00 19.90 ? 158 LYS A N   1 
ATOM   303  C CA  . LYS A 1 44  ? 11.588  -13.222 -5.332  1.00 19.84 ? 158 LYS A CA  1 
ATOM   304  C C   . LYS A 1 44  ? 10.149  -12.772 -5.455  1.00 19.96 ? 158 LYS A C   1 
ATOM   305  O O   . LYS A 1 44  ? 9.223   -13.375 -4.882  1.00 19.70 ? 158 LYS A O   1 
ATOM   306  C CB  . LYS A 1 44  ? 12.003  -13.889 -6.635  1.00 19.87 ? 158 LYS A CB  1 
ATOM   307  C CG  . LYS A 1 44  ? 11.192  -15.146 -6.962  1.00 19.23 ? 158 LYS A CG  1 
ATOM   308  C CD  . LYS A 1 44  ? 11.715  -15.914 -8.190  1.00 19.26 ? 158 LYS A CD  1 
ATOM   309  C CE  . LYS A 1 44  ? 10.760  -17.041 -8.604  1.00 19.21 ? 158 LYS A CE  1 
ATOM   310  N NZ  . LYS A 1 44  ? 10.596  -18.036 -7.542  1.00 18.83 ? 158 LYS A NZ  1 
ATOM   311  N N   . LEU A 1 45  ? 9.973   -11.713 -6.230  1.00 20.95 ? 159 LEU A N   1 
ATOM   312  C CA  . LEU A 1 45  ? 8.668   -11.133 -6.462  1.00 22.05 ? 159 LEU A CA  1 
ATOM   313  C C   . LEU A 1 45  ? 8.380   -10.867 -7.926  1.00 21.78 ? 159 LEU A C   1 
ATOM   314  O O   . LEU A 1 45  ? 9.185   -11.145 -8.776  1.00 20.88 ? 159 LEU A O   1 
ATOM   315  C CB  . LEU A 1 45  ? 8.524   -9.846  -5.642  1.00 23.18 ? 159 LEU A CB  1 
ATOM   316  C CG  . LEU A 1 45  ? 9.509   -8.676  -5.841  1.00 25.49 ? 159 LEU A CG  1 
ATOM   317  C CD1 . LEU A 1 45  ? 9.721   -8.312  -7.266  1.00 27.80 ? 159 LEU A CD1 1 
ATOM   318  C CD2 . LEU A 1 45  ? 8.986   -7.417  -5.099  1.00 28.45 ? 159 LEU A CD2 1 
ATOM   319  N N   . LEU A 1 46  ? 7.183   -10.349 -8.184  1.00 23.09 ? 160 LEU A N   1 
ATOM   320  C CA  . LEU A 1 46  ? 6.820   -9.741  -9.456  1.00 23.89 ? 160 LEU A CA  1 
ATOM   321  C C   . LEU A 1 46  ? 5.667   -8.777  -9.219  1.00 22.72 ? 160 LEU A C   1 
ATOM   322  O O   . LEU A 1 46  ? 5.123   -8.741  -8.131  1.00 22.19 ? 160 LEU A O   1 
ATOM   323  C CB  . LEU A 1 46  ? 6.429   -10.809 -10.453 1.00 25.32 ? 160 LEU A CB  1 
ATOM   324  C CG  . LEU A 1 46  ? 5.161   -11.610 -10.092 1.00 29.56 ? 160 LEU A CG  1 
ATOM   325  C CD1 . LEU A 1 46  ? 4.057   -11.260 -11.075 1.00 33.25 ? 160 LEU A CD1 1 
ATOM   326  C CD2 . LEU A 1 46  ? 5.409   -13.123 -10.129 1.00 30.65 ? 160 LEU A CD2 1 
ATOM   327  N N   . ASN A 1 47  ? 5.351   -7.967  -10.226 1.00 21.41 ? 161 ASN A N   1 
ATOM   328  C CA  . ASN A 1 47  ? 4.202   -7.089  -10.214 1.00 20.50 ? 161 ASN A CA  1 
ATOM   329  C C   . ASN A 1 47  ? 2.889   -7.862  -10.248 1.00 20.29 ? 161 ASN A C   1 
ATOM   330  O O   . ASN A 1 47  ? 2.628   -8.616  -11.184 1.00 19.26 ? 161 ASN A O   1 
ATOM   331  C CB  . ASN A 1 47  ? 4.271   -6.181  -11.423 1.00 20.67 ? 161 ASN A CB  1 
ATOM   332  C CG  . ASN A 1 47  ? 5.404   -5.215  -11.309 1.00 21.06 ? 161 ASN A CG  1 
ATOM   333  O OD1 . ASN A 1 47  ? 5.535   -4.490  -10.314 1.00 23.09 ? 161 ASN A OD1 1 
ATOM   334  N ND2 . ASN A 1 47  ? 6.254   -5.225  -12.282 1.00 22.32 ? 161 ASN A ND2 1 
ATOM   335  N N   . LEU A 1 48  ? 2.084   -7.693  -9.204  1.00 20.07 ? 162 LEU A N   1 
ATOM   336  C CA  . LEU A 1 48  ? 0.795   -8.360  -9.098  1.00 19.94 ? 162 LEU A CA  1 
ATOM   337  C C   . LEU A 1 48  ? -0.218  -7.459  -9.728  1.00 20.36 ? 162 LEU A C   1 
ATOM   338  O O   . LEU A 1 48  ? 0.125   -6.349  -10.062 1.00 18.32 ? 162 LEU A O   1 
ATOM   339  C CB  . LEU A 1 48  ? 0.459   -8.677  -7.633  1.00 19.79 ? 162 LEU A CB  1 
ATOM   340  C CG  . LEU A 1 48  ? 1.448   -9.685  -7.006  1.00 18.97 ? 162 LEU A CG  1 
ATOM   341  C CD1 . LEU A 1 48  ? 1.287   -9.859  -5.495  1.00 15.85 ? 162 LEU A CD1 1 
ATOM   342  C CD2 . LEU A 1 48  ? 1.306   -11.066 -7.735  1.00 19.85 ? 162 LEU A CD2 1 
ATOM   343  N N   . SER A 1 49  ? -1.456  -7.962  -9.914  1.00 22.48 ? 163 SER A N   1 
ATOM   344  C CA  . SER A 1 49  ? -2.521  -7.247  -10.668 1.00 23.35 ? 163 SER A CA  1 
ATOM   345  C C   . SER A 1 49  ? -3.575  -6.464  -9.833  1.00 23.18 ? 163 SER A C   1 
ATOM   346  O O   . SER A 1 49  ? -4.463  -7.069  -9.250  1.00 24.31 ? 163 SER A O   1 
ATOM   347  C CB  . SER A 1 49  ? -3.239  -8.246  -11.596 1.00 23.83 ? 163 SER A CB  1 
ATOM   348  O OG  . SER A 1 49  ? -4.157  -7.586  -12.480 1.00 25.13 ? 163 SER A OG  1 
ATOM   349  N N   . PRO A 1 50  ? -3.519  -5.131  -9.798  1.00 22.84 ? 164 PRO A N   1 
ATOM   350  C CA  . PRO A 1 50  ? -4.575  -4.346  -9.147  1.00 22.25 ? 164 PRO A CA  1 
ATOM   351  C C   . PRO A 1 50  ? -5.898  -4.314  -9.932  1.00 21.18 ? 164 PRO A C   1 
ATOM   352  O O   . PRO A 1 50  ? -6.978  -4.222  -9.367  1.00 18.42 ? 164 PRO A O   1 
ATOM   353  C CB  . PRO A 1 50  ? -3.945  -2.962  -9.046  1.00 22.64 ? 164 PRO A CB  1 
ATOM   354  C CG  . PRO A 1 50  ? -3.030  -2.897  -10.199 1.00 22.65 ? 164 PRO A CG  1 
ATOM   355  C CD  . PRO A 1 50  ? -2.452  -4.257  -10.307 1.00 23.20 ? 164 PRO A CD  1 
ATOM   356  N N   . GLN A 1 51  ? -5.823  -4.443  -11.247 1.00 21.10 ? 165 GLN A N   1 
ATOM   357  C CA  . GLN A 1 51  ? -7.064  -4.446  -12.011 1.00 21.13 ? 165 GLN A CA  1 
ATOM   358  C C   . GLN A 1 51  ? -7.868  -5.607  -11.538 1.00 20.65 ? 165 GLN A C   1 
ATOM   359  O O   . GLN A 1 51  ? -9.024  -5.453  -11.299 1.00 21.51 ? 165 GLN A O   1 
ATOM   360  C CB  . GLN A 1 51  ? -6.834  -4.563  -13.502 1.00 21.51 ? 165 GLN A CB  1 
ATOM   361  C CG  . GLN A 1 51  ? -8.002  -4.030  -14.348 1.00 22.90 ? 165 GLN A CG  1 
ATOM   362  C CD  . GLN A 1 51  ? -8.188  -2.525  -14.250 1.00 23.45 ? 165 GLN A CD  1 
ATOM   363  O OE1 . GLN A 1 51  ? -7.281  -1.759  -14.571 1.00 24.06 ? 165 GLN A OE1 1 
ATOM   364  N NE2 . GLN A 1 51  ? -9.362  -2.109  -13.813 1.00 23.26 ? 165 GLN A NE2 1 
ATOM   365  N N   . ASN A 1 52  ? -7.240  -6.763  -11.388 1.00 20.10 ? 166 ASN A N   1 
ATOM   366  C CA  . ASN A 1 52  ? -7.910  -7.964  -10.887 1.00 19.96 ? 166 ASN A CA  1 
ATOM   367  C C   . ASN A 1 52  ? -8.690  -7.622  -9.617  1.00 19.92 ? 166 ASN A C   1 
ATOM   368  O O   . ASN A 1 52  ? -9.840  -8.121  -9.377  1.00 19.75 ? 166 ASN A O   1 
ATOM   369  C CB  . ASN A 1 52  ? -6.862  -9.096  -10.665 1.00 20.70 ? 166 ASN A CB  1 
ATOM   370  C CG  . ASN A 1 52  ? -7.472  -10.440 -10.126 1.00 22.66 ? 166 ASN A CG  1 
ATOM   371  O OD1 . ASN A 1 52  ? -6.727  -11.416 -9.920  1.00 24.18 ? 166 ASN A OD1 1 
ATOM   372  N ND2 . ASN A 1 52  ? -8.797  -10.488 -9.897  1.00 22.44 ? 166 ASN A ND2 1 
ATOM   373  N N   . LEU A 1 53  ? -8.104  -6.738  -8.813  1.00 19.47 ? 167 LEU A N   1 
ATOM   374  C CA  . LEU A 1 53  ? -8.784  -6.278  -7.615  1.00 19.19 ? 167 LEU A CA  1 
ATOM   375  C C   . LEU A 1 53  ? -9.879  -5.242  -7.949  1.00 20.19 ? 167 LEU A C   1 
ATOM   376  O O   . LEU A 1 53  ? -11.005 -5.319  -7.451  1.00 19.31 ? 167 LEU A O   1 
ATOM   377  C CB  . LEU A 1 53  ? -7.765  -5.736  -6.648  1.00 18.79 ? 167 LEU A CB  1 
ATOM   378  C CG  . LEU A 1 53  ? -6.713  -6.819  -6.397  1.00 20.28 ? 167 LEU A CG  1 
ATOM   379  C CD1 . LEU A 1 53  ? -5.710  -6.347  -5.434  1.00 19.57 ? 167 LEU A CD1 1 
ATOM   380  C CD2 . LEU A 1 53  ? -7.384  -8.103  -5.850  1.00 21.51 ? 167 LEU A CD2 1 
ATOM   381  N N   . VAL A 1 54  ? -9.560  -4.278  -8.811  1.00 20.72 ? 168 VAL A N   1 
ATOM   382  C CA  . VAL A 1 54  ? -10.538 -3.269  -9.167  1.00 21.01 ? 168 VAL A CA  1 
ATOM   383  C C   . VAL A 1 54  ? -11.777 -3.980  -9.644  1.00 21.02 ? 168 VAL A C   1 
ATOM   384  O O   . VAL A 1 54  ? -12.864 -3.643  -9.233  1.00 20.96 ? 168 VAL A O   1 
ATOM   385  C CB  . VAL A 1 54  ? -10.019 -2.243  -10.256 1.00 20.64 ? 168 VAL A CB  1 
ATOM   386  C CG1 . VAL A 1 54  ? -11.070 -1.342  -10.686 1.00 20.57 ? 168 VAL A CG1 1 
ATOM   387  C CG2 . VAL A 1 54  ? -8.897  -1.383  -9.707  1.00 22.18 ? 168 VAL A CG2 1 
ATOM   388  N N   . ASP A 1 55  ? -11.596 -4.970  -10.491 1.00 21.96 ? 169 ASP A N   1 
ATOM   389  C CA  . ASP A 1 55  ? -12.691 -5.601  -11.193 1.00 23.89 ? 169 ASP A CA  1 
ATOM   390  C C   . ASP A 1 55  ? -13.420 -6.722  -10.417 1.00 24.15 ? 169 ASP A C   1 
ATOM   391  O O   . ASP A 1 55  ? -14.589 -7.003  -10.727 1.00 23.62 ? 169 ASP A O   1 
ATOM   392  C CB  . ASP A 1 55  ? -12.151 -6.222  -12.503 1.00 24.93 ? 169 ASP A CB  1 
ATOM   393  C CG  . ASP A 1 55  ? -11.565 -5.171  -13.488 1.00 28.04 ? 169 ASP A CG  1 
ATOM   394  O OD1 . ASP A 1 55  ? -11.739 -3.923  -13.294 1.00 29.05 ? 169 ASP A OD1 1 
ATOM   395  O OD2 . ASP A 1 55  ? -10.912 -5.556  -14.493 1.00 29.07 ? 169 ASP A OD2 1 
ATOM   396  N N   . CYS A 1 56  ? -12.721 -7.382  -9.467  1.00 24.00 ? 170 CYS A N   1 
ATOM   397  C CA  . CYS A 1 56  ? -13.209 -8.620  -8.844  1.00 22.94 ? 170 CYS A CA  1 
ATOM   398  C C   . CYS A 1 56  ? -13.578 -8.486  -7.360  1.00 22.03 ? 170 CYS A C   1 
ATOM   399  O O   . CYS A 1 56  ? -14.310 -9.308  -6.858  1.00 20.53 ? 170 CYS A O   1 
ATOM   400  C CB  . CYS A 1 56  ? -12.153 -9.719  -9.007  1.00 23.68 ? 170 CYS A CB  1 
ATOM   401  S SG  . CYS A 1 56  ? -11.779 -10.121 -10.710 1.00 22.55 ? 170 CYS A SG  1 
ATOM   402  N N   . VAL A 1 57  ? -13.070 -7.453  -6.681  1.00 21.07 ? 171 VAL A N   1 
ATOM   403  C CA  . VAL A 1 57  ? -13.420 -7.172  -5.277  1.00 20.88 ? 171 VAL A CA  1 
ATOM   404  C C   . VAL A 1 57  ? -14.792 -6.499  -5.167  1.00 19.95 ? 171 VAL A C   1 
ATOM   405  O O   . VAL A 1 57  ? -14.932 -5.276  -5.155  1.00 20.09 ? 171 VAL A O   1 
ATOM   406  C CB  . VAL A 1 57  ? -12.331 -6.303  -4.563  1.00 21.43 ? 171 VAL A CB  1 
ATOM   407  C CG1 . VAL A 1 57  ? -12.617 -6.220  -3.058  1.00 22.11 ? 171 VAL A CG1 1 
ATOM   408  C CG2 . VAL A 1 57  ? -10.921 -6.910  -4.748  1.00 21.17 ? 171 VAL A CG2 1 
ATOM   409  N N   . SER A 1 58  ? -15.811 -7.327  -5.128  1.00 19.59 ? 172 SER A N   1 
ATOM   410  C CA  . SER A 1 58  ? -17.192 -6.880  -5.198  1.00 19.44 ? 172 SER A CA  1 
ATOM   411  C C   . SER A 1 58  ? -17.497 -6.031  -3.990  1.00 20.07 ? 172 SER A C   1 
ATOM   412  O O   . SER A 1 58  ? -18.410 -5.179  -4.025  1.00 19.32 ? 172 SER A O   1 
ATOM   413  C CB  . SER A 1 58  ? -18.155 -8.087  -5.203  1.00 18.78 ? 172 SER A CB  1 
ATOM   414  O OG  . SER A 1 58  ? -17.961 -8.884  -6.343  1.00 18.30 ? 172 SER A OG  1 
ATOM   415  N N   . GLU A 1 59  ? -16.791 -6.328  -2.904  1.00 20.34 ? 173 GLU A N   1 
ATOM   416  C CA  . GLU A 1 59  ? -17.030 -5.659  -1.645  1.00 21.80 ? 173 GLU A CA  1 
ATOM   417  C C   . GLU A 1 59  ? -16.477 -4.230  -1.700  1.00 21.59 ? 173 GLU A C   1 
ATOM   418  O O   . GLU A 1 59  ? -16.858 -3.363  -0.919  1.00 20.91 ? 173 GLU A O   1 
ATOM   419  C CB  . GLU A 1 59  ? -16.399 -6.447  -0.502  1.00 22.83 ? 173 GLU A CB  1 
ATOM   420  C CG  . GLU A 1 59  ? -17.086 -7.784  -0.193  1.00 26.00 ? 173 GLU A CG  1 
ATOM   421  C CD  . GLU A 1 59  ? -16.828 -8.896  -1.238  1.00 30.57 ? 173 GLU A CD  1 
ATOM   422  O OE1 . GLU A 1 59  ? -17.606 -9.893  -1.199  1.00 31.75 ? 173 GLU A OE1 1 
ATOM   423  O OE2 . GLU A 1 59  ? -15.876 -8.785  -2.095  1.00 29.74 ? 173 GLU A OE2 1 
ATOM   424  N N   . ASN A 1 60  ? -15.577 -4.001  -2.651  1.00 21.82 ? 174 ASN A N   1 
ATOM   425  C CA  . ASN A 1 60  ? -15.001 -2.682  -2.913  1.00 21.70 ? 174 ASN A CA  1 
ATOM   426  C C   . ASN A 1 60  ? -15.815 -1.963  -3.959  1.00 21.45 ? 174 ASN A C   1 
ATOM   427  O O   . ASN A 1 60  ? -16.754 -2.549  -4.509  1.00 21.45 ? 174 ASN A O   1 
ATOM   428  C CB  . ASN A 1 60  ? -13.527 -2.802  -3.322  1.00 21.27 ? 174 ASN A CB  1 
ATOM   429  C CG  . ASN A 1 60  ? -12.648 -2.955  -2.150  1.00 21.49 ? 174 ASN A CG  1 
ATOM   430  O OD1 . ASN A 1 60  ? -13.069 -2.678  -1.022  1.00 23.90 ? 174 ASN A OD1 1 
ATOM   431  N ND2 . ASN A 1 60  ? -11.436 -3.416  -2.367  1.00 21.84 ? 174 ASN A ND2 1 
ATOM   432  N N   . ASP A 1 61  ? -15.463 -0.699  -4.204  1.00 21.36 ? 175 ASP A N   1 
ATOM   433  C CA  . ASP A 1 61  ? -16.236 0.171   -5.116  1.00 21.88 ? 175 ASP A CA  1 
ATOM   434  C C   . ASP A 1 61  ? -15.491 0.425   -6.399  1.00 21.89 ? 175 ASP A C   1 
ATOM   435  O O   . ASP A 1 61  ? -15.747 1.405   -7.064  1.00 22.52 ? 175 ASP A O   1 
ATOM   436  C CB  . ASP A 1 61  ? -16.629 1.507   -4.451  1.00 20.98 ? 175 ASP A CB  1 
ATOM   437  C CG  . ASP A 1 61  ? -17.673 2.332   -5.297  1.00 24.59 ? 175 ASP A CG  1 
ATOM   438  O OD1 . ASP A 1 61  ? -18.466 1.771   -6.129  1.00 20.36 ? 175 ASP A OD1 1 
ATOM   439  O OD2 . ASP A 1 61  ? -17.744 3.590   -5.179  1.00 25.81 ? 175 ASP A OD2 1 
ATOM   440  N N   . GLY A 1 62  ? -14.563 -0.456  -6.742  1.00 22.06 ? 176 GLY A N   1 
ATOM   441  C CA  . GLY A 1 62  ? -13.798 -0.310  -7.961  1.00 22.71 ? 176 GLY A CA  1 
ATOM   442  C C   . GLY A 1 62  ? -12.979 0.956   -8.060  1.00 23.44 ? 176 GLY A C   1 
ATOM   443  O O   . GLY A 1 62  ? -12.062 1.162   -7.284  1.00 25.13 ? 176 GLY A O   1 
ATOM   444  N N   . CYS A 1 63  ? -13.294 1.796   -9.036  1.00 23.92 ? 177 CYS A N   1 
ATOM   445  C CA  . CYS A 1 63  ? -12.625 3.072   -9.215  1.00 24.05 ? 177 CYS A CA  1 
ATOM   446  C C   . CYS A 1 63  ? -13.135 4.151   -8.264  1.00 23.90 ? 177 CYS A C   1 
ATOM   447  O O   . CYS A 1 63  ? -12.603 5.272   -8.266  1.00 24.44 ? 177 CYS A O   1 
ATOM   448  C CB  . CYS A 1 63  ? -12.766 3.544   -10.666 1.00 24.16 ? 177 CYS A CB  1 
ATOM   449  S SG  . CYS A 1 63  ? -11.619 2.698   -11.819 1.00 27.00 ? 177 CYS A SG  1 
ATOM   450  N N   . GLY A 1 64  ? -14.157 3.820   -7.464  1.00 23.28 ? 178 GLY A N   1 
ATOM   451  C CA  . GLY A 1 64  ? -14.748 4.718   -6.502  1.00 22.47 ? 178 GLY A CA  1 
ATOM   452  C C   . GLY A 1 64  ? -14.297 4.476   -5.074  1.00 23.16 ? 178 GLY A C   1 
ATOM   453  O O   . GLY A 1 64  ? -14.971 4.924   -4.168  1.00 22.86 ? 178 GLY A O   1 
ATOM   454  N N   . GLY A 1 65  ? -13.156 3.791   -4.858  1.00 23.53 ? 179 GLY A N   1 
ATOM   455  C CA  . GLY A 1 65  ? -12.667 3.482   -3.513  1.00 22.71 ? 179 GLY A CA  1 
ATOM   456  C C   . GLY A 1 65  ? -12.835 2.027   -3.054  1.00 22.34 ? 179 GLY A C   1 
ATOM   457  O O   . GLY A 1 65  ? -13.513 1.236   -3.692  1.00 22.10 ? 179 GLY A O   1 
ATOM   458  N N   . GLY A 1 66  ? -12.200 1.679   -1.936  1.00 22.29 ? 180 GLY A N   1 
ATOM   459  C CA  . GLY A 1 66  ? -12.233 0.319   -1.416  1.00 22.21 ? 180 GLY A CA  1 
ATOM   460  C C   . GLY A 1 66  ? -11.213 0.029   -0.331  1.00 21.93 ? 180 GLY A C   1 
ATOM   461  O O   . GLY A 1 66  ? -10.290 0.812   -0.111  1.00 22.02 ? 180 GLY A O   1 
ATOM   462  N N   . TYR A 1 67  ? -11.384 -1.111  0.344   1.00 21.65 ? 181 TYR A N   1 
ATOM   463  C CA  . TYR A 1 67  ? -10.525 -1.541  1.456   1.00 20.62 ? 181 TYR A CA  1 
ATOM   464  C C   . TYR A 1 67  ? -9.643  -2.694  1.013   1.00 21.48 ? 181 TYR A C   1 
ATOM   465  O O   . TYR A 1 67  ? -10.135 -3.682  0.421   1.00 20.42 ? 181 TYR A O   1 
ATOM   466  C CB  . TYR A 1 67  ? -11.389 -1.986  2.679   1.00 20.27 ? 181 TYR A CB  1 
ATOM   467  C CG  . TYR A 1 67  ? -12.107 -0.813  3.318   1.00 18.51 ? 181 TYR A CG  1 
ATOM   468  C CD1 . TYR A 1 67  ? -11.378 0.233   3.848   1.00 20.12 ? 181 TYR A CD1 1 
ATOM   469  C CD2 . TYR A 1 67  ? -13.492 -0.691  3.300   1.00 20.23 ? 181 TYR A CD2 1 
ATOM   470  C CE1 . TYR A 1 67  ? -11.968 1.340   4.397   1.00 19.36 ? 181 TYR A CE1 1 
ATOM   471  C CE2 . TYR A 1 67  ? -14.118 0.448   3.862   1.00 21.35 ? 181 TYR A CE2 1 
ATOM   472  C CZ  . TYR A 1 67  ? -13.304 1.454   4.406   1.00 20.59 ? 181 TYR A CZ  1 
ATOM   473  O OH  . TYR A 1 67  ? -13.760 2.609   4.956   1.00 25.60 ? 181 TYR A OH  1 
ATOM   474  N N   . MET A 1 68  ? -8.352  -2.572  1.358   1.00 21.82 ? 182 MET A N   1 
ATOM   475  C CA  . MET A 1 68  ? -7.362  -3.650  1.228   1.00 23.09 ? 182 MET A CA  1 
ATOM   476  C C   . MET A 1 68  ? -7.672  -4.937  2.053   1.00 22.87 ? 182 MET A C   1 
ATOM   477  O O   . MET A 1 68  ? -7.272  -6.029  1.682   1.00 22.37 ? 182 MET A O   1 
ATOM   478  C CB  . MET A 1 68  ? -5.991  -3.157  1.665   1.00 24.11 ? 182 MET A CB  1 
ATOM   479  C CG  . MET A 1 68  ? -5.485  -1.988  0.884   1.00 26.99 ? 182 MET A CG  1 
ATOM   480  S SD  . MET A 1 68  ? -6.498  -0.463  1.219   1.00 32.66 ? 182 MET A SD  1 
ATOM   481  C CE  . MET A 1 68  ? -5.581  0.273   2.626   1.00 26.17 ? 182 MET A CE  1 
ATOM   482  N N   . THR A 1 69  ? -8.361  -4.783  3.179   1.00 22.20 ? 183 THR A N   1 
ATOM   483  C CA  . THR A 1 69  ? -8.864  -5.919  3.942   1.00 21.41 ? 183 THR A CA  1 
ATOM   484  C C   . THR A 1 69  ? -9.772  -6.755  3.096   1.00 20.63 ? 183 THR A C   1 
ATOM   485  O O   . THR A 1 69  ? -9.639  -7.983  3.058   1.00 20.88 ? 183 THR A O   1 
ATOM   486  C CB  . THR A 1 69  ? -9.644  -5.472  5.253   1.00 21.54 ? 183 THR A CB  1 
ATOM   487  O OG1 . THR A 1 69  ? -10.718 -4.566  4.931   1.00 23.88 ? 183 THR A OG1 1 
ATOM   488  C CG2 . THR A 1 69  ? -8.722  -4.696  6.229   1.00 19.04 ? 183 THR A CG2 1 
ATOM   489  N N   . ASN A 1 70  ? -10.701 -6.095  2.410   1.00 20.47 ? 184 ASN A N   1 
ATOM   490  C CA  . ASN A 1 70  ? -11.610 -6.792  1.495   1.00 19.57 ? 184 ASN A CA  1 
ATOM   491  C C   . ASN A 1 70  ? -10.779 -7.436  0.401   1.00 19.36 ? 184 ASN A C   1 
ATOM   492  O O   . ASN A 1 70  ? -11.130 -8.513  -0.111  1.00 18.24 ? 184 ASN A O   1 
ATOM   493  C CB  . ASN A 1 70  ? -12.617 -5.846  0.838   1.00 19.20 ? 184 ASN A CB  1 
ATOM   494  C CG  . ASN A 1 70  ? -13.537 -5.138  1.848   1.00 19.08 ? 184 ASN A CG  1 
ATOM   495  O OD1 . ASN A 1 70  ? -13.766 -5.623  2.933   1.00 18.85 ? 184 ASN A OD1 1 
ATOM   496  N ND2 . ASN A 1 70  ? -14.060 -3.970  1.463   1.00 17.04 ? 184 ASN A ND2 1 
ATOM   497  N N   . ALA A 1 71  ? -9.685  -6.767  0.041   1.00 19.45 ? 185 ALA A N   1 
ATOM   498  C CA  . ALA A 1 71  ? -8.887  -7.231  -1.083  1.00 20.71 ? 185 ALA A CA  1 
ATOM   499  C C   . ALA A 1 71  ? -8.051  -8.462  -0.718  1.00 22.13 ? 185 ALA A C   1 
ATOM   500  O O   . ALA A 1 71  ? -7.916  -9.412  -1.523  1.00 24.06 ? 185 ALA A O   1 
ATOM   501  C CB  . ALA A 1 71  ? -8.028  -6.146  -1.601  1.00 20.90 ? 185 ALA A CB  1 
ATOM   502  N N   . PHE A 1 72  ? -7.514  -8.479  0.493   1.00 21.87 ? 186 PHE A N   1 
ATOM   503  C CA  . PHE A 1 72  ? -6.734  -9.604  0.923   1.00 22.10 ? 186 PHE A CA  1 
ATOM   504  C C   . PHE A 1 72  ? -7.617  -10.845 1.015   1.00 21.96 ? 186 PHE A C   1 
ATOM   505  O O   . PHE A 1 72  ? -7.248  -11.930 0.635   1.00 21.58 ? 186 PHE A O   1 
ATOM   506  C CB  . PHE A 1 72  ? -6.134  -9.248  2.262   1.00 22.17 ? 186 PHE A CB  1 
ATOM   507  C CG  . PHE A 1 72  ? -5.039  -8.179  2.183   1.00 22.34 ? 186 PHE A CG  1 
ATOM   508  C CD1 . PHE A 1 72  ? -4.104  -8.160  1.121   1.00 20.06 ? 186 PHE A CD1 1 
ATOM   509  C CD2 . PHE A 1 72  ? -4.915  -7.221  3.203   1.00 20.60 ? 186 PHE A CD2 1 
ATOM   510  C CE1 . PHE A 1 72  ? -3.099  -7.216  1.078   1.00 18.44 ? 186 PHE A CE1 1 
ATOM   511  C CE2 . PHE A 1 72  ? -3.903  -6.290  3.167   1.00 19.55 ? 186 PHE A CE2 1 
ATOM   512  C CZ  . PHE A 1 72  ? -2.992  -6.280  2.111   1.00 20.92 ? 186 PHE A CZ  1 
ATOM   513  N N   . GLN A 1 73  ? -8.817  -10.615 1.520   1.00 22.24 ? 187 GLN A N   1 
ATOM   514  C CA  . GLN A 1 73  ? -9.841  -11.636 1.716   1.00 21.38 ? 187 GLN A CA  1 
ATOM   515  C C   . GLN A 1 73  ? -10.319 -12.243 0.414   1.00 19.12 ? 187 GLN A C   1 
ATOM   516  O O   . GLN A 1 73  ? -10.697 -13.465 0.359   1.00 16.59 ? 187 GLN A O   1 
ATOM   517  C CB  . GLN A 1 73  ? -11.036 -11.007 2.473   1.00 22.04 ? 187 GLN A CB  1 
ATOM   518  C CG  . GLN A 1 73  ? -11.991 -12.063 3.078   1.00 26.53 ? 187 GLN A CG  1 
ATOM   519  C CD  . GLN A 1 73  ? -11.737 -12.285 4.591   1.00 30.30 ? 187 GLN A CD  1 
ATOM   520  O OE1 . GLN A 1 73  ? -11.799 -11.325 5.372   1.00 32.38 ? 187 GLN A OE1 1 
ATOM   521  N NE2 . GLN A 1 73  ? -11.473 -13.535 4.989   1.00 30.48 ? 187 GLN A NE2 1 
ATOM   522  N N   . TYR A 1 74  ? -10.340 -11.379 -0.609  1.00 17.77 ? 188 TYR A N   1 
ATOM   523  C CA  . TYR A 1 74  ? -10.748 -11.783 -1.940  1.00 18.16 ? 188 TYR A CA  1 
ATOM   524  C C   . TYR A 1 74  ? -9.726  -12.759 -2.487  1.00 18.70 ? 188 TYR A C   1 
ATOM   525  O O   . TYR A 1 74  ? -10.089 -13.829 -3.003  1.00 16.72 ? 188 TYR A O   1 
ATOM   526  C CB  . TYR A 1 74  ? -10.909 -10.599 -2.900  1.00 18.28 ? 188 TYR A CB  1 
ATOM   527  C CG  . TYR A 1 74  ? -10.738 -11.033 -4.316  1.00 18.35 ? 188 TYR A CG  1 
ATOM   528  C CD1 . TYR A 1 74  ? -11.773 -11.700 -5.011  1.00 20.83 ? 188 TYR A CD1 1 
ATOM   529  C CD2 . TYR A 1 74  ? -9.530  -10.843 -4.971  1.00 18.96 ? 188 TYR A CD2 1 
ATOM   530  C CE1 . TYR A 1 74  ? -11.588 -12.156 -6.361  1.00 19.83 ? 188 TYR A CE1 1 
ATOM   531  C CE2 . TYR A 1 74  ? -9.342  -11.273 -6.304  1.00 18.76 ? 188 TYR A CE2 1 
ATOM   532  C CZ  . TYR A 1 74  ? -10.352 -11.930 -6.987  1.00 18.09 ? 188 TYR A CZ  1 
ATOM   533  O OH  . TYR A 1 74  ? -10.095 -12.392 -8.254  1.00 15.73 ? 188 TYR A OH  1 
ATOM   534  N N   . VAL A 1 75  ? -8.446  -12.392 -2.364  1.00 19.92 ? 189 VAL A N   1 
ATOM   535  C CA  . VAL A 1 75  ? -7.368  -13.228 -2.923  1.00 21.13 ? 189 VAL A CA  1 
ATOM   536  C C   . VAL A 1 75  ? -7.430  -14.609 -2.256  1.00 22.10 ? 189 VAL A C   1 
ATOM   537  O O   . VAL A 1 75  ? -7.414  -15.636 -2.916  1.00 22.62 ? 189 VAL A O   1 
ATOM   538  C CB  . VAL A 1 75  ? -5.965  -12.587 -2.722  1.00 21.36 ? 189 VAL A CB  1 
ATOM   539  C CG1 . VAL A 1 75  ? -4.889  -13.357 -3.448  1.00 20.06 ? 189 VAL A CG1 1 
ATOM   540  C CG2 . VAL A 1 75  ? -5.972  -11.148 -3.183  1.00 21.94 ? 189 VAL A CG2 1 
ATOM   541  N N   . GLN A 1 76  ? -7.548  -14.612 -0.938  1.00 22.77 ? 190 GLN A N   1 
ATOM   542  C CA  . GLN A 1 76  ? -7.693  -15.837 -0.183  1.00 24.27 ? 190 GLN A CA  1 
ATOM   543  C C   . GLN A 1 76  ? -8.879  -16.699 -0.652  1.00 23.81 ? 190 GLN A C   1 
ATOM   544  O O   . GLN A 1 76  ? -8.688  -17.779 -1.117  1.00 23.61 ? 190 GLN A O   1 
ATOM   545  C CB  . GLN A 1 76  ? -7.830  -15.518 1.321   1.00 24.99 ? 190 GLN A CB  1 
ATOM   546  C CG  . GLN A 1 76  ? -7.798  -16.799 2.166   1.00 27.85 ? 190 GLN A CG  1 
ATOM   547  C CD  . GLN A 1 76  ? -8.708  -16.768 3.364   1.00 31.10 ? 190 GLN A CD  1 
ATOM   548  O OE1 . GLN A 1 76  ? -8.475  -16.016 4.297   1.00 35.18 ? 190 GLN A OE1 1 
ATOM   549  N NE2 . GLN A 1 76  ? -9.730  -17.602 3.352   1.00 33.58 ? 190 GLN A NE2 1 
ATOM   550  N N   . LYS A 1 77  ? -10.096 -16.193 -0.505  1.00 24.23 ? 191 LYS A N   1 
ATOM   551  C CA  . LYS A 1 77  ? -11.297 -16.812 -1.034  1.00 24.56 ? 191 LYS A CA  1 
ATOM   552  C C   . LYS A 1 77  ? -11.210 -17.177 -2.535  1.00 24.57 ? 191 LYS A C   1 
ATOM   553  O O   . LYS A 1 77  ? -11.617 -18.242 -2.974  1.00 24.87 ? 191 LYS A O   1 
ATOM   554  C CB  . LYS A 1 77  ? -12.498 -15.849 -0.780  1.00 25.35 ? 191 LYS A CB  1 
ATOM   555  N N   . ASN A 1 78  ? -10.681 -16.279 -3.328  1.00 24.99 ? 192 ASN A N   1 
ATOM   556  C CA  . ASN A 1 78  ? -10.447 -16.563 -4.733  1.00 25.21 ? 192 ASN A CA  1 
ATOM   557  C C   . ASN A 1 78  ? -9.315  -17.571 -5.020  1.00 25.32 ? 192 ASN A C   1 
ATOM   558  O O   . ASN A 1 78  ? -9.173  -18.024 -6.148  1.00 24.10 ? 192 ASN A O   1 
ATOM   559  C CB  . ASN A 1 78  ? -10.117 -15.260 -5.440  1.00 25.76 ? 192 ASN A CB  1 
ATOM   560  C CG  . ASN A 1 78  ? -9.878  -15.463 -6.921  1.00 25.82 ? 192 ASN A CG  1 
ATOM   561  O OD1 . ASN A 1 78  ? -10.679 -16.110 -7.582  1.00 24.60 ? 192 ASN A OD1 1 
ATOM   562  N ND2 . ASN A 1 78  ? -8.782  -14.894 -7.447  1.00 24.25 ? 192 ASN A ND2 1 
ATOM   563  N N   . ARG A 1 79  ? -8.508  -17.898 -4.005  1.00 26.17 ? 193 ARG A N   1 
ATOM   564  C CA  . ARG A 1 79  ? -7.369  -18.843 -4.129  1.00 27.65 ? 193 ARG A CA  1 
ATOM   565  C C   . ARG A 1 79  ? -6.216  -18.244 -4.963  1.00 27.05 ? 193 ARG A C   1 
ATOM   566  O O   . ARG A 1 79  ? -5.381  -18.946 -5.567  1.00 26.17 ? 193 ARG A O   1 
ATOM   567  C CB  . ARG A 1 79  ? -7.772  -20.208 -4.732  1.00 28.61 ? 193 ARG A CB  1 
ATOM   568  C CG  . ARG A 1 79  ? -9.134  -20.795 -4.320  1.00 33.72 ? 193 ARG A CG  1 
ATOM   569  C CD  . ARG A 1 79  ? -9.291  -21.107 -2.829  1.00 39.30 ? 193 ARG A CD  1 
ATOM   570  N NE  . ARG A 1 79  ? -10.683 -21.494 -2.504  1.00 43.62 ? 193 ARG A NE  1 
ATOM   571  C CZ  . ARG A 1 79  ? -11.110 -21.895 -1.297  1.00 44.64 ? 193 ARG A CZ  1 
ATOM   572  N NH1 . ARG A 1 79  ? -10.268 -22.006 -0.262  1.00 42.87 ? 193 ARG A NH1 1 
ATOM   573  N NH2 . ARG A 1 79  ? -12.388 -22.232 -1.145  1.00 45.79 ? 193 ARG A NH2 1 
ATOM   574  N N   . GLY A 1 80  ? -6.196  -16.929 -5.009  1.00 26.48 ? 194 GLY A N   1 
ATOM   575  C CA  . GLY A 1 80  ? -5.117  -16.243 -5.639  1.00 25.48 ? 194 GLY A CA  1 
ATOM   576  C C   . GLY A 1 80  ? -5.504  -14.983 -6.362  1.00 24.39 ? 194 GLY A C   1 
ATOM   577  O O   . GLY A 1 80  ? -6.675  -14.566 -6.461  1.00 21.61 ? 194 GLY A O   1 
ATOM   578  N N   . ILE A 1 81  ? -4.413  -14.389 -6.850  1.00 23.66 ? 195 ILE A N   1 
ATOM   579  C CA  . ILE A 1 81  ? -4.438  -13.203 -7.639  1.00 23.26 ? 195 ILE A CA  1 
ATOM   580  C C   . ILE A 1 81  ? -3.439  -13.321 -8.788  1.00 22.66 ? 195 ILE A C   1 
ATOM   581  O O   . ILE A 1 81  ? -2.422  -13.947 -8.654  1.00 22.17 ? 195 ILE A O   1 
ATOM   582  C CB  . ILE A 1 81  ? -4.094  -11.989 -6.775  1.00 23.44 ? 195 ILE A CB  1 
ATOM   583  C CG1 . ILE A 1 81  ? -3.997  -10.702 -7.698  1.00 22.35 ? 195 ILE A CG1 1 
ATOM   584  C CG2 . ILE A 1 81  ? -2.846  -12.307 -5.968  1.00 22.45 ? 195 ILE A CG2 1 
ATOM   585  C CD1 . ILE A 1 81  ? -3.969  -9.377  -7.012  1.00 18.87 ? 195 ILE A CD1 1 
ATOM   586  N N   . ASP A 1 82  ? -3.761  -12.680 -9.904  1.00 22.57 ? 196 ASP A N   1 
ATOM   587  C CA  . ASP A 1 82  ? -2.918  -12.673 -11.073 1.00 22.31 ? 196 ASP A CA  1 
ATOM   588  C C   . ASP A 1 82  ? -1.799  -11.730 -10.970 1.00 22.75 ? 196 ASP A C   1 
ATOM   589  O O   . ASP A 1 82  ? -1.720  -10.909 -10.047 1.00 22.43 ? 196 ASP A O   1 
ATOM   590  C CB  . ASP A 1 82  ? -3.700  -12.324 -12.308 1.00 22.05 ? 196 ASP A CB  1 
ATOM   591  C CG  . ASP A 1 82  ? -4.638  -13.447 -12.710 1.00 23.74 ? 196 ASP A CG  1 
ATOM   592  O OD1 . ASP A 1 82  ? -4.279  -14.658 -12.499 1.00 28.27 ? 196 ASP A OD1 1 
ATOM   593  O OD2 . ASP A 1 82  ? -5.748  -13.195 -13.222 1.00 19.32 ? 196 ASP A OD2 1 
ATOM   594  N N   . SER A 1 83  ? -0.910  -11.900 -11.947 1.00 23.23 ? 197 SER A N   1 
ATOM   595  C CA  . SER A 1 83  ? 0.226   -11.026 -12.144 1.00 23.35 ? 197 SER A CA  1 
ATOM   596  C C   . SER A 1 83  ? -0.213  -9.868  -13.052 1.00 23.24 ? 197 SER A C   1 
ATOM   597  O O   . SER A 1 83  ? -1.257  -9.926  -13.687 1.00 21.82 ? 197 SER A O   1 
ATOM   598  C CB  . SER A 1 83  ? 1.309   -11.790 -12.837 1.00 22.98 ? 197 SER A CB  1 
ATOM   599  O OG  . SER A 1 83  ? 0.694   -12.253 -14.033 1.00 22.66 ? 197 SER A OG  1 
ATOM   600  N N   . GLU A 1 84  ? 0.636   -8.848  -13.101 1.00 24.06 ? 198 GLU A N   1 
ATOM   601  C CA  . GLU A 1 84  ? 0.421   -7.709  -13.936 1.00 26.03 ? 198 GLU A CA  1 
ATOM   602  C C   . GLU A 1 84  ? 0.218   -8.138  -15.415 1.00 26.74 ? 198 GLU A C   1 
ATOM   603  O O   . GLU A 1 84  ? -0.810  -7.803  -16.010 1.00 26.08 ? 198 GLU A O   1 
ATOM   604  C CB  . GLU A 1 84  ? 1.557   -6.683  -13.766 1.00 26.42 ? 198 GLU A CB  1 
ATOM   605  C CG  . GLU A 1 84  ? 1.395   -5.434  -14.652 1.00 28.59 ? 198 GLU A CG  1 
ATOM   606  C CD  . GLU A 1 84  ? -0.064  -4.970  -14.831 1.00 29.82 ? 198 GLU A CD  1 
ATOM   607  O OE1 . GLU A 1 84  ? -0.689  -4.522  -13.850 1.00 28.32 ? 198 GLU A OE1 1 
ATOM   608  O OE2 . GLU A 1 84  ? -0.587  -5.054  -15.971 1.00 33.64 ? 198 GLU A OE2 1 
ATOM   609  N N   . ASP A 1 85  ? 1.160   -8.919  -15.955 1.00 28.03 ? 199 ASP A N   1 
ATOM   610  C CA  . ASP A 1 85  ? 1.105   -9.428  -17.358 1.00 28.89 ? 199 ASP A CA  1 
ATOM   611  C C   . ASP A 1 85  ? -0.212  -10.155 -17.767 1.00 28.84 ? 199 ASP A C   1 
ATOM   612  O O   . ASP A 1 85  ? -0.810  -9.849  -18.843 1.00 29.25 ? 199 ASP A O   1 
ATOM   613  C CB  . ASP A 1 85  ? 2.297   -10.357 -17.627 1.00 29.08 ? 199 ASP A CB  1 
ATOM   614  C CG  . ASP A 1 85  ? 2.494   -10.669 -19.142 1.00 32.87 ? 199 ASP A CG  1 
ATOM   615  O OD1 . ASP A 1 85  ? 1.675   -10.208 -19.983 1.00 31.72 ? 199 ASP A OD1 1 
ATOM   616  O OD2 . ASP A 1 85  ? 3.451   -11.380 -19.571 1.00 34.31 ? 199 ASP A OD2 1 
ATOM   617  N N   . ALA A 1 86  ? -0.646  -11.095 -16.909 1.00 27.96 ? 200 ALA A N   1 
ATOM   618  C CA  . ALA A 1 86  ? -1.821  -11.937 -17.133 1.00 27.15 ? 200 ALA A CA  1 
ATOM   619  C C   . ALA A 1 86  ? -3.173  -11.153 -17.127 1.00 27.68 ? 200 ALA A C   1 
ATOM   620  O O   . ALA A 1 86  ? -4.092  -11.494 -17.895 1.00 28.06 ? 200 ALA A O   1 
ATOM   621  C CB  . ALA A 1 86  ? -1.864  -13.047 -16.077 1.00 26.78 ? 200 ALA A CB  1 
ATOM   622  N N   . TYR A 1 87  ? -3.288  -10.115 -16.269 1.00 26.77 ? 201 TYR A N   1 
ATOM   623  C CA  . TYR A 1 87  ? -4.489  -9.251  -16.150 1.00 24.74 ? 201 TYR A CA  1 
ATOM   624  C C   . TYR A 1 87  ? -4.002  -7.768  -16.006 1.00 24.52 ? 201 TYR A C   1 
ATOM   625  O O   . TYR A 1 87  ? -3.864  -7.284  -14.867 1.00 24.25 ? 201 TYR A O   1 
ATOM   626  C CB  . TYR A 1 87  ? -5.248  -9.729  -14.922 1.00 23.81 ? 201 TYR A CB  1 
ATOM   627  C CG  . TYR A 1 87  ? -6.665  -9.309  -14.798 1.00 22.15 ? 201 TYR A CG  1 
ATOM   628  C CD1 . TYR A 1 87  ? -7.581  -10.093 -14.112 1.00 18.98 ? 201 TYR A CD1 1 
ATOM   629  C CD2 . TYR A 1 87  ? -7.102  -8.122  -15.333 1.00 22.60 ? 201 TYR A CD2 1 
ATOM   630  C CE1 . TYR A 1 87  ? -8.892  -9.693  -13.953 1.00 18.45 ? 201 TYR A CE1 1 
ATOM   631  C CE2 . TYR A 1 87  ? -8.398  -7.741  -15.193 1.00 22.14 ? 201 TYR A CE2 1 
ATOM   632  C CZ  . TYR A 1 87  ? -9.305  -8.529  -14.495 1.00 20.13 ? 201 TYR A CZ  1 
ATOM   633  O OH  . TYR A 1 87  ? -10.631 -8.121  -14.412 1.00 20.42 ? 201 TYR A OH  1 
ATOM   634  N N   . PRO A 1 88  ? -3.709  -7.089  -17.142 1.00 24.07 ? 202 PRO A N   1 
ATOM   635  C CA  . PRO A 1 88  ? -3.064  -5.752  -17.182 1.00 23.89 ? 202 PRO A CA  1 
ATOM   636  C C   . PRO A 1 88  ? -3.884  -4.510  -16.767 1.00 24.26 ? 202 PRO A C   1 
ATOM   637  O O   . PRO A 1 88  ? -5.046  -4.307  -17.148 1.00 25.40 ? 202 PRO A O   1 
ATOM   638  C CB  . PRO A 1 88  ? -2.657  -5.586  -18.671 1.00 23.59 ? 202 PRO A CB  1 
ATOM   639  C CG  . PRO A 1 88  ? -2.753  -6.938  -19.264 1.00 24.35 ? 202 PRO A CG  1 
ATOM   640  C CD  . PRO A 1 88  ? -3.923  -7.595  -18.516 1.00 24.32 ? 202 PRO A CD  1 
ATOM   641  N N   . TYR A 1 89  ? -3.246  -3.619  -16.033 1.00 23.73 ? 203 TYR A N   1 
ATOM   642  C CA  . TYR A 1 89  ? -3.924  -2.426  -15.608 1.00 23.72 ? 203 TYR A CA  1 
ATOM   643  C C   . TYR A 1 89  ? -4.440  -1.620  -16.810 1.00 24.24 ? 203 TYR A C   1 
ATOM   644  O O   . TYR A 1 89  ? -3.680  -1.252  -17.708 1.00 24.88 ? 203 TYR A O   1 
ATOM   645  C CB  . TYR A 1 89  ? -2.987  -1.585  -14.713 1.00 23.24 ? 203 TYR A CB  1 
ATOM   646  C CG  . TYR A 1 89  ? -3.729  -0.444  -14.085 1.00 20.14 ? 203 TYR A CG  1 
ATOM   647  C CD1 . TYR A 1 89  ? -4.750  -0.686  -13.135 1.00 16.43 ? 203 TYR A CD1 1 
ATOM   648  C CD2 . TYR A 1 89  ? -3.471  0.883   -14.486 1.00 16.39 ? 203 TYR A CD2 1 
ATOM   649  C CE1 . TYR A 1 89  ? -5.457  0.401   -12.570 1.00 17.39 ? 203 TYR A CE1 1 
ATOM   650  C CE2 . TYR A 1 89  ? -4.160  1.953   -13.944 1.00 14.03 ? 203 TYR A CE2 1 
ATOM   651  C CZ  . TYR A 1 89  ? -5.145  1.706   -12.997 1.00 16.77 ? 203 TYR A CZ  1 
ATOM   652  O OH  . TYR A 1 89  ? -5.842  2.754   -12.479 1.00 21.55 ? 203 TYR A OH  1 
ATOM   653  N N   . VAL A 1 90  ? -5.738  -1.366  -16.838 1.00 24.65 ? 204 VAL A N   1 
ATOM   654  C CA  . VAL A 1 90  ? -6.308  -0.534  -17.905 1.00 25.14 ? 204 VAL A CA  1 
ATOM   655  C C   . VAL A 1 90  ? -6.779  0.849   -17.425 1.00 25.39 ? 204 VAL A C   1 
ATOM   656  O O   . VAL A 1 90  ? -6.910  1.764   -18.208 1.00 25.68 ? 204 VAL A O   1 
ATOM   657  C CB  . VAL A 1 90  ? -7.446  -1.280  -18.705 1.00 25.33 ? 204 VAL A CB  1 
ATOM   658  C CG1 . VAL A 1 90  ? -6.840  -2.334  -19.655 1.00 23.99 ? 204 VAL A CG1 1 
ATOM   659  C CG2 . VAL A 1 90  ? -8.485  -1.895  -17.797 1.00 25.11 ? 204 VAL A CG2 1 
ATOM   660  N N   . GLY A 1 91  ? -6.978  1.033   -16.137 1.00 26.05 ? 205 GLY A N   1 
ATOM   661  C CA  . GLY A 1 91  ? -7.430  2.326   -15.652 1.00 27.50 ? 205 GLY A CA  1 
ATOM   662  C C   . GLY A 1 91  ? -8.925  2.508   -15.386 1.00 28.31 ? 205 GLY A C   1 
ATOM   663  O O   . GLY A 1 91  ? -9.314  3.562   -14.871 1.00 29.09 ? 205 GLY A O   1 
ATOM   664  N N   . GLN A 1 92  ? -9.754  1.517   -15.721 1.00 28.59 ? 206 GLN A N   1 
ATOM   665  C CA  . GLN A 1 92  ? -11.195 1.629   -15.528 1.00 29.10 ? 206 GLN A CA  1 
ATOM   666  C C   . GLN A 1 92  ? -11.799 0.296   -15.147 1.00 29.09 ? 206 GLN A C   1 
ATOM   667  O O   . GLN A 1 92  ? -11.210 -0.742  -15.463 1.00 30.12 ? 206 GLN A O   1 
ATOM   668  C CB  . GLN A 1 92  ? -11.879 2.233   -16.790 1.00 29.60 ? 206 GLN A CB  1 
ATOM   669  C CG  . GLN A 1 92  ? -11.706 1.452   -18.098 1.00 30.51 ? 206 GLN A CG  1 
ATOM   670  C CD  . GLN A 1 92  ? -12.775 1.793   -19.180 1.00 31.86 ? 206 GLN A CD  1 
ATOM   671  O OE1 . GLN A 1 92  ? -14.013 1.594   -19.002 1.00 33.40 ? 206 GLN A OE1 1 
ATOM   672  N NE2 . GLN A 1 92  ? -12.292 2.270   -20.303 1.00 30.42 ? 206 GLN A NE2 1 
ATOM   673  N N   . GLU A 1 93  ? -12.958 0.312   -14.481 1.00 28.43 ? 207 GLU A N   1 
ATOM   674  C CA  . GLU A 1 93  ? -13.525 -0.902  -13.971 1.00 28.60 ? 207 GLU A CA  1 
ATOM   675  C C   . GLU A 1 93  ? -14.165 -1.648  -15.087 1.00 28.98 ? 207 GLU A C   1 
ATOM   676  O O   . GLU A 1 93  ? -14.760 -1.053  -15.975 1.00 29.30 ? 207 GLU A O   1 
ATOM   677  C CB  . GLU A 1 93  ? -14.569 -0.668  -12.894 1.00 29.68 ? 207 GLU A CB  1 
ATOM   678  C CG  . GLU A 1 93  ? -14.978 -1.978  -12.188 1.00 30.81 ? 207 GLU A CG  1 
ATOM   679  C CD  . GLU A 1 93  ? -15.944 -1.760  -11.026 1.00 31.75 ? 207 GLU A CD  1 
ATOM   680  O OE1 . GLU A 1 93  ? -15.531 -1.254  -9.989  1.00 29.96 ? 207 GLU A OE1 1 
ATOM   681  O OE2 . GLU A 1 93  ? -17.125 -2.120  -11.137 1.00 35.15 ? 207 GLU A OE2 1 
ATOM   682  N N   . GLU A 1 94  ? -14.042 -2.967  -15.044 1.00 28.78 ? 208 GLU A N   1 
ATOM   683  C CA  . GLU A 1 94  ? -14.565 -3.796  -16.098 1.00 29.04 ? 208 GLU A CA  1 
ATOM   684  C C   . GLU A 1 94  ? -15.032 -5.122  -15.560 1.00 28.60 ? 208 GLU A C   1 
ATOM   685  O O   . GLU A 1 94  ? -14.894 -5.426  -14.370 1.00 28.89 ? 208 GLU A O   1 
ATOM   686  C CB  . GLU A 1 94  ? -13.504 -4.016  -17.166 1.00 29.09 ? 208 GLU A CB  1 
ATOM   687  C CG  . GLU A 1 94  ? -12.989 -2.689  -17.669 1.00 31.22 ? 208 GLU A CG  1 
ATOM   688  C CD  . GLU A 1 94  ? -12.827 -2.601  -19.153 1.00 32.87 ? 208 GLU A CD  1 
ATOM   689  O OE1 . GLU A 1 94  ? -12.946 -1.450  -19.667 1.00 32.59 ? 208 GLU A OE1 1 
ATOM   690  O OE2 . GLU A 1 94  ? -12.553 -3.659  -19.760 1.00 32.03 ? 208 GLU A OE2 1 
ATOM   691  N N   . SER A 1 95  ? -15.616 -5.900  -16.449 1.00 27.71 ? 209 SER A N   1 
ATOM   692  C CA  . SER A 1 95  ? -16.024 -7.258  -16.103 1.00 27.10 ? 209 SER A CA  1 
ATOM   693  C C   . SER A 1 95  ? -14.826 -8.081  -15.554 1.00 27.40 ? 209 SER A C   1 
ATOM   694  O O   . SER A 1 95  ? -13.832 -8.253  -16.238 1.00 29.27 ? 209 SER A O   1 
ATOM   695  C CB  . SER A 1 95  ? -16.625 -7.909  -17.340 1.00 25.80 ? 209 SER A CB  1 
ATOM   696  O OG  . SER A 1 95  ? -16.616 -9.264  -17.205 1.00 22.80 ? 209 SER A OG  1 
ATOM   697  N N   . CYS A 1 96  ? -14.914 -8.550  -14.320 1.00 27.02 ? 210 CYS A N   1 
ATOM   698  C CA  . CYS A 1 96  ? -13.908 -9.421  -13.750 1.00 27.21 ? 210 CYS A CA  1 
ATOM   699  C C   . CYS A 1 96  ? -13.486 -10.512 -14.746 1.00 27.41 ? 210 CYS A C   1 
ATOM   700  O O   . CYS A 1 96  ? -14.298 -11.329 -15.196 1.00 25.54 ? 210 CYS A O   1 
ATOM   701  C CB  . CYS A 1 96  ? -14.447 -10.076 -12.442 1.00 27.98 ? 210 CYS A CB  1 
ATOM   702  S SG  . CYS A 1 96  ? -13.299 -11.212 -11.588 1.00 28.39 ? 210 CYS A SG  1 
ATOM   703  N N   . MET A 1 97  ? -12.182 -10.539 -15.027 1.00 28.13 ? 211 MET A N   1 
ATOM   704  C CA  . MET A 1 97  ? -11.602 -11.409 -16.045 1.00 28.47 ? 211 MET A CA  1 
ATOM   705  C C   . MET A 1 97  ? -10.533 -12.289 -15.416 1.00 27.29 ? 211 MET A C   1 
ATOM   706  O O   . MET A 1 97  ? -9.488  -12.509 -16.005 1.00 28.00 ? 211 MET A O   1 
ATOM   707  C CB  . MET A 1 97  ? -10.940 -10.535 -17.114 1.00 29.43 ? 211 MET A CB  1 
ATOM   708  C CG  . MET A 1 97  ? -11.842 -9.911  -18.165 1.00 31.69 ? 211 MET A CG  1 
ATOM   709  S SD  . MET A 1 97  ? -10.678 -9.249  -19.454 1.00 36.35 ? 211 MET A SD  1 
ATOM   710  C CE  . MET A 1 97  ? -9.895  -7.714  -18.516 1.00 33.17 ? 211 MET A CE  1 
ATOM   711  N N   . TYR A 1 98  ? -10.764 -12.768 -14.210 1.00 26.12 ? 212 TYR A N   1 
ATOM   712  C CA  . TYR A 1 98  ? -9.720  -13.492 -13.526 1.00 25.35 ? 212 TYR A CA  1 
ATOM   713  C C   . TYR A 1 98  ? -9.498  -14.852 -14.203 1.00 24.82 ? 212 TYR A C   1 
ATOM   714  O O   . TYR A 1 98  ? -10.447 -15.543 -14.555 1.00 23.72 ? 212 TYR A O   1 
ATOM   715  C CB  . TYR A 1 98  ? -10.039 -13.673 -12.044 1.00 24.82 ? 212 TYR A CB  1 
ATOM   716  C CG  . TYR A 1 98  ? -9.084  -14.656 -11.356 1.00 24.45 ? 212 TYR A CG  1 
ATOM   717  C CD1 . TYR A 1 98  ? -9.430  -15.980 -11.202 1.00 25.78 ? 212 TYR A CD1 1 
ATOM   718  C CD2 . TYR A 1 98  ? -7.844  -14.244 -10.861 1.00 24.26 ? 212 TYR A CD2 1 
ATOM   719  C CE1 . TYR A 1 98  ? -8.587  -16.869 -10.575 1.00 25.81 ? 212 TYR A CE1 1 
ATOM   720  C CE2 . TYR A 1 98  ? -6.989  -15.117 -10.222 1.00 23.02 ? 212 TYR A CE2 1 
ATOM   721  C CZ  . TYR A 1 98  ? -7.372  -16.434 -10.083 1.00 24.34 ? 212 TYR A CZ  1 
ATOM   722  O OH  . TYR A 1 98  ? -6.563  -17.347 -9.465  1.00 25.69 ? 212 TYR A OH  1 
ATOM   723  N N   . ASN A 1 99  ? -8.226  -15.226 -14.330 1.00 24.28 ? 213 ASN A N   1 
ATOM   724  C CA  . ASN A 1 99  ? -7.831  -16.547 -14.861 1.00 24.34 ? 213 ASN A CA  1 
ATOM   725  C C   . ASN A 1 99  ? -6.837  -17.290 -13.944 1.00 22.68 ? 213 ASN A C   1 
ATOM   726  O O   . ASN A 1 99  ? -5.778  -16.803 -13.673 1.00 20.97 ? 213 ASN A O   1 
ATOM   727  C CB  . ASN A 1 99  ? -7.243  -16.422 -16.287 1.00 24.23 ? 213 ASN A CB  1 
ATOM   728  C CG  . ASN A 1 99  ? -7.081  -17.783 -16.968 1.00 24.41 ? 213 ASN A CG  1 
ATOM   729  O OD1 . ASN A 1 99  ? -6.933  -18.795 -16.286 1.00 24.80 ? 213 ASN A OD1 1 
ATOM   730  N ND2 . ASN A 1 99  ? -7.058  -17.802 -18.300 1.00 21.33 ? 213 ASN A ND2 1 
ATOM   731  N N   . PRO A 1 100 ? -7.193  -18.463 -13.466 1.00 22.21 ? 214 PRO A N   1 
ATOM   732  C CA  . PRO A 1 100 ? -6.278  -19.236 -12.624 1.00 22.36 ? 214 PRO A CA  1 
ATOM   733  C C   . PRO A 1 100 ? -4.881  -19.485 -13.182 1.00 21.68 ? 214 PRO A C   1 
ATOM   734  O O   . PRO A 1 100 ? -4.049  -19.898 -12.434 1.00 21.60 ? 214 PRO A O   1 
ATOM   735  C CB  . PRO A 1 100 ? -7.014  -20.580 -12.431 1.00 22.03 ? 214 PRO A CB  1 
ATOM   736  C CG  . PRO A 1 100 ? -8.122  -20.556 -13.316 1.00 22.38 ? 214 PRO A CG  1 
ATOM   737  C CD  . PRO A 1 100 ? -8.481  -19.143 -13.620 1.00 22.87 ? 214 PRO A CD  1 
ATOM   738  N N   . THR A 1 101 ? -4.654  -19.258 -14.465 1.00 22.10 ? 215 THR A N   1 
ATOM   739  C CA  . THR A 1 101 ? -3.378  -19.523 -15.140 1.00 21.49 ? 215 THR A CA  1 
ATOM   740  C C   . THR A 1 101 ? -2.401  -18.389 -14.835 1.00 22.04 ? 215 THR A C   1 
ATOM   741  O O   . THR A 1 101 ? -1.177  -18.576 -14.774 1.00 21.91 ? 215 THR A O   1 
ATOM   742  C CB  . THR A 1 101 ? -3.629  -19.615 -16.672 1.00 21.90 ? 215 THR A CB  1 
ATOM   743  O OG1 . THR A 1 101 ? -4.341  -20.821 -17.002 1.00 20.63 ? 215 THR A OG1 1 
ATOM   744  C CG2 . THR A 1 101 ? -2.347  -19.694 -17.505 1.00 21.00 ? 215 THR A CG2 1 
ATOM   745  N N   . GLY A 1 102 ? -2.929  -17.195 -14.622 1.00 22.23 ? 216 GLY A N   1 
ATOM   746  C CA  . GLY A 1 102 ? -2.100  -16.085 -14.209 1.00 22.19 ? 216 GLY A CA  1 
ATOM   747  C C   . GLY A 1 102 ? -1.655  -16.082 -12.755 1.00 22.21 ? 216 GLY A C   1 
ATOM   748  O O   . GLY A 1 102 ? -0.918  -15.141 -12.332 1.00 22.57 ? 216 GLY A O   1 
ATOM   749  N N   . LYS A 1 103 ? -2.044  -17.095 -11.972 1.00 21.27 ? 217 LYS A N   1 
ATOM   750  C CA  . LYS A 1 103 ? -1.901  -16.944 -10.522 1.00 21.32 ? 217 LYS A CA  1 
ATOM   751  C C   . LYS A 1 103 ? -0.456  -16.747 -10.195 1.00 20.82 ? 217 LYS A C   1 
ATOM   752  O O   . LYS A 1 103 ? 0.372   -17.531 -10.623 1.00 20.99 ? 217 LYS A O   1 
ATOM   753  C CB  . LYS A 1 103 ? -2.447  -18.139 -9.741  1.00 21.40 ? 217 LYS A CB  1 
ATOM   754  C CG  . LYS A 1 103 ? -1.892  -18.222 -8.327  1.00 22.66 ? 217 LYS A CG  1 
ATOM   755  C CD  . LYS A 1 103 ? -2.849  -18.887 -7.410  1.00 26.92 ? 217 LYS A CD  1 
ATOM   756  C CE  . LYS A 1 103 ? -3.374  -20.233 -7.908  1.00 27.08 ? 217 LYS A CE  1 
ATOM   757  N NZ  . LYS A 1 103 ? -4.306  -20.811 -6.876  1.00 27.97 ? 217 LYS A NZ  1 
ATOM   758  N N   . ALA A 1 104 ? -0.142  -15.714 -9.440  1.00 20.20 ? 218 ALA A N   1 
ATOM   759  C CA  . ALA A 1 104 ? 1.245   -15.498 -9.066  1.00 20.74 ? 218 ALA A CA  1 
ATOM   760  C C   . ALA A 1 104 ? 1.470   -15.161 -7.575  1.00 20.91 ? 218 ALA A C   1 
ATOM   761  O O   . ALA A 1 104 ? 2.609   -14.923 -7.172  1.00 20.87 ? 218 ALA A O   1 
ATOM   762  C CB  . ALA A 1 104 ? 1.863   -14.447 -9.976  1.00 20.48 ? 218 ALA A CB  1 
ATOM   763  N N   . ALA A 1 105 ? 0.401   -15.166 -6.768  1.00 20.71 ? 219 ALA A N   1 
ATOM   764  C CA  . ALA A 1 105 ? 0.499   -14.981 -5.310  1.00 19.91 ? 219 ALA A CA  1 
ATOM   765  C C   . ALA A 1 105 ? -0.702  -15.621 -4.629  1.00 20.45 ? 219 ALA A C   1 
ATOM   766  O O   . ALA A 1 105 ? -1.807  -15.742 -5.203  1.00 20.55 ? 219 ALA A O   1 
ATOM   767  C CB  . ALA A 1 105 ? 0.553   -13.526 -4.948  1.00 19.45 ? 219 ALA A CB  1 
ATOM   768  N N   . LYS A 1 106 ? -0.487  -16.049 -3.398  1.00 20.63 ? 220 LYS A N   1 
ATOM   769  C CA  . LYS A 1 106 ? -1.578  -16.570 -2.602  1.00 21.35 ? 220 LYS A CA  1 
ATOM   770  C C   . LYS A 1 106 ? -1.616  -15.861 -1.275  1.00 20.70 ? 220 LYS A C   1 
ATOM   771  O O   . LYS A 1 106 ? -0.668  -15.200 -0.886  1.00 20.37 ? 220 LYS A O   1 
ATOM   772  C CB  . LYS A 1 106 ? -1.484  -18.130 -2.425  1.00 22.40 ? 220 LYS A CB  1 
ATOM   773  N N   . CYS A 1 107 ? -2.744  -16.016 -0.613  1.00 20.15 ? 221 CYS A N   1 
ATOM   774  C CA  . CYS A 1 107 ? -3.068  -15.278 0.561   1.00 20.21 ? 221 CYS A CA  1 
ATOM   775  C C   . CYS A 1 107 ? -3.945  -16.204 1.348   1.00 20.82 ? 221 CYS A C   1 
ATOM   776  O O   . CYS A 1 107 ? -4.794  -16.889 0.793   1.00 19.51 ? 221 CYS A O   1 
ATOM   777  C CB  . CYS A 1 107 ? -3.834  -14.049 0.150   1.00 19.93 ? 221 CYS A CB  1 
ATOM   778  S SG  . CYS A 1 107 ? -4.239  -13.011 1.557   1.00 21.50 ? 221 CYS A SG  1 
ATOM   779  N N   . ARG A 1 108 ? -3.728  -16.275 2.634   1.00 22.39 ? 222 ARG A N   1 
ATOM   780  C CA  . ARG A 1 108 ? -4.548  -17.155 3.435   1.00 24.90 ? 222 ARG A CA  1 
ATOM   781  C C   . ARG A 1 108 ? -5.120  -16.434 4.660   1.00 25.16 ? 222 ARG A C   1 
ATOM   782  O O   . ARG A 1 108 ? -5.573  -17.080 5.567   1.00 24.05 ? 222 ARG A O   1 
ATOM   783  C CB  . ARG A 1 108 ? -3.766  -18.420 3.807   1.00 26.34 ? 222 ARG A CB  1 
ATOM   784  C CG  . ARG A 1 108 ? -2.718  -18.166 4.866   1.00 31.41 ? 222 ARG A CG  1 
ATOM   785  C CD  . ARG A 1 108 ? -1.410  -18.977 4.762   1.00 35.22 ? 222 ARG A CD  1 
ATOM   786  N NE  . ARG A 1 108 ? -0.372  -18.347 5.598   1.00 37.37 ? 222 ARG A NE  1 
ATOM   787  C CZ  . ARG A 1 108 ? -0.448  -18.219 6.927   1.00 39.53 ? 222 ARG A CZ  1 
ATOM   788  N NH1 . ARG A 1 108 ? -1.505  -18.697 7.607   1.00 37.62 ? 222 ARG A NH1 1 
ATOM   789  N NH2 . ARG A 1 108 ? 0.551   -17.603 7.582   1.00 41.67 ? 222 ARG A NH2 1 
ATOM   790  N N   . GLY A 1 109 ? -5.147  -15.088 4.624   1.00 26.49 ? 223 GLY A N   1 
ATOM   791  C CA  . GLY A 1 109 ? -5.782  -14.241 5.636   1.00 26.62 ? 223 GLY A CA  1 
ATOM   792  C C   . GLY A 1 109 ? -5.094  -12.883 5.777   1.00 26.52 ? 223 GLY A C   1 
ATOM   793  O O   . GLY A 1 109 ? -4.306  -12.520 4.925   1.00 26.33 ? 223 GLY A O   1 
ATOM   794  N N   . TYR A 1 110 ? -5.418  -12.118 6.816   1.00 26.40 ? 224 TYR A N   1 
ATOM   795  C CA  . TYR A 1 110 ? -4.782  -10.829 7.019   1.00 26.61 ? 224 TYR A CA  1 
ATOM   796  C C   . TYR A 1 110 ? -4.908  -10.407 8.462   1.00 28.03 ? 224 TYR A C   1 
ATOM   797  O O   . TYR A 1 110 ? -5.725  -10.969 9.198   1.00 27.14 ? 224 TYR A O   1 
ATOM   798  C CB  . TYR A 1 110 ? -5.405  -9.739  6.133   1.00 26.29 ? 224 TYR A CB  1 
ATOM   799  C CG  . TYR A 1 110 ? -6.845  -9.435  6.490   1.00 25.41 ? 224 TYR A CG  1 
ATOM   800  C CD1 . TYR A 1 110 ? -7.162  -8.524  7.480   1.00 24.50 ? 224 TYR A CD1 1 
ATOM   801  C CD2 . TYR A 1 110 ? -7.882  -10.095 5.854   1.00 26.96 ? 224 TYR A CD2 1 
ATOM   802  C CE1 . TYR A 1 110 ? -8.468  -8.256  7.826   1.00 26.86 ? 224 TYR A CE1 1 
ATOM   803  C CE2 . TYR A 1 110 ? -9.197  -9.849  6.176   1.00 26.91 ? 224 TYR A CE2 1 
ATOM   804  C CZ  . TYR A 1 110 ? -9.506  -8.925  7.176   1.00 28.24 ? 224 TYR A CZ  1 
ATOM   805  O OH  . TYR A 1 110 ? -10.845 -8.667  7.509   1.00 26.59 ? 224 TYR A OH  1 
ATOM   806  N N   . ARG A 1 111 ? -4.134  -9.361  8.819   1.00 29.53 ? 225 ARG A N   1 
ATOM   807  C CA  . ARG A 1 111 ? -3.996  -8.868  10.194  1.00 30.63 ? 225 ARG A CA  1 
ATOM   808  C C   . ARG A 1 111 ? -4.012  -7.346  10.172  1.00 29.45 ? 225 ARG A C   1 
ATOM   809  O O   . ARG A 1 111 ? -3.111  -6.710  9.615   1.00 31.63 ? 225 ARG A O   1 
ATOM   810  C CB  . ARG A 1 111 ? -2.683  -9.420  10.836  1.00 32.27 ? 225 ARG A CB  1 
ATOM   811  C CG  . ARG A 1 111 ? -2.251  -8.805  12.196  1.00 36.53 ? 225 ARG A CG  1 
ATOM   812  C CD  . ARG A 1 111 ? -1.163  -9.649  13.004  1.00 43.07 ? 225 ARG A CD  1 
ATOM   813  N NE  . ARG A 1 111 ? -0.127  -8.790  13.646  1.00 47.34 ? 225 ARG A NE  1 
ATOM   814  C CZ  . ARG A 1 111 ? 0.930   -9.223  14.375  1.00 49.24 ? 225 ARG A CZ  1 
ATOM   815  N NH1 . ARG A 1 111 ? 1.789   -8.326  14.878  1.00 49.47 ? 225 ARG A NH1 1 
ATOM   816  N NH2 . ARG A 1 111 ? 1.130   -10.531 14.618  1.00 48.22 ? 225 ARG A NH2 1 
ATOM   817  N N   . GLU A 1 112 ? -5.035  -6.777  10.789  1.00 27.21 ? 226 GLU A N   1 
ATOM   818  C CA  . GLU A 1 112 ? -5.183  -5.351  10.942  1.00 25.94 ? 226 GLU A CA  1 
ATOM   819  C C   . GLU A 1 112 ? -4.356  -4.871  12.158  1.00 24.68 ? 226 GLU A C   1 
ATOM   820  O O   . GLU A 1 112 ? -4.203  -5.599  13.138  1.00 24.78 ? 226 GLU A O   1 
ATOM   821  C CB  . GLU A 1 112 ? -6.682  -4.979  11.102  1.00 26.11 ? 226 GLU A CB  1 
ATOM   822  C CG  . GLU A 1 112 ? -7.604  -5.519  9.978   1.00 26.82 ? 226 GLU A CG  1 
ATOM   823  C CD  . GLU A 1 112 ? -9.061  -5.022  10.027  1.00 30.33 ? 226 GLU A CD  1 
ATOM   824  O OE1 . GLU A 1 112 ? -9.895  -5.483  10.865  1.00 31.18 ? 226 GLU A OE1 1 
ATOM   825  O OE2 . GLU A 1 112 ? -9.408  -4.162  9.201   1.00 31.78 ? 226 GLU A OE2 1 
ATOM   826  N N   . ILE A 1 113 ? -3.817  -3.648  12.108  1.00 22.51 ? 227 ILE A N   1 
ATOM   827  C CA  . ILE A 1 113 ? -2.962  -3.156  13.187  1.00 20.75 ? 227 ILE A CA  1 
ATOM   828  C C   . ILE A 1 113 ? -3.942  -2.444  14.097  1.00 21.47 ? 227 ILE A C   1 
ATOM   829  O O   . ILE A 1 113 ? -4.845  -1.738  13.602  1.00 22.41 ? 227 ILE A O   1 
ATOM   830  C CB  . ILE A 1 113 ? -1.876  -2.126  12.659  1.00 20.20 ? 227 ILE A CB  1 
ATOM   831  C CG1 . ILE A 1 113 ? -0.933  -2.768  11.644  1.00 18.48 ? 227 ILE A CG1 1 
ATOM   832  C CG2 . ILE A 1 113 ? -1.067  -1.481  13.808  1.00 18.13 ? 227 ILE A CG2 1 
ATOM   833  C CD1 . ILE A 1 113 ? -0.237  -4.006  12.166  1.00 16.58 ? 227 ILE A CD1 1 
ATOM   834  N N   . PRO A 1 114 ? -3.795  -2.606  15.406  1.00 21.06 ? 228 PRO A N   1 
ATOM   835  C CA  . PRO A 1 114 ? -4.710  -1.931  16.330  1.00 21.44 ? 228 PRO A CA  1 
ATOM   836  C C   . PRO A 1 114 ? -4.777  -0.399  16.061  1.00 22.61 ? 228 PRO A C   1 
ATOM   837  O O   . PRO A 1 114 ? -3.781  0.342   16.179  1.00 23.68 ? 228 PRO A O   1 
ATOM   838  C CB  . PRO A 1 114 ? -4.144  -2.260  17.707  1.00 20.76 ? 228 PRO A CB  1 
ATOM   839  C CG  . PRO A 1 114 ? -3.307  -3.504  17.514  1.00 20.89 ? 228 PRO A CG  1 
ATOM   840  C CD  . PRO A 1 114 ? -2.763  -3.416  16.106  1.00 21.45 ? 228 PRO A CD  1 
ATOM   841  N N   . GLU A 1 115 ? -5.969  0.056   15.712  1.00 22.38 ? 229 GLU A N   1 
ATOM   842  C CA  . GLU A 1 115 ? -6.168  1.391   15.222  1.00 22.83 ? 229 GLU A CA  1 
ATOM   843  C C   . GLU A 1 115 ? -5.419  2.447   15.996  1.00 22.67 ? 229 GLU A C   1 
ATOM   844  O O   . GLU A 1 115 ? -5.642  2.622   17.188  1.00 22.70 ? 229 GLU A O   1 
ATOM   845  C CB  . GLU A 1 115 ? -7.661  1.714   15.252  1.00 23.07 ? 229 GLU A CB  1 
ATOM   846  C CG  . GLU A 1 115 ? -8.014  2.843   14.336  1.00 24.36 ? 229 GLU A CG  1 
ATOM   847  C CD  . GLU A 1 115 ? -9.356  3.396   14.648  1.00 28.22 ? 229 GLU A CD  1 
ATOM   848  O OE1 . GLU A 1 115 ? -9.922  2.980   15.668  1.00 33.66 ? 229 GLU A OE1 1 
ATOM   849  O OE2 . GLU A 1 115 ? -9.833  4.265   13.907  1.00 30.92 ? 229 GLU A OE2 1 
ATOM   850  N N   . GLY A 1 116 ? -4.572  3.187   15.305  1.00 22.73 ? 230 GLY A N   1 
ATOM   851  C CA  . GLY A 1 116 ? -3.870  4.297   15.906  1.00 22.88 ? 230 GLY A CA  1 
ATOM   852  C C   . GLY A 1 116 ? -2.584  3.942   16.630  1.00 23.64 ? 230 GLY A C   1 
ATOM   853  O O   . GLY A 1 116 ? -1.881  4.858   17.083  1.00 25.01 ? 230 GLY A O   1 
ATOM   854  N N   . ASN A 1 117 ? -2.249  2.658   16.760  1.00 23.45 ? 231 ASN A N   1 
ATOM   855  C CA  . ASN A 1 117 ? -1.079  2.249   17.541  1.00 23.42 ? 231 ASN A CA  1 
ATOM   856  C C   . ASN A 1 117 ? 0.158   2.165   16.674  1.00 23.85 ? 231 ASN A C   1 
ATOM   857  O O   . ASN A 1 117 ? 0.492   1.116   16.163  1.00 24.12 ? 231 ASN A O   1 
ATOM   858  C CB  . ASN A 1 117 ? -1.334  0.877   18.144  1.00 24.35 ? 231 ASN A CB  1 
ATOM   859  C CG  . ASN A 1 117 ? -0.294  0.477   19.181  1.00 22.30 ? 231 ASN A CG  1 
ATOM   860  O OD1 . ASN A 1 117 ? 0.798   1.036   19.250  1.00 18.87 ? 231 ASN A OD1 1 
ATOM   861  N ND2 . ASN A 1 117 ? -0.663  -0.494  20.009  1.00 19.67 ? 231 ASN A ND2 1 
ATOM   862  N N   . GLU A 1 118 ? 0.856   3.280   16.530  1.00 24.54 ? 232 GLU A N   1 
ATOM   863  C CA  . GLU A 1 118 ? 2.045   3.387   15.705  1.00 24.37 ? 232 GLU A CA  1 
ATOM   864  C C   . GLU A 1 118 ? 3.158   2.446   16.131  1.00 25.03 ? 232 GLU A C   1 
ATOM   865  O O   . GLU A 1 118 ? 4.009   2.028   15.326  1.00 24.43 ? 232 GLU A O   1 
ATOM   866  C CB  . GLU A 1 118 ? 2.549   4.809   15.749  1.00 25.21 ? 232 GLU A CB  1 
ATOM   867  N N   . LYS A 1 119 ? 3.173   2.136   17.410  1.00 25.53 ? 233 LYS A N   1 
ATOM   868  C CA  . LYS A 1 119 ? 4.166   1.248   17.916  1.00 26.76 ? 233 LYS A CA  1 
ATOM   869  C C   . LYS A 1 119 ? 4.017   -0.102  17.247  1.00 26.67 ? 233 LYS A C   1 
ATOM   870  O O   . LYS A 1 119 ? 4.977   -0.680  16.771  1.00 27.70 ? 233 LYS A O   1 
ATOM   871  C CB  . LYS A 1 119 ? 4.017   1.097   19.409  1.00 26.99 ? 233 LYS A CB  1 
ATOM   872  C CG  . LYS A 1 119 ? 5.278   0.572   20.052  1.00 30.94 ? 233 LYS A CG  1 
ATOM   873  C CD  . LYS A 1 119 ? 5.148   0.550   21.576  1.00 36.01 ? 233 LYS A CD  1 
ATOM   874  C CE  . LYS A 1 119 ? 6.205   -0.359  22.270  1.00 37.57 ? 233 LYS A CE  1 
ATOM   875  N NZ  . LYS A 1 119 ? 6.103   -0.203  23.771  1.00 37.70 ? 233 LYS A NZ  1 
ATOM   876  N N   . ALA A 1 120 ? 2.799   -0.609  17.254  1.00 26.29 ? 234 ALA A N   1 
ATOM   877  C CA  . ALA A 1 120 ? 2.471   -1.905  16.654  1.00 25.40 ? 234 ALA A CA  1 
ATOM   878  C C   . ALA A 1 120 ? 2.696   -1.948  15.132  1.00 25.17 ? 234 ALA A C   1 
ATOM   879  O O   . ALA A 1 120 ? 2.938   -3.001  14.584  1.00 23.65 ? 234 ALA A O   1 
ATOM   880  C CB  . ALA A 1 120 ? 1.026   -2.245  16.956  1.00 24.74 ? 234 ALA A CB  1 
ATOM   881  N N   . LEU A 1 121 ? 2.559   -0.806  14.468  1.00 25.43 ? 235 LEU A N   1 
ATOM   882  C CA  . LEU A 1 121 ? 2.791   -0.707  13.036  1.00 25.49 ? 235 LEU A CA  1 
ATOM   883  C C   . LEU A 1 121 ? 4.260   -0.786  12.756  1.00 24.78 ? 235 LEU A C   1 
ATOM   884  O O   . LEU A 1 121 ? 4.662   -1.273  11.723  1.00 24.17 ? 235 LEU A O   1 
ATOM   885  C CB  . LEU A 1 121 ? 2.277   0.614   12.496  1.00 25.73 ? 235 LEU A CB  1 
ATOM   886  C CG  . LEU A 1 121 ? 2.538   0.816   11.005  1.00 28.49 ? 235 LEU A CG  1 
ATOM   887  C CD1 . LEU A 1 121 ? 2.113   -0.434  10.174  1.00 29.72 ? 235 LEU A CD1 1 
ATOM   888  C CD2 . LEU A 1 121 ? 1.802   2.102   10.507  1.00 29.48 ? 235 LEU A CD2 1 
ATOM   889  N N   . LYS A 1 122 ? 5.058   -0.306  13.698  1.00 25.00 ? 236 LYS A N   1 
ATOM   890  C CA  . LYS A 1 122 ? 6.493   -0.366  13.594  1.00 24.73 ? 236 LYS A CA  1 
ATOM   891  C C   . LYS A 1 122 ? 6.977   -1.790  13.748  1.00 25.26 ? 236 LYS A C   1 
ATOM   892  O O   . LYS A 1 122 ? 7.949   -2.172  13.104  1.00 26.19 ? 236 LYS A O   1 
ATOM   893  C CB  . LYS A 1 122 ? 7.145   0.498   14.653  1.00 25.04 ? 236 LYS A CB  1 
ATOM   894  C CG  . LYS A 1 122 ? 8.663   0.547   14.498  1.00 25.04 ? 236 LYS A CG  1 
ATOM   895  C CD  . LYS A 1 122 ? 9.346   1.071   15.714  1.00 23.24 ? 236 LYS A CD  1 
ATOM   896  C CE  . LYS A 1 122 ? 10.815  0.712   15.667  1.00 23.35 ? 236 LYS A CE  1 
ATOM   897  N NZ  . LYS A 1 122 ? 11.510  1.304   16.838  1.00 21.38 ? 236 LYS A NZ  1 
ATOM   898  N N   . ARG A 1 123 ? 6.282   -2.600  14.547  1.00 24.80 ? 237 ARG A N   1 
ATOM   899  C CA  . ARG A 1 123 ? 6.615   -4.024  14.657  1.00 24.56 ? 237 ARG A CA  1 
ATOM   900  C C   . ARG A 1 123 ? 6.191   -4.840  13.470  1.00 22.32 ? 237 ARG A C   1 
ATOM   901  O O   . ARG A 1 123 ? 6.811   -5.821  13.176  1.00 22.39 ? 237 ARG A O   1 
ATOM   902  C CB  . ARG A 1 123 ? 5.990   -4.639  15.894  1.00 25.62 ? 237 ARG A CB  1 
ATOM   903  C CG  . ARG A 1 123 ? 6.048   -3.723  17.074  1.00 31.57 ? 237 ARG A CG  1 
ATOM   904  C CD  . ARG A 1 123 ? 5.486   -4.339  18.355  1.00 38.25 ? 237 ARG A CD  1 
ATOM   905  N NE  . ARG A 1 123 ? 4.630   -3.384  19.105  1.00 39.49 ? 237 ARG A NE  1 
ATOM   906  C CZ  . ARG A 1 123 ? 3.338   -3.574  19.374  1.00 39.93 ? 237 ARG A CZ  1 
ATOM   907  N NH1 . ARG A 1 123 ? 2.688   -4.675  18.919  1.00 37.83 ? 237 ARG A NH1 1 
ATOM   908  N NH2 . ARG A 1 123 ? 2.677   -2.641  20.073  1.00 40.51 ? 237 ARG A NH2 1 
ATOM   909  N N   . ALA A 1 124 ? 5.130   -4.443  12.799  1.00 21.03 ? 238 ALA A N   1 
ATOM   910  C CA  . ALA A 1 124 ? 4.563   -5.222  11.701  1.00 20.88 ? 238 ALA A CA  1 
ATOM   911  C C   . ALA A 1 124 ? 5.409   -4.982  10.487  1.00 21.09 ? 238 ALA A C   1 
ATOM   912  O O   . ALA A 1 124 ? 5.739   -5.905  9.788   1.00 21.20 ? 238 ALA A O   1 
ATOM   913  C CB  . ALA A 1 124 ? 3.121   -4.830  11.443  1.00 19.62 ? 238 ALA A CB  1 
ATOM   914  N N   . VAL A 1 125 ? 5.791   -3.730  10.278  1.00 22.22 ? 239 VAL A N   1 
ATOM   915  C CA  . VAL A 1 125 ? 6.787   -3.366  9.263   1.00 23.16 ? 239 VAL A CA  1 
ATOM   916  C C   . VAL A 1 125 ? 8.107   -4.118  9.486   1.00 22.95 ? 239 VAL A C   1 
ATOM   917  O O   . VAL A 1 125 ? 8.644   -4.722  8.566   1.00 24.60 ? 239 VAL A O   1 
ATOM   918  C CB  . VAL A 1 125 ? 7.041   -1.795  9.169   1.00 23.49 ? 239 VAL A CB  1 
ATOM   919  C CG1 . VAL A 1 125 ? 8.197   -1.484  8.205   1.00 25.47 ? 239 VAL A CG1 1 
ATOM   920  C CG2 . VAL A 1 125 ? 5.797   -1.052  8.724   1.00 20.55 ? 239 VAL A CG2 1 
ATOM   921  N N   . ALA A 1 126 ? 8.600   -4.136  10.712  1.00 22.76 ? 240 ALA A N   1 
ATOM   922  C CA  . ALA A 1 126 ? 9.806   -4.920  11.035  1.00 21.69 ? 240 ALA A CA  1 
ATOM   923  C C   . ALA A 1 126 ? 9.633   -6.422  10.817  1.00 20.74 ? 240 ALA A C   1 
ATOM   924  O O   . ALA A 1 126 ? 10.207  -6.967  9.894   1.00 20.66 ? 240 ALA A O   1 
ATOM   925  C CB  . ALA A 1 126 ? 10.291  -4.611  12.453  1.00 20.85 ? 240 ALA A CB  1 
ATOM   926  N N   . ARG A 1 127 ? 8.843   -7.087  11.647  1.00 20.15 ? 241 ARG A N   1 
ATOM   927  C CA  . ARG A 1 127 ? 8.750   -8.556  11.598  1.00 20.19 ? 241 ARG A CA  1 
ATOM   928  C C   . ARG A 1 127 ? 8.002   -9.179  10.418  1.00 20.38 ? 241 ARG A C   1 
ATOM   929  O O   . ARG A 1 127 ? 8.167   -10.376 10.176  1.00 18.08 ? 241 ARG A O   1 
ATOM   930  C CB  . ARG A 1 127 ? 8.079   -9.048  12.834  1.00 20.02 ? 241 ARG A CB  1 
ATOM   931  C CG  . ARG A 1 127 ? 8.822   -8.704  14.035  1.00 20.74 ? 241 ARG A CG  1 
ATOM   932  C CD  . ARG A 1 127 ? 8.104   -9.084  15.253  1.00 17.92 ? 241 ARG A CD  1 
ATOM   933  N NE  . ARG A 1 127 ? 8.867   -8.721  16.411  1.00 21.15 ? 241 ARG A NE  1 
ATOM   934  C CZ  . ARG A 1 127 ? 8.389   -8.816  17.645  1.00 23.94 ? 241 ARG A CZ  1 
ATOM   935  N NH1 . ARG A 1 127 ? 7.161   -9.280  17.849  1.00 23.76 ? 241 ARG A NH1 1 
ATOM   936  N NH2 . ARG A 1 127 ? 9.130   -8.458  18.678  1.00 22.78 ? 241 ARG A NH2 1 
ATOM   937  N N   . VAL A 1 128 ? 7.179   -8.358  9.720   1.00 21.43 ? 242 VAL A N   1 
ATOM   938  C CA  . VAL A 1 128 ? 6.352   -8.776  8.561   1.00 21.91 ? 242 VAL A CA  1 
ATOM   939  C C   . VAL A 1 128 ? 6.903   -8.250  7.197   1.00 21.90 ? 242 VAL A C   1 
ATOM   940  O O   . VAL A 1 128 ? 7.313   -9.022  6.328   1.00 22.09 ? 242 VAL A O   1 
ATOM   941  C CB  . VAL A 1 128 ? 4.838   -8.343  8.718   1.00 21.96 ? 242 VAL A CB  1 
ATOM   942  C CG1 . VAL A 1 128 ? 3.985   -8.816  7.553   1.00 21.53 ? 242 VAL A CG1 1 
ATOM   943  C CG2 . VAL A 1 128 ? 4.235   -8.857  10.035  1.00 23.53 ? 242 VAL A CG2 1 
ATOM   944  N N   . GLY A 1 129 ? 6.899   -6.945  6.998   1.00 21.86 ? 243 GLY A N   1 
ATOM   945  C CA  . GLY A 1 129 ? 7.365   -6.398  5.730   1.00 21.55 ? 243 GLY A CA  1 
ATOM   946  C C   . GLY A 1 129 ? 6.677   -5.073  5.446   1.00 21.15 ? 243 GLY A C   1 
ATOM   947  O O   . GLY A 1 129 ? 6.226   -4.417  6.407   1.00 20.87 ? 243 GLY A O   1 
ATOM   948  N N   . PRO A 1 130 ? 6.537   -4.735  4.148   1.00 19.65 ? 244 PRO A N   1 
ATOM   949  C CA  . PRO A 1 130 ? 5.756   -3.605  3.672   1.00 19.12 ? 244 PRO A CA  1 
ATOM   950  C C   . PRO A 1 130 ? 4.275   -3.740  3.998   1.00 18.67 ? 244 PRO A C   1 
ATOM   951  O O   . PRO A 1 130 ? 3.661   -4.677  3.564   1.00 19.32 ? 244 PRO A O   1 
ATOM   952  C CB  . PRO A 1 130 ? 5.940   -3.677  2.173   1.00 18.56 ? 244 PRO A CB  1 
ATOM   953  C CG  . PRO A 1 130 ? 7.139   -4.358  1.998   1.00 19.28 ? 244 PRO A CG  1 
ATOM   954  C CD  . PRO A 1 130 ? 7.113   -5.455  3.013   1.00 20.50 ? 244 PRO A CD  1 
ATOM   955  N N   . VAL A 1 131 ? 3.725   -2.811  4.753   1.00 18.31 ? 245 VAL A N   1 
ATOM   956  C CA  . VAL A 1 131 ? 2.366   -2.915  5.262   1.00 18.41 ? 245 VAL A CA  1 
ATOM   957  C C   . VAL A 1 131 ? 1.472   -1.950  4.561   1.00 17.03 ? 245 VAL A C   1 
ATOM   958  O O   . VAL A 1 131 ? 1.883   -0.827  4.278   1.00 16.99 ? 245 VAL A O   1 
ATOM   959  C CB  . VAL A 1 131 ? 2.360   -2.599  6.799   1.00 18.35 ? 245 VAL A CB  1 
ATOM   960  C CG1 . VAL A 1 131 ? 0.951   -2.218  7.304   1.00 21.19 ? 245 VAL A CG1 1 
ATOM   961  C CG2 . VAL A 1 131 ? 2.903   -3.785  7.554   1.00 18.43 ? 245 VAL A CG2 1 
ATOM   962  N N   . SER A 1 132 ? 0.235   -2.368  4.321   1.00 16.54 ? 246 SER A N   1 
ATOM   963  C CA  . SER A 1 132 ? -0.779  -1.465  3.726   1.00 15.47 ? 246 SER A CA  1 
ATOM   964  C C   . SER A 1 132 ? -1.373  -0.504  4.770   1.00 16.14 ? 246 SER A C   1 
ATOM   965  O O   . SER A 1 132 ? -1.917  -0.933  5.773   1.00 15.44 ? 246 SER A O   1 
ATOM   966  C CB  . SER A 1 132 ? -1.896  -2.252  3.116   1.00 14.55 ? 246 SER A CB  1 
ATOM   967  O OG  . SER A 1 132 ? -1.475  -2.861  1.926   1.00 14.42 ? 246 SER A OG  1 
ATOM   968  N N   . VAL A 1 133 ? -1.266  0.805   4.506   1.00 16.50 ? 247 VAL A N   1 
ATOM   969  C CA  . VAL A 1 133 ? -1.898  1.834   5.327   1.00 16.07 ? 247 VAL A CA  1 
ATOM   970  C C   . VAL A 1 133 ? -2.748  2.802   4.519   1.00 14.45 ? 247 VAL A C   1 
ATOM   971  O O   . VAL A 1 133 ? -2.722  2.792   3.317   1.00 15.27 ? 247 VAL A O   1 
ATOM   972  C CB  . VAL A 1 133 ? -0.869  2.627   6.050   1.00 16.96 ? 247 VAL A CB  1 
ATOM   973  C CG1 . VAL A 1 133 ? -0.235  1.787   7.104   1.00 17.92 ? 247 VAL A CG1 1 
ATOM   974  C CG2 . VAL A 1 133 ? 0.180   3.175   5.054   1.00 19.61 ? 247 VAL A CG2 1 
ATOM   975  N N   . ALA A 1 134 ? -3.511  3.632   5.197   1.00 13.26 ? 248 ALA A N   1 
ATOM   976  C CA  . ALA A 1 134 ? -4.293  4.660   4.550   1.00 13.18 ? 248 ALA A CA  1 
ATOM   977  C C   . ALA A 1 134 ? -4.115  6.032   5.257   1.00 13.97 ? 248 ALA A C   1 
ATOM   978  O O   . ALA A 1 134 ? -3.712  6.096   6.416   1.00 14.34 ? 248 ALA A O   1 
ATOM   979  C CB  . ALA A 1 134 ? -5.736  4.233   4.510   1.00 13.06 ? 248 ALA A CB  1 
ATOM   980  N N   . ILE A 1 135 ? -4.405  7.130   4.558   1.00 14.53 ? 249 ILE A N   1 
ATOM   981  C CA  . ILE A 1 135 ? -4.112  8.435   5.067   1.00 14.23 ? 249 ILE A CA  1 
ATOM   982  C C   . ILE A 1 135 ? -5.018  9.497   4.537   1.00 15.92 ? 249 ILE A C   1 
ATOM   983  O O   . ILE A 1 135 ? -5.715  9.287   3.552   1.00 15.75 ? 249 ILE A O   1 
ATOM   984  C CB  . ILE A 1 135 ? -2.670  8.789   4.728   1.00 14.45 ? 249 ILE A CB  1 
ATOM   985  C CG1 . ILE A 1 135 ? -2.422  8.732   3.207   1.00 12.56 ? 249 ILE A CG1 1 
ATOM   986  C CG2 . ILE A 1 135 ? -1.671  7.893   5.572   1.00 13.98 ? 249 ILE A CG2 1 
ATOM   987  C CD1 . ILE A 1 135 ? -1.050  9.268   2.768   1.00 9.25  ? 249 ILE A CD1 1 
ATOM   988  N N   . ASP A 1 136 ? -5.003  10.646  5.235   1.00 18.20 ? 250 ASP A N   1 
ATOM   989  C CA  . ASP A 1 136 ? -5.430  11.951  4.690   1.00 19.78 ? 250 ASP A CA  1 
ATOM   990  C C   . ASP A 1 136 ? -4.365  12.484  3.729   1.00 20.05 ? 250 ASP A C   1 
ATOM   991  O O   . ASP A 1 136 ? -3.290  12.871  4.129   1.00 20.01 ? 250 ASP A O   1 
ATOM   992  C CB  . ASP A 1 136 ? -5.647  12.976  5.823   1.00 20.53 ? 250 ASP A CB  1 
ATOM   993  C CG  . ASP A 1 136 ? -6.284  14.308  5.331   1.00 21.35 ? 250 ASP A CG  1 
ATOM   994  O OD1 . ASP A 1 136 ? -6.085  14.696  4.173   1.00 21.16 ? 250 ASP A OD1 1 
ATOM   995  O OD2 . ASP A 1 136 ? -7.025  15.023  6.042   1.00 25.14 ? 250 ASP A OD2 1 
ATOM   996  N N   . ALA A 1 137 ? -4.688  12.473  2.446   1.00 21.98 ? 251 ALA A N   1 
ATOM   997  C CA  . ALA A 1 137 ? -3.798  12.961  1.387   1.00 22.49 ? 251 ALA A CA  1 
ATOM   998  C C   . ALA A 1 137 ? -4.379  14.186  0.615   1.00 22.70 ? 251 ALA A C   1 
ATOM   999  O O   . ALA A 1 137 ? -3.851  14.623  -0.416  1.00 22.69 ? 251 ALA A O   1 
ATOM   1000 C CB  . ALA A 1 137 ? -3.502  11.826  0.474   1.00 22.21 ? 251 ALA A CB  1 
ATOM   1001 N N   . SER A 1 138 ? -5.413  14.776  1.200   1.00 23.90 ? 252 SER A N   1 
ATOM   1002 C CA  . SER A 1 138 ? -6.171  15.893  0.625   1.00 25.10 ? 252 SER A CA  1 
ATOM   1003 C C   . SER A 1 138 ? -5.487  17.241  0.786   1.00 24.95 ? 252 SER A C   1 
ATOM   1004 O O   . SER A 1 138 ? -5.867  18.218  0.150   1.00 25.32 ? 252 SER A O   1 
ATOM   1005 C CB  . SER A 1 138 ? -7.551  15.952  1.296   1.00 24.90 ? 252 SER A CB  1 
ATOM   1006 O OG  . SER A 1 138 ? -7.389  16.511  2.610   1.00 25.53 ? 252 SER A OG  1 
ATOM   1007 N N   . LEU A 1 139 ? -4.501  17.328  1.652   1.00 25.99 ? 253 LEU A N   1 
ATOM   1008 C CA  . LEU A 1 139 ? -3.778  18.613  1.773   1.00 26.73 ? 253 LEU A CA  1 
ATOM   1009 C C   . LEU A 1 139 ? -2.860  18.903  0.582   1.00 26.34 ? 253 LEU A C   1 
ATOM   1010 O O   . LEU A 1 139 ? -2.213  17.982  0.075   1.00 26.39 ? 253 LEU A O   1 
ATOM   1011 C CB  . LEU A 1 139 ? -2.956  18.694  3.058   1.00 27.10 ? 253 LEU A CB  1 
ATOM   1012 C CG  . LEU A 1 139 ? -3.816  18.608  4.316   1.00 27.68 ? 253 LEU A CG  1 
ATOM   1013 C CD1 . LEU A 1 139 ? -2.833  18.538  5.501   1.00 30.38 ? 253 LEU A CD1 1 
ATOM   1014 C CD2 . LEU A 1 139 ? -4.775  19.790  4.407   1.00 23.82 ? 253 LEU A CD2 1 
ATOM   1015 N N   . THR A 1 140 ? -2.813  20.186  0.195   1.00 25.34 ? 254 THR A N   1 
ATOM   1016 C CA  . THR A 1 140 ? -1.948  20.709  -0.855  1.00 24.82 ? 254 THR A CA  1 
ATOM   1017 C C   . THR A 1 140 ? -0.490  20.424  -0.560  1.00 24.61 ? 254 THR A C   1 
ATOM   1018 O O   . THR A 1 140 ? 0.252   20.120  -1.469  1.00 24.64 ? 254 THR A O   1 
ATOM   1019 C CB  . THR A 1 140 ? -2.084  22.277  -0.971  1.00 25.05 ? 254 THR A CB  1 
ATOM   1020 O OG1 . THR A 1 140 ? -3.432  22.715  -0.768  1.00 24.34 ? 254 THR A OG1 1 
ATOM   1021 C CG2 . THR A 1 140 ? -1.764  22.765  -2.369  1.00 26.12 ? 254 THR A CG2 1 
ATOM   1022 N N   . SER A 1 141 ? -0.070  20.579  0.702   1.00 23.91 ? 255 SER A N   1 
ATOM   1023 C CA  . SER A 1 141 ? 1.323   20.332  1.089   1.00 23.68 ? 255 SER A CA  1 
ATOM   1024 C C   . SER A 1 141 ? 1.810   18.933  0.622   1.00 23.10 ? 255 SER A C   1 
ATOM   1025 O O   . SER A 1 141 ? 2.938   18.725  0.171   1.00 22.47 ? 255 SER A O   1 
ATOM   1026 C CB  . SER A 1 141 ? 1.487   20.523  2.601   1.00 23.16 ? 255 SER A CB  1 
ATOM   1027 O OG  . SER A 1 141 ? 0.339   20.046  3.291   1.00 23.69 ? 255 SER A OG  1 
ATOM   1028 N N   . PHE A 1 142 ? 0.910   17.987  0.724   1.00 23.29 ? 256 PHE A N   1 
ATOM   1029 C CA  . PHE A 1 142 ? 1.162   16.628  0.323   1.00 24.17 ? 256 PHE A CA  1 
ATOM   1030 C C   . PHE A 1 142 ? 1.340   16.508  -1.192  1.00 24.51 ? 256 PHE A C   1 
ATOM   1031 O O   . PHE A 1 142 ? 2.213   15.762  -1.682  1.00 24.10 ? 256 PHE A O   1 
ATOM   1032 C CB  . PHE A 1 142 ? -0.011  15.767  0.761   1.00 24.49 ? 256 PHE A CB  1 
ATOM   1033 C CG  . PHE A 1 142 ? 0.255   14.303  0.694   1.00 25.10 ? 256 PHE A CG  1 
ATOM   1034 C CD1 . PHE A 1 142 ? -0.022  13.594  -0.464  1.00 26.81 ? 256 PHE A CD1 1 
ATOM   1035 C CD2 . PHE A 1 142 ? 0.707   13.626  1.813   1.00 25.88 ? 256 PHE A CD2 1 
ATOM   1036 C CE1 . PHE A 1 142 ? 0.208   12.227  -0.525  1.00 27.76 ? 256 PHE A CE1 1 
ATOM   1037 C CE2 . PHE A 1 142 ? 0.937   12.262  1.785   1.00 26.75 ? 256 PHE A CE2 1 
ATOM   1038 C CZ  . PHE A 1 142 ? 0.709   11.558  0.617   1.00 28.82 ? 256 PHE A CZ  1 
ATOM   1039 N N   . GLN A 1 143 ? 0.488   17.227  -1.928  1.00 24.46 ? 257 GLN A N   1 
ATOM   1040 C CA  . GLN A 1 143 ? 0.503   17.166  -3.383  1.00 24.09 ? 257 GLN A CA  1 
ATOM   1041 C C   . GLN A 1 143 ? 1.894   17.572  -3.873  1.00 23.46 ? 257 GLN A C   1 
ATOM   1042 O O   . GLN A 1 143 ? 2.514   16.835  -4.654  1.00 21.91 ? 257 GLN A O   1 
ATOM   1043 C CB  . GLN A 1 143 ? -0.561  18.052  -4.017  1.00 24.30 ? 257 GLN A CB  1 
ATOM   1044 C CG  . GLN A 1 143 ? -1.951  18.020  -3.386  1.00 25.69 ? 257 GLN A CG  1 
ATOM   1045 C CD  . GLN A 1 143 ? -2.807  16.830  -3.779  1.00 25.60 ? 257 GLN A CD  1 
ATOM   1046 O OE1 . GLN A 1 143 ? -3.010  16.555  -4.966  1.00 24.60 ? 257 GLN A OE1 1 
ATOM   1047 N NE2 . GLN A 1 143 ? -3.357  16.141  -2.767  1.00 26.75 ? 257 GLN A NE2 1 
ATOM   1048 N N   . PHE A 1 144 ? 2.398   18.707  -3.357  1.00 23.42 ? 258 PHE A N   1 
ATOM   1049 C CA  . PHE A 1 144 ? 3.679   19.255  -3.813  1.00 23.27 ? 258 PHE A CA  1 
ATOM   1050 C C   . PHE A 1 144 ? 4.882   18.741  -3.060  1.00 22.27 ? 258 PHE A C   1 
ATOM   1051 O O   . PHE A 1 144 ? 6.008   19.188  -3.286  1.00 22.14 ? 258 PHE A O   1 
ATOM   1052 C CB  . PHE A 1 144 ? 3.657   20.777  -3.908  1.00 23.18 ? 258 PHE A CB  1 
ATOM   1053 C CG  . PHE A 1 144 ? 3.548   21.482  -2.590  1.00 25.66 ? 258 PHE A CG  1 
ATOM   1054 C CD1 . PHE A 1 144 ? 4.493   21.300  -1.580  1.00 25.95 ? 258 PHE A CD1 1 
ATOM   1055 C CD2 . PHE A 1 144 ? 2.500   22.386  -2.367  1.00 27.99 ? 258 PHE A CD2 1 
ATOM   1056 C CE1 . PHE A 1 144 ? 4.375   21.950  -0.375  1.00 26.64 ? 258 PHE A CE1 1 
ATOM   1057 C CE2 . PHE A 1 144 ? 2.395   23.083  -1.132  1.00 26.85 ? 258 PHE A CE2 1 
ATOM   1058 C CZ  . PHE A 1 144 ? 3.325   22.863  -0.158  1.00 26.17 ? 258 PHE A CZ  1 
ATOM   1059 N N   . TYR A 1 145 ? 4.651   17.765  -2.190  1.00 22.27 ? 259 TYR A N   1 
ATOM   1060 C CA  . TYR A 1 145 ? 5.740   17.125  -1.469  1.00 21.52 ? 259 TYR A CA  1 
ATOM   1061 C C   . TYR A 1 145 ? 6.875   16.811  -2.433  1.00 20.28 ? 259 TYR A C   1 
ATOM   1062 O O   . TYR A 1 145 ? 6.634   16.317  -3.522  1.00 19.84 ? 259 TYR A O   1 
ATOM   1063 C CB  . TYR A 1 145 ? 5.293   15.821  -0.827  1.00 21.81 ? 259 TYR A CB  1 
ATOM   1064 C CG  . TYR A 1 145 ? 6.484   15.142  -0.259  1.00 22.61 ? 259 TYR A CG  1 
ATOM   1065 C CD1 . TYR A 1 145 ? 7.023   15.559  0.970   1.00 21.35 ? 259 TYR A CD1 1 
ATOM   1066 C CD2 . TYR A 1 145 ? 7.151   14.159  -0.978  1.00 23.81 ? 259 TYR A CD2 1 
ATOM   1067 C CE1 . TYR A 1 145 ? 8.149   14.946  1.510   1.00 21.40 ? 259 TYR A CE1 1 
ATOM   1068 C CE2 . TYR A 1 145 ? 8.310   13.547  -0.443  1.00 25.51 ? 259 TYR A CE2 1 
ATOM   1069 C CZ  . TYR A 1 145 ? 8.795   13.939  0.808   1.00 21.92 ? 259 TYR A CZ  1 
ATOM   1070 O OH  . TYR A 1 145 ? 9.920   13.345  1.323   1.00 21.66 ? 259 TYR A OH  1 
ATOM   1071 N N   . SER A 1 146 ? 8.100   17.121  -2.040  1.00 19.44 ? 260 SER A N   1 
ATOM   1072 C CA  . SER A 1 146 ? 9.279   16.807  -2.842  1.00 19.74 ? 260 SER A CA  1 
ATOM   1073 C C   . SER A 1 146 ? 10.425  16.120  -2.085  1.00 19.43 ? 260 SER A C   1 
ATOM   1074 O O   . SER A 1 146 ? 10.916  15.131  -2.558  1.00 19.45 ? 260 SER A O   1 
ATOM   1075 C CB  . SER A 1 146 ? 9.821   18.072  -3.511  1.00 20.27 ? 260 SER A CB  1 
ATOM   1076 O OG  . SER A 1 146 ? 10.421  18.923  -2.545  1.00 19.58 ? 260 SER A OG  1 
ATOM   1077 N N   . LYS A 1 147 ? 10.845  16.686  -0.951  1.00 19.95 ? 261 LYS A N   1 
ATOM   1078 C CA  . LYS A 1 147 ? 11.981  16.197  -0.146  1.00 21.03 ? 261 LYS A CA  1 
ATOM   1079 C C   . LYS A 1 147 ? 11.698  16.385  1.326   1.00 19.70 ? 261 LYS A C   1 
ATOM   1080 O O   . LYS A 1 147 ? 10.893  17.205  1.700   1.00 19.39 ? 261 LYS A O   1 
ATOM   1081 C CB  . LYS A 1 147 ? 13.282  16.950  -0.481  1.00 22.03 ? 261 LYS A CB  1 
ATOM   1082 C CG  . LYS A 1 147 ? 13.247  18.389  0.052   1.00 25.55 ? 261 LYS A CG  1 
ATOM   1083 C CD  . LYS A 1 147 ? 14.365  19.250  -0.508  1.00 29.29 ? 261 LYS A CD  1 
ATOM   1084 C CE  . LYS A 1 147 ? 14.341  20.628  0.174   1.00 30.31 ? 261 LYS A CE  1 
ATOM   1085 N NZ  . LYS A 1 147 ? 15.159  21.684  -0.525  1.00 31.54 ? 261 LYS A NZ  1 
ATOM   1086 N N   . GLY A 1 148 ? 12.377  15.626  2.169   1.00 19.58 ? 262 GLY A N   1 
ATOM   1087 C CA  . GLY A 1 148 ? 12.261  15.804  3.608   1.00 19.13 ? 262 GLY A CA  1 
ATOM   1088 C C   . GLY A 1 148 ? 11.180  14.955  4.256   1.00 19.56 ? 262 GLY A C   1 
ATOM   1089 O O   . GLY A 1 148 ? 10.712  13.911  3.694   1.00 18.63 ? 262 GLY A O   1 
ATOM   1090 N N   . VAL A 1 149 ? 10.794  15.399  5.468   1.00 18.39 ? 263 VAL A N   1 
ATOM   1091 C CA  . VAL A 1 149 ? 9.876   14.631  6.288   1.00 17.50 ? 263 VAL A CA  1 
ATOM   1092 C C   . VAL A 1 149 ? 8.559   15.390  6.457   1.00 18.30 ? 263 VAL A C   1 
ATOM   1093 O O   . VAL A 1 149 ? 8.459   16.386  7.182   1.00 18.63 ? 263 VAL A O   1 
ATOM   1094 C CB  . VAL A 1 149 ? 10.514  14.224  7.625   1.00 16.84 ? 263 VAL A CB  1 
ATOM   1095 C CG1 . VAL A 1 149 ? 9.541   13.341  8.482   1.00 14.78 ? 263 VAL A CG1 1 
ATOM   1096 C CG2 . VAL A 1 149 ? 11.772  13.501  7.345   1.00 14.91 ? 263 VAL A CG2 1 
ATOM   1097 N N   . TYR A 1 150 ? 7.561   14.898  5.736   1.00 18.66 ? 264 TYR A N   1 
ATOM   1098 C CA  . TYR A 1 150 ? 6.285   15.541  5.622   1.00 18.94 ? 264 TYR A CA  1 
ATOM   1099 C C   . TYR A 1 150 ? 5.564   15.566  6.987   1.00 20.55 ? 264 TYR A C   1 
ATOM   1100 O O   . TYR A 1 150 ? 5.353   14.517  7.627   1.00 19.43 ? 264 TYR A O   1 
ATOM   1101 C CB  . TYR A 1 150 ? 5.421   14.831  4.584   1.00 17.93 ? 264 TYR A CB  1 
ATOM   1102 C CG  . TYR A 1 150 ? 4.054   15.486  4.427   1.00 18.70 ? 264 TYR A CG  1 
ATOM   1103 C CD1 . TYR A 1 150 ? 3.883   16.572  3.543   1.00 15.57 ? 264 TYR A CD1 1 
ATOM   1104 C CD2 . TYR A 1 150 ? 2.952   15.055  5.169   1.00 16.36 ? 264 TYR A CD2 1 
ATOM   1105 C CE1 . TYR A 1 150 ? 2.690   17.172  3.356   1.00 13.80 ? 264 TYR A CE1 1 
ATOM   1106 C CE2 . TYR A 1 150 ? 1.721   15.674  4.997   1.00 18.70 ? 264 TYR A CE2 1 
ATOM   1107 C CZ  . TYR A 1 150 ? 1.591   16.745  4.054   1.00 17.38 ? 264 TYR A CZ  1 
ATOM   1108 O OH  . TYR A 1 150 ? 0.371   17.376  3.833   1.00 13.63 ? 264 TYR A OH  1 
ATOM   1109 N N   . TYR A 1 151 ? 5.258   16.812  7.408   1.00 21.55 ? 265 TYR A N   1 
ATOM   1110 C CA  . TYR A 1 151 ? 4.423   17.132  8.547   1.00 21.12 ? 265 TYR A CA  1 
ATOM   1111 C C   . TYR A 1 151 ? 3.643   18.473  8.307   1.00 21.04 ? 265 TYR A C   1 
ATOM   1112 O O   . TYR A 1 151 ? 4.222   19.523  8.018   1.00 18.98 ? 265 TYR A O   1 
ATOM   1113 C CB  . TYR A 1 151 ? 5.245   17.235  9.820   1.00 21.77 ? 265 TYR A CB  1 
ATOM   1114 C CG  . TYR A 1 151 ? 4.308   17.541  10.946  1.00 22.04 ? 265 TYR A CG  1 
ATOM   1115 C CD1 . TYR A 1 151 ? 3.545   16.541  11.494  1.00 22.85 ? 265 TYR A CD1 1 
ATOM   1116 C CD2 . TYR A 1 151 ? 4.100   18.843  11.375  1.00 24.91 ? 265 TYR A CD2 1 
ATOM   1117 C CE1 . TYR A 1 151 ? 2.645   16.788  12.498  1.00 24.28 ? 265 TYR A CE1 1 
ATOM   1118 C CE2 . TYR A 1 151 ? 3.163   19.128  12.372  1.00 27.49 ? 265 TYR A CE2 1 
ATOM   1119 C CZ  . TYR A 1 151 ? 2.443   18.077  12.920  1.00 27.99 ? 265 TYR A CZ  1 
ATOM   1120 O OH  . TYR A 1 151 ? 1.523   18.310  13.904  1.00 32.15 ? 265 TYR A OH  1 
ATOM   1121 N N   . ASP A 1 152 ? 2.323   18.387  8.454   1.00 22.04 ? 266 ASP A N   1 
ATOM   1122 C CA  . ASP A 1 152 ? 1.379   19.500  8.320   1.00 22.22 ? 266 ASP A CA  1 
ATOM   1123 C C   . ASP A 1 152 ? 0.292   19.392  9.359   1.00 22.45 ? 266 ASP A C   1 
ATOM   1124 O O   . ASP A 1 152 ? -0.452  18.435  9.381   1.00 21.89 ? 266 ASP A O   1 
ATOM   1125 C CB  . ASP A 1 152 ? 0.718   19.427  6.961   1.00 22.55 ? 266 ASP A CB  1 
ATOM   1126 C CG  . ASP A 1 152 ? -0.083  20.644  6.636   1.00 22.12 ? 266 ASP A CG  1 
ATOM   1127 O OD1 . ASP A 1 152 ? 0.093   21.183  5.515   1.00 23.33 ? 266 ASP A OD1 1 
ATOM   1128 O OD2 . ASP A 1 152 ? -0.896  21.125  7.433   1.00 22.58 ? 266 ASP A OD2 1 
ATOM   1129 N N   . GLU A 1 153 ? 0.196   20.431  10.181  1.00 23.87 ? 267 GLU A N   1 
ATOM   1130 C CA  . GLU A 1 153 ? -0.775  20.548  11.297  1.00 24.18 ? 267 GLU A CA  1 
ATOM   1131 C C   . GLU A 1 153 ? -2.282  20.400  10.953  1.00 23.42 ? 267 GLU A C   1 
ATOM   1132 O O   . GLU A 1 153 ? -3.081  20.039  11.830  1.00 23.33 ? 267 GLU A O   1 
ATOM   1133 C CB  . GLU A 1 153 ? -0.518  21.874  12.010  1.00 24.11 ? 267 GLU A CB  1 
ATOM   1134 C CG  . GLU A 1 153 ? 0.891   21.894  12.589  1.00 27.86 ? 267 GLU A CG  1 
ATOM   1135 C CD  . GLU A 1 153 ? 1.452   23.279  12.900  1.00 31.01 ? 267 GLU A CD  1 
ATOM   1136 O OE1 . GLU A 1 153 ? 1.300   24.229  12.069  1.00 28.95 ? 267 GLU A OE1 1 
ATOM   1137 O OE2 . GLU A 1 153 ? 2.074   23.383  14.001  1.00 32.74 ? 267 GLU A OE2 1 
ATOM   1138 N N   . SER A 1 154 ? -2.643  20.687  9.696   1.00 21.64 ? 268 SER A N   1 
ATOM   1139 C CA  . SER A 1 154 ? -3.996  20.545  9.187   1.00 20.16 ? 268 SER A CA  1 
ATOM   1140 C C   . SER A 1 154 ? -4.317  19.148  8.722   1.00 19.98 ? 268 SER A C   1 
ATOM   1141 O O   . SER A 1 154 ? -5.395  18.916  8.206   1.00 19.17 ? 268 SER A O   1 
ATOM   1142 C CB  . SER A 1 154 ? -4.194  21.480  8.021   1.00 19.94 ? 268 SER A CB  1 
ATOM   1143 O OG  . SER A 1 154 ? -4.001  22.818  8.438   1.00 20.50 ? 268 SER A OG  1 
ATOM   1144 N N   . CYS A 1 155 ? -3.395  18.208  8.892   1.00 20.29 ? 269 CYS A N   1 
ATOM   1145 C CA  . CYS A 1 155 ? -3.658  16.826  8.522   1.00 20.71 ? 269 CYS A CA  1 
ATOM   1146 C C   . CYS A 1 155 ? -4.673  16.243  9.510   1.00 21.71 ? 269 CYS A C   1 
ATOM   1147 O O   . CYS A 1 155 ? -4.430  16.249  10.708  1.00 22.71 ? 269 CYS A O   1 
ATOM   1148 C CB  . CYS A 1 155 ? -2.381  15.997  8.485   1.00 19.99 ? 269 CYS A CB  1 
ATOM   1149 S SG  . CYS A 1 155 ? -2.337  14.956  7.035   1.00 21.67 ? 269 CYS A SG  1 
ATOM   1150 N N   . ASN A 1 156 ? -5.830  15.796  9.004   1.00 22.31 ? 270 ASN A N   1 
ATOM   1151 C CA  . ASN A 1 156 ? -6.903  15.238  9.826   1.00 22.51 ? 270 ASN A CA  1 
ATOM   1152 C C   . ASN A 1 156 ? -6.892  13.706  9.801   1.00 22.46 ? 270 ASN A C   1 
ATOM   1153 O O   . ASN A 1 156 ? -7.210  13.097  8.778   1.00 22.08 ? 270 ASN A O   1 
ATOM   1154 C CB  . ASN A 1 156 ? -8.268  15.765  9.388   1.00 22.86 ? 270 ASN A CB  1 
ATOM   1155 C CG  . ASN A 1 156 ? -9.385  15.213  10.235  1.00 23.96 ? 270 ASN A CG  1 
ATOM   1156 O OD1 . ASN A 1 156 ? -9.174  14.822  11.390  1.00 23.12 ? 270 ASN A OD1 1 
ATOM   1157 N ND2 . ASN A 1 156 ? -10.574 15.128  9.651   1.00 24.95 ? 270 ASN A ND2 1 
ATOM   1158 N N   . SER A 1 157 ? -6.518  13.098  10.933  1.00 21.96 ? 271 SER A N   1 
ATOM   1159 C CA  . SER A 1 157 ? -6.493  11.642  11.030  1.00 21.93 ? 271 SER A CA  1 
ATOM   1160 C C   . SER A 1 157 ? -7.865  10.982  10.970  1.00 22.15 ? 271 SER A C   1 
ATOM   1161 O O   . SER A 1 157 ? -7.941  9.771   10.938  1.00 22.35 ? 271 SER A O   1 
ATOM   1162 C CB  . SER A 1 157 ? -5.742  11.164  12.302  1.00 22.12 ? 271 SER A CB  1 
ATOM   1163 O OG  . SER A 1 157 ? -6.288  11.657  13.526  1.00 21.08 ? 271 SER A OG  1 
ATOM   1164 N N   . ASP A 1 158 ? -8.930  11.779  10.971  1.00 22.75 ? 272 ASP A N   1 
ATOM   1165 C CA  . ASP A 1 158 ? -10.297 11.299  10.906  1.00 22.87 ? 272 ASP A CA  1 
ATOM   1166 C C   . ASP A 1 158 ? -10.828 11.450  9.473   1.00 23.08 ? 272 ASP A C   1 
ATOM   1167 O O   . ASP A 1 158 ? -11.954 11.032  9.155   1.00 23.82 ? 272 ASP A O   1 
ATOM   1168 C CB  . ASP A 1 158 ? -11.186 12.109  11.878  1.00 23.71 ? 272 ASP A CB  1 
ATOM   1169 C CG  . ASP A 1 158 ? -10.745 11.984  13.324  1.00 22.84 ? 272 ASP A CG  1 
ATOM   1170 O OD1 . ASP A 1 158 ? -10.550 10.857  13.761  1.00 25.62 ? 272 ASP A OD1 1 
ATOM   1171 O OD2 . ASP A 1 158 ? -10.549 12.931  14.079  1.00 21.16 ? 272 ASP A OD2 1 
ATOM   1172 N N   . ASN A 1 159 ? -10.020 12.055  8.612   1.00 22.89 ? 273 ASN A N   1 
ATOM   1173 C CA  . ASN A 1 159 ? -10.371 12.259  7.200   1.00 22.43 ? 273 ASN A CA  1 
ATOM   1174 C C   . ASN A 1 159 ? -9.519  11.349  6.347   1.00 22.46 ? 273 ASN A C   1 
ATOM   1175 O O   . ASN A 1 159 ? -8.656  11.829  5.573   1.00 22.29 ? 273 ASN A O   1 
ATOM   1176 C CB  . ASN A 1 159 ? -10.112 13.704  6.796   1.00 22.73 ? 273 ASN A CB  1 
ATOM   1177 C CG  . ASN A 1 159 ? -10.419 13.978  5.329   1.00 22.02 ? 273 ASN A CG  1 
ATOM   1178 O OD1 . ASN A 1 159 ? -11.216 13.300  4.741   1.00 22.15 ? 273 ASN A OD1 1 
ATOM   1179 N ND2 . ASN A 1 159 ? -9.777  14.995  4.750   1.00 19.10 ? 273 ASN A ND2 1 
ATOM   1180 N N   . LEU A 1 160 ? -9.738  10.046  6.503   1.00 21.47 ? 274 LEU A N   1 
ATOM   1181 C CA  . LEU A 1 160 ? -8.990  9.091   5.713   1.00 21.77 ? 274 LEU A CA  1 
ATOM   1182 C C   . LEU A 1 160 ? -9.568  9.095   4.319   1.00 21.42 ? 274 LEU A C   1 
ATOM   1183 O O   . LEU A 1 160 ? -10.788 9.083   4.187   1.00 20.13 ? 274 LEU A O   1 
ATOM   1184 C CB  . LEU A 1 160 ? -9.056  7.677   6.303   1.00 22.05 ? 274 LEU A CB  1 
ATOM   1185 C CG  . LEU A 1 160 ? -8.481  7.534   7.705   1.00 20.96 ? 274 LEU A CG  1 
ATOM   1186 C CD1 . LEU A 1 160 ? -8.261  6.076   7.958   1.00 21.18 ? 274 LEU A CD1 1 
ATOM   1187 C CD2 . LEU A 1 160 ? -7.189  8.289   7.892   1.00 21.42 ? 274 LEU A CD2 1 
ATOM   1188 N N   . ASN A 1 161 ? -8.679  9.122   3.312   1.00 20.33 ? 275 ASN A N   1 
ATOM   1189 C CA  . ASN A 1 161 ? -9.097  9.207   1.921   1.00 20.66 ? 275 ASN A CA  1 
ATOM   1190 C C   . ASN A 1 161 ? -8.052  8.739   0.880   1.00 20.45 ? 275 ASN A C   1 
ATOM   1191 O O   . ASN A 1 161 ? -8.248  8.883   -0.303  1.00 20.07 ? 275 ASN A O   1 
ATOM   1192 C CB  . ASN A 1 161 ? -9.555  10.632  1.613   1.00 20.35 ? 275 ASN A CB  1 
ATOM   1193 C CG  . ASN A 1 161 ? -8.483  11.645  1.932   1.00 20.05 ? 275 ASN A CG  1 
ATOM   1194 O OD1 . ASN A 1 161 ? -7.277  11.452  1.622   1.00 15.37 ? 275 ASN A OD1 1 
ATOM   1195 N ND2 . ASN A 1 161 ? -8.890  12.702  2.596   1.00 19.89 ? 275 ASN A ND2 1 
ATOM   1196 N N   . HIS A 1 162 ? -6.975  8.121   1.317   1.00 20.74 ? 276 HIS A N   1 
ATOM   1197 C CA  . HIS A 1 162 ? -6.006  7.641   0.350   1.00 21.10 ? 276 HIS A CA  1 
ATOM   1198 C C   . HIS A 1 162 ? -5.225  6.501   0.934   1.00 20.33 ? 276 HIS A C   1 
ATOM   1199 O O   . HIS A 1 162 ? -4.763  6.620   2.015   1.00 21.05 ? 276 HIS A O   1 
ATOM   1200 C CB  . HIS A 1 162 ? -5.061  8.757   -0.139  1.00 20.60 ? 276 HIS A CB  1 
ATOM   1201 C CG  . HIS A 1 162 ? -4.269  8.356   -1.350  1.00 21.90 ? 276 HIS A CG  1 
ATOM   1202 N ND1 . HIS A 1 162 ? -4.833  8.219   -2.602  1.00 23.08 ? 276 HIS A ND1 1 
ATOM   1203 C CD2 . HIS A 1 162 ? -2.959  8.049   -1.502  1.00 23.89 ? 276 HIS A CD2 1 
ATOM   1204 C CE1 . HIS A 1 162 ? -3.920  7.811   -3.462  1.00 21.83 ? 276 HIS A CE1 1 
ATOM   1205 N NE2 . HIS A 1 162 ? -2.766  7.712   -2.823  1.00 23.11 ? 276 HIS A NE2 1 
ATOM   1206 N N   . ALA A 1 163 ? -5.090  5.411   0.176   1.00 20.17 ? 277 ALA A N   1 
ATOM   1207 C CA  . ALA A 1 163 ? -4.320  4.225   0.566   1.00 19.24 ? 277 ALA A CA  1 
ATOM   1208 C C   . ALA A 1 163 ? -2.915  4.289   -0.046  1.00 19.40 ? 277 ALA A C   1 
ATOM   1209 O O   . ALA A 1 163 ? -2.766  4.776   -1.169  1.00 18.29 ? 277 ALA A O   1 
ATOM   1210 C CB  . ALA A 1 163 ? -5.015  2.987   0.137   1.00 18.41 ? 277 ALA A CB  1 
ATOM   1211 N N   . VAL A 1 164 ? -1.910  3.872   0.751   1.00 19.05 ? 278 VAL A N   1 
ATOM   1212 C CA  . VAL A 1 164 ? -0.494  3.864   0.367   1.00 19.20 ? 278 VAL A CA  1 
ATOM   1213 C C   . VAL A 1 164 ? 0.255   2.625   0.946   1.00 20.24 ? 278 VAL A C   1 
ATOM   1214 O O   . VAL A 1 164 ? -0.344  1.626   1.379   1.00 21.15 ? 278 VAL A O   1 
ATOM   1215 C CB  . VAL A 1 164 ? 0.233   5.206   0.778   1.00 18.55 ? 278 VAL A CB  1 
ATOM   1216 C CG1 . VAL A 1 164 ? -0.469  6.362   0.156   1.00 17.47 ? 278 VAL A CG1 1 
ATOM   1217 C CG2 . VAL A 1 164 ? 0.331   5.379   2.270   1.00 16.99 ? 278 VAL A CG2 1 
ATOM   1218 N N   . LEU A 1 165 ? 1.573   2.692   0.980   1.00 20.10 ? 279 LEU A N   1 
ATOM   1219 C CA  . LEU A 1 165 ? 2.346   1.561   1.427   1.00 19.13 ? 279 LEU A CA  1 
ATOM   1220 C C   . LEU A 1 165 ? 3.559   1.986   2.235   1.00 17.83 ? 279 LEU A C   1 
ATOM   1221 O O   . LEU A 1 165 ? 4.374   2.805   1.826   1.00 16.87 ? 279 LEU A O   1 
ATOM   1222 C CB  . LEU A 1 165 ? 2.776   0.740   0.212   1.00 19.32 ? 279 LEU A CB  1 
ATOM   1223 C CG  . LEU A 1 165 ? 3.486   -0.561  0.567   1.00 19.02 ? 279 LEU A CG  1 
ATOM   1224 C CD1 . LEU A 1 165 ? 2.451   -1.577  1.124   1.00 19.76 ? 279 LEU A CD1 1 
ATOM   1225 C CD2 . LEU A 1 165 ? 4.197   -1.104  -0.658  1.00 17.15 ? 279 LEU A CD2 1 
ATOM   1226 N N   . ALA A 1 166 ? 3.648   1.399   3.402   1.00 16.71 ? 280 ALA A N   1 
ATOM   1227 C CA  . ALA A 1 166 ? 4.765   1.621   4.259   1.00 16.02 ? 280 ALA A CA  1 
ATOM   1228 C C   . ALA A 1 166 ? 5.782   0.504   4.032   1.00 15.18 ? 280 ALA A C   1 
ATOM   1229 O O   . ALA A 1 166 ? 5.590   -0.619  4.472   1.00 11.93 ? 280 ALA A O   1 
ATOM   1230 C CB  . ALA A 1 166 ? 4.318   1.650   5.696   1.00 16.69 ? 280 ALA A CB  1 
ATOM   1231 N N   . VAL A 1 167 ? 6.862   0.877   3.347   1.00 15.11 ? 281 VAL A N   1 
ATOM   1232 C CA  . VAL A 1 167 ? 7.926   -0.020  2.903   1.00 14.72 ? 281 VAL A CA  1 
ATOM   1233 C C   . VAL A 1 167 ? 9.178   0.183   3.797   1.00 15.57 ? 281 VAL A C   1 
ATOM   1234 O O   . VAL A 1 167 ? 10.301  -0.217  3.436   1.00 14.70 ? 281 VAL A O   1 
ATOM   1235 C CB  . VAL A 1 167 ? 8.269   0.285   1.442   1.00 13.19 ? 281 VAL A CB  1 
ATOM   1236 C CG1 . VAL A 1 167 ? 7.024   0.274   0.584   1.00 12.27 ? 281 VAL A CG1 1 
ATOM   1237 C CG2 . VAL A 1 167 ? 8.900   1.632   1.318   1.00 15.15 ? 281 VAL A CG2 1 
ATOM   1238 N N   . GLY A 1 168 ? 8.980   0.840   4.947   1.00 16.09 ? 282 GLY A N   1 
ATOM   1239 C CA  . GLY A 1 168 ? 10.095  1.152   5.832   1.00 16.66 ? 282 GLY A CA  1 
ATOM   1240 C C   . GLY A 1 168 ? 9.862   2.308   6.808   1.00 17.10 ? 282 GLY A C   1 
ATOM   1241 O O   . GLY A 1 168 ? 8.778   2.897   6.924   1.00 16.39 ? 282 GLY A O   1 
ATOM   1242 N N   . TYR A 1 169 ? 10.904  2.595   7.562   1.00 17.58 ? 283 TYR A N   1 
ATOM   1243 C CA  . TYR A 1 169 ? 10.879  3.667   8.497   1.00 18.16 ? 283 TYR A CA  1 
ATOM   1244 C C   . TYR A 1 169 ? 12.316  3.979   8.890   1.00 19.61 ? 283 TYR A C   1 
ATOM   1245 O O   . TYR A 1 169 ? 13.177  3.099   8.958   1.00 18.19 ? 283 TYR A O   1 
ATOM   1246 C CB  . TYR A 1 169 ? 10.035  3.281   9.693   1.00 18.38 ? 283 TYR A CB  1 
ATOM   1247 C CG  . TYR A 1 169 ? 10.563  2.095   10.455  1.00 19.49 ? 283 TYR A CG  1 
ATOM   1248 C CD1 . TYR A 1 169 ? 11.692  2.212   11.251  1.00 20.62 ? 283 TYR A CD1 1 
ATOM   1249 C CD2 . TYR A 1 169 ? 9.903   0.860   10.416  1.00 20.55 ? 283 TYR A CD2 1 
ATOM   1250 C CE1 . TYR A 1 169 ? 12.179  1.128   11.987  1.00 20.64 ? 283 TYR A CE1 1 
ATOM   1251 C CE2 . TYR A 1 169 ? 10.393  -0.231  11.104  1.00 21.26 ? 283 TYR A CE2 1 
ATOM   1252 C CZ  . TYR A 1 169 ? 11.543  -0.088  11.904  1.00 19.90 ? 283 TYR A CZ  1 
ATOM   1253 O OH  . TYR A 1 169 ? 12.019  -1.133  12.652  1.00 13.39 ? 283 TYR A OH  1 
ATOM   1254 N N   . GLY A 1 170 ? 12.586  5.249   9.160   1.00 21.11 ? 284 GLY A N   1 
ATOM   1255 C CA  . GLY A 1 170 ? 13.900  5.612   9.613   1.00 22.13 ? 284 GLY A CA  1 
ATOM   1256 C C   . GLY A 1 170 ? 13.909  6.919   10.358  1.00 24.08 ? 284 GLY A C   1 
ATOM   1257 O O   . GLY A 1 170 ? 12.913  7.314   10.972  1.00 24.25 ? 284 GLY A O   1 
ATOM   1258 N N   . ILE A 1 171 ? 15.060  7.597   10.270  1.00 25.64 ? 285 ILE A N   1 
ATOM   1259 C CA  . ILE A 1 171 ? 15.302  8.868   10.929  1.00 26.34 ? 285 ILE A CA  1 
ATOM   1260 C C   . ILE A 1 171 ? 16.155  9.763   10.045  1.00 25.96 ? 285 ILE A C   1 
ATOM   1261 O O   . ILE A 1 171 ? 17.236  9.384   9.658   1.00 25.84 ? 285 ILE A O   1 
ATOM   1262 C CB  . ILE A 1 171 ? 16.032  8.635   12.298  1.00 26.86 ? 285 ILE A CB  1 
ATOM   1263 C CG1 . ILE A 1 171 ? 16.316  9.975   13.014  1.00 27.88 ? 285 ILE A CG1 1 
ATOM   1264 C CG2 . ILE A 1 171 ? 17.349  7.863   12.086  1.00 27.75 ? 285 ILE A CG2 1 
ATOM   1265 C CD1 . ILE A 1 171 ? 16.527  9.899   14.542  1.00 28.54 ? 285 ILE A CD1 1 
ATOM   1266 N N   . GLN A 1 172 ? 15.671  10.957  9.745   1.00 26.33 ? 286 GLN A N   1 
ATOM   1267 C CA  . GLN A 1 172 ? 16.427  11.933  8.929   1.00 26.75 ? 286 GLN A CA  1 
ATOM   1268 C C   . GLN A 1 172 ? 16.678  13.147  9.760   1.00 27.02 ? 286 GLN A C   1 
ATOM   1269 O O   . GLN A 1 172 ? 15.766  13.624  10.403  1.00 27.57 ? 286 GLN A O   1 
ATOM   1270 C CB  . GLN A 1 172 ? 15.602  12.367  7.717   1.00 26.58 ? 286 GLN A CB  1 
ATOM   1271 C CG  . GLN A 1 172 ? 16.381  12.755  6.501   1.00 26.21 ? 286 GLN A CG  1 
ATOM   1272 C CD  . GLN A 1 172 ? 15.471  13.408  5.447   1.00 28.92 ? 286 GLN A CD  1 
ATOM   1273 O OE1 . GLN A 1 172 ? 14.636  14.283  5.765   1.00 33.43 ? 286 GLN A OE1 1 
ATOM   1274 N NE2 . GLN A 1 172 ? 15.609  12.988  4.217   1.00 26.43 ? 286 GLN A NE2 1 
ATOM   1275 N N   . LYS A 1 173 ? 17.903  13.655  9.766   1.00 27.59 ? 287 LYS A N   1 
ATOM   1276 C CA  . LYS A 1 173 ? 18.175  14.933  10.435  1.00 28.20 ? 287 LYS A CA  1 
ATOM   1277 C C   . LYS A 1 173 ? 17.288  15.110  11.692  1.00 27.73 ? 287 LYS A C   1 
ATOM   1278 O O   . LYS A 1 173 ? 16.607  16.138  11.880  1.00 27.05 ? 287 LYS A O   1 
ATOM   1279 C CB  . LYS A 1 173 ? 17.965  16.107  9.458   1.00 28.83 ? 287 LYS A CB  1 
ATOM   1280 C CG  . LYS A 1 173 ? 18.589  15.871  8.057   1.00 32.40 ? 287 LYS A CG  1 
ATOM   1281 C CD  . LYS A 1 173 ? 18.711  17.146  7.178   1.00 36.47 ? 287 LYS A CD  1 
ATOM   1282 C CE  . LYS A 1 173 ? 19.372  16.834  5.772   1.00 38.26 ? 287 LYS A CE  1 
ATOM   1283 N NZ  . LYS A 1 173 ? 19.531  18.057  4.913   1.00 38.67 ? 287 LYS A NZ  1 
ATOM   1284 N N   . GLY A 1 174 ? 17.280  14.078  12.534  1.00 27.06 ? 288 GLY A N   1 
ATOM   1285 C CA  . GLY A 1 174 ? 16.598  14.137  13.818  1.00 26.23 ? 288 GLY A CA  1 
ATOM   1286 C C   . GLY A 1 174 ? 15.093  13.925  13.833  1.00 25.62 ? 288 GLY A C   1 
ATOM   1287 O O   . GLY A 1 174 ? 14.554  13.780  14.919  1.00 25.57 ? 288 GLY A O   1 
ATOM   1288 N N   . ASN A 1 175 ? 14.433  13.941  12.667  1.00 24.84 ? 289 ASN A N   1 
ATOM   1289 C CA  . ASN A 1 175 ? 13.010  13.637  12.520  1.00 24.76 ? 289 ASN A CA  1 
ATOM   1290 C C   . ASN A 1 175 ? 12.640  12.189  12.064  1.00 24.50 ? 289 ASN A C   1 
ATOM   1291 O O   . ASN A 1 175 ? 12.888  11.796  10.920  1.00 25.06 ? 289 ASN A O   1 
ATOM   1292 C CB  . ASN A 1 175 ? 12.416  14.610  11.503  1.00 25.75 ? 289 ASN A CB  1 
ATOM   1293 C CG  . ASN A 1 175 ? 12.722  16.090  11.820  1.00 25.43 ? 289 ASN A CG  1 
ATOM   1294 O OD1 . ASN A 1 175 ? 13.267  16.801  10.998  1.00 27.66 ? 289 ASN A OD1 1 
ATOM   1295 N ND2 . ASN A 1 175 ? 12.367  16.530  12.989  1.00 24.53 ? 289 ASN A ND2 1 
ATOM   1296 N N   . LYS A 1 176 ? 12.022  11.420  12.962  1.00 23.80 ? 290 LYS A N   1 
ATOM   1297 C CA  . LYS A 1 176 ? 11.457  10.071  12.671  1.00 23.19 ? 290 LYS A CA  1 
ATOM   1298 C C   . LYS A 1 176 ? 10.408  10.045  11.547  1.00 22.49 ? 290 LYS A C   1 
ATOM   1299 O O   . LYS A 1 176 ? 9.582   10.993  11.404  1.00 20.49 ? 290 LYS A O   1 
ATOM   1300 C CB  . LYS A 1 176 ? 10.835  9.432   13.943  1.00 22.52 ? 290 LYS A CB  1 
ATOM   1301 C CG  . LYS A 1 176 ? 11.881  9.151   14.991  1.00 23.59 ? 290 LYS A CG  1 
ATOM   1302 C CD  . LYS A 1 176 ? 11.377  8.414   16.220  1.00 25.34 ? 290 LYS A CD  1 
ATOM   1303 C CE  . LYS A 1 176 ? 12.532  8.274   17.253  1.00 25.49 ? 290 LYS A CE  1 
ATOM   1304 N NZ  . LYS A 1 176 ? 12.228  7.438   18.413  1.00 20.83 ? 290 LYS A NZ  1 
ATOM   1305 N N   . HIS A 1 177 ? 10.430  8.930   10.792  1.00 22.06 ? 291 HIS A N   1 
ATOM   1306 C CA  . HIS A 1 177 ? 9.633   8.827   9.563   1.00 21.57 ? 291 HIS A CA  1 
ATOM   1307 C C   . HIS A 1 177 ? 9.220   7.454   9.101   1.00 21.89 ? 291 HIS A C   1 
ATOM   1308 O O   . HIS A 1 177 ? 9.844   6.425   9.406   1.00 21.69 ? 291 HIS A O   1 
ATOM   1309 C CB  . HIS A 1 177 ? 10.336  9.530   8.417   1.00 20.91 ? 291 HIS A CB  1 
ATOM   1310 C CG  . HIS A 1 177 ? 11.572  8.846   7.940   1.00 20.11 ? 291 HIS A CG  1 
ATOM   1311 N ND1 . HIS A 1 177 ? 12.772  9.521   7.769   1.00 19.98 ? 291 HIS A ND1 1 
ATOM   1312 C CD2 . HIS A 1 177 ? 11.789  7.577   7.537   1.00 17.11 ? 291 HIS A CD2 1 
ATOM   1313 C CE1 . HIS A 1 177 ? 13.671  8.687   7.285   1.00 17.05 ? 291 HIS A CE1 1 
ATOM   1314 N NE2 . HIS A 1 177 ? 13.102  7.501   7.144   1.00 18.20 ? 291 HIS A NE2 1 
ATOM   1315 N N   . TRP A 1 178 ? 8.145   7.497   8.325   1.00 21.77 ? 292 TRP A N   1 
ATOM   1316 C CA  . TRP A 1 178 ? 7.580   6.366   7.621   1.00 21.54 ? 292 TRP A CA  1 
ATOM   1317 C C   . TRP A 1 178 ? 7.983   6.567   6.174   1.00 20.90 ? 292 TRP A C   1 
ATOM   1318 O O   . TRP A 1 178 ? 7.867   7.682   5.676   1.00 20.50 ? 292 TRP A O   1 
ATOM   1319 C CB  . TRP A 1 178 ? 6.028   6.380   7.709   1.00 21.72 ? 292 TRP A CB  1 
ATOM   1320 C CG  . TRP A 1 178 ? 5.501   6.068   9.067   1.00 23.70 ? 292 TRP A CG  1 
ATOM   1321 C CD1 . TRP A 1 178 ? 4.767   6.901   9.860   1.00 25.79 ? 292 TRP A CD1 1 
ATOM   1322 C CD2 . TRP A 1 178 ? 5.658   4.834   9.811   1.00 24.53 ? 292 TRP A CD2 1 
ATOM   1323 N NE1 . TRP A 1 178 ? 4.467   6.286   11.055  1.00 28.09 ? 292 TRP A NE1 1 
ATOM   1324 C CE2 . TRP A 1 178 ? 4.995   5.013   11.058  1.00 25.65 ? 292 TRP A CE2 1 
ATOM   1325 C CE3 . TRP A 1 178 ? 6.319   3.607   9.565   1.00 25.64 ? 292 TRP A CE3 1 
ATOM   1326 C CZ2 . TRP A 1 178 ? 4.950   4.009   12.055  1.00 23.80 ? 292 TRP A CZ2 1 
ATOM   1327 C CZ3 . TRP A 1 178 ? 6.264   2.580   10.567  1.00 24.73 ? 292 TRP A CZ3 1 
ATOM   1328 C CH2 . TRP A 1 178 ? 5.584   2.797   11.782  1.00 24.29 ? 292 TRP A CH2 1 
ATOM   1329 N N   . ILE A 1 179 ? 8.402   5.484   5.512   1.00 20.50 ? 293 ILE A N   1 
ATOM   1330 C CA  . ILE A 1 179 ? 8.769   5.461   4.100   1.00 19.62 ? 293 ILE A CA  1 
ATOM   1331 C C   . ILE A 1 179 ? 7.534   4.936   3.381   1.00 19.27 ? 293 ILE A C   1 
ATOM   1332 O O   . ILE A 1 179 ? 7.182   3.750   3.497   1.00 18.73 ? 293 ILE A O   1 
ATOM   1333 C CB  . ILE A 1 179 ? 10.007  4.492   3.831   1.00 20.34 ? 293 ILE A CB  1 
ATOM   1334 C CG1 . ILE A 1 179 ? 11.239  4.806   4.715   1.00 19.35 ? 293 ILE A CG1 1 
ATOM   1335 C CG2 . ILE A 1 179 ? 10.445  4.508   2.364   1.00 19.92 ? 293 ILE A CG2 1 
ATOM   1336 C CD1 . ILE A 1 179 ? 12.406  3.808   4.403   1.00 19.46 ? 293 ILE A CD1 1 
ATOM   1337 N N   . ILE A 1 180 ? 6.914   5.820   2.584   1.00 19.17 ? 294 ILE A N   1 
ATOM   1338 C CA  . ILE A 1 180 ? 5.601   5.581   1.965   1.00 17.68 ? 294 ILE A CA  1 
ATOM   1339 C C   . ILE A 1 180 ? 5.709   5.535   0.464   1.00 17.35 ? 294 ILE A C   1 
ATOM   1340 O O   . ILE A 1 180 ? 6.117   6.470   -0.162  1.00 16.43 ? 294 ILE A O   1 
ATOM   1341 C CB  . ILE A 1 180 ? 4.599   6.680   2.374   1.00 17.15 ? 294 ILE A CB  1 
ATOM   1342 C CG1 . ILE A 1 180 ? 4.507   6.828   3.902   1.00 15.28 ? 294 ILE A CG1 1 
ATOM   1343 C CG2 . ILE A 1 180 ? 3.238   6.432   1.766   1.00 16.94 ? 294 ILE A CG2 1 
ATOM   1344 C CD1 . ILE A 1 180 ? 3.874   5.666   4.630   1.00 12.28 ? 294 ILE A CD1 1 
ATOM   1345 N N   . LYS A 1 181 ? 5.318   4.417   -0.110  1.00 18.20 ? 295 LYS A N   1 
ATOM   1346 C CA  . LYS A 1 181 ? 5.183   4.306   -1.546  1.00 17.31 ? 295 LYS A CA  1 
ATOM   1347 C C   . LYS A 1 181 ? 3.762   4.652   -1.907  1.00 17.94 ? 295 LYS A C   1 
ATOM   1348 O O   . LYS A 1 181 ? 2.824   4.055   -1.412  1.00 18.05 ? 295 LYS A O   1 
ATOM   1349 C CB  . LYS A 1 181 ? 5.457   2.900   -1.987  1.00 16.92 ? 295 LYS A CB  1 
ATOM   1350 C CG  . LYS A 1 181 ? 5.185   2.655   -3.450  1.00 15.15 ? 295 LYS A CG  1 
ATOM   1351 C CD  . LYS A 1 181 ? 5.753   1.360   -3.842  1.00 17.05 ? 295 LYS A CD  1 
ATOM   1352 C CE  . LYS A 1 181 ? 5.696   1.102   -5.338  1.00 21.14 ? 295 LYS A CE  1 
ATOM   1353 N NZ  . LYS A 1 181 ? 5.852   -0.397  -5.752  1.00 18.63 ? 295 LYS A NZ  1 
ATOM   1354 N N   . ASN A 1 182 ? 3.629   5.638   -2.778  1.00 19.01 ? 296 ASN A N   1 
ATOM   1355 C CA  . ASN A 1 182 ? 2.364   6.070   -3.340  1.00 18.74 ? 296 ASN A CA  1 
ATOM   1356 C C   . ASN A 1 182 ? 2.223   5.516   -4.748  1.00 19.07 ? 296 ASN A C   1 
ATOM   1357 O O   . ASN A 1 182 ? 3.093   4.813   -5.247  1.00 18.71 ? 296 ASN A O   1 
ATOM   1358 C CB  . ASN A 1 182 ? 2.365   7.582   -3.384  1.00 18.92 ? 296 ASN A CB  1 
ATOM   1359 C CG  . ASN A 1 182 ? 0.999   8.171   -3.530  1.00 18.38 ? 296 ASN A CG  1 
ATOM   1360 O OD1 . ASN A 1 182 ? 0.002   7.459   -3.695  1.00 21.65 ? 296 ASN A OD1 1 
ATOM   1361 N ND2 . ASN A 1 182 ? 0.936   9.489   -3.477  1.00 17.56 ? 296 ASN A ND2 1 
ATOM   1362 N N   . SER A 1 183 ? 1.122   5.846   -5.404  1.00 20.58 ? 297 SER A N   1 
ATOM   1363 C CA  . SER A 1 183 ? 0.755   5.221   -6.663  1.00 21.00 ? 297 SER A CA  1 
ATOM   1364 C C   . SER A 1 183 ? 0.286   6.281   -7.634  1.00 21.48 ? 297 SER A C   1 
ATOM   1365 O O   . SER A 1 183 ? -0.668  6.034   -8.428  1.00 22.37 ? 297 SER A O   1 
ATOM   1366 C CB  . SER A 1 183 ? -0.354  4.185   -6.415  1.00 20.83 ? 297 SER A CB  1 
ATOM   1367 O OG  . SER A 1 183 ? -1.590  4.818   -6.165  1.00 18.90 ? 297 SER A OG  1 
ATOM   1368 N N   . TRP A 1 184 ? 0.942   7.436   -7.584  1.00 20.57 ? 298 TRP A N   1 
ATOM   1369 C CA  . TRP A 1 184 ? 0.652   8.507   -8.534  1.00 21.70 ? 298 TRP A CA  1 
ATOM   1370 C C   . TRP A 1 184 ? 1.697   8.651   -9.610  1.00 21.81 ? 298 TRP A C   1 
ATOM   1371 O O   . TRP A 1 184 ? 1.742   9.674   -10.276 1.00 20.78 ? 298 TRP A O   1 
ATOM   1372 C CB  . TRP A 1 184 ? 0.471   9.853   -7.794  1.00 21.58 ? 298 TRP A CB  1 
ATOM   1373 C CG  . TRP A 1 184 ? -0.750  9.883   -6.995  1.00 21.31 ? 298 TRP A CG  1 
ATOM   1374 C CD1 . TRP A 1 184 ? -1.789  8.990   -7.048  1.00 21.56 ? 298 TRP A CD1 1 
ATOM   1375 C CD2 . TRP A 1 184 ? -1.083  10.820  -5.981  1.00 22.50 ? 298 TRP A CD2 1 
ATOM   1376 N NE1 . TRP A 1 184 ? -2.750  9.324   -6.135  1.00 20.34 ? 298 TRP A NE1 1 
ATOM   1377 C CE2 . TRP A 1 184 ? -2.338  10.439  -5.453  1.00 20.50 ? 298 TRP A CE2 1 
ATOM   1378 C CE3 . TRP A 1 184 ? -0.448  11.959  -5.452  1.00 23.46 ? 298 TRP A CE3 1 
ATOM   1379 C CZ2 . TRP A 1 184 ? -2.987  11.172  -4.464  1.00 19.87 ? 298 TRP A CZ2 1 
ATOM   1380 C CZ3 . TRP A 1 184 ? -1.087  12.678  -4.437  1.00 22.90 ? 298 TRP A CZ3 1 
ATOM   1381 C CH2 . TRP A 1 184 ? -2.362  12.283  -3.970  1.00 21.98 ? 298 TRP A CH2 1 
ATOM   1382 N N   . GLY A 1 185 ? 2.531   7.628   -9.769  1.00 23.13 ? 299 GLY A N   1 
ATOM   1383 C CA  . GLY A 1 185 ? 3.663   7.693   -10.687 1.00 24.92 ? 299 GLY A CA  1 
ATOM   1384 C C   . GLY A 1 185 ? 4.971   7.981   -9.983  1.00 26.37 ? 299 GLY A C   1 
ATOM   1385 O O   . GLY A 1 185 ? 4.950   8.318   -8.785  1.00 27.73 ? 299 GLY A O   1 
ATOM   1386 N N   . GLU A 1 186 ? 6.098   7.843   -10.697 1.00 27.90 ? 300 GLU A N   1 
ATOM   1387 C CA  . GLU A 1 186 ? 7.430   8.016   -10.083 1.00 29.16 ? 300 GLU A CA  1 
ATOM   1388 C C   . GLU A 1 186 ? 7.945   9.480   -10.098 1.00 29.43 ? 300 GLU A C   1 
ATOM   1389 O O   . GLU A 1 186 ? 8.981   9.809   -9.496  1.00 29.47 ? 300 GLU A O   1 
ATOM   1390 C CB  . GLU A 1 186 ? 8.465   7.054   -10.685 1.00 29.37 ? 300 GLU A CB  1 
ATOM   1391 C CG  . GLU A 1 186 ? 8.707   7.225   -12.180 1.00 34.00 ? 300 GLU A CG  1 
ATOM   1392 C CD  . GLU A 1 186 ? 9.399   6.008   -12.802 1.00 37.97 ? 300 GLU A CD  1 
ATOM   1393 O OE1 . GLU A 1 186 ? 9.005   5.599   -13.934 1.00 37.37 ? 300 GLU A OE1 1 
ATOM   1394 O OE2 . GLU A 1 186 ? 10.317  5.462   -12.139 1.00 39.71 ? 300 GLU A OE2 1 
ATOM   1395 N N   . ASN A 1 187 ? 7.207   10.353  -10.769 1.00 29.60 ? 301 ASN A N   1 
ATOM   1396 C CA  . ASN A 1 187 ? 7.516   11.762  -10.787 1.00 29.69 ? 301 ASN A CA  1 
ATOM   1397 C C   . ASN A 1 187 ? 7.019   12.389  -9.516  1.00 29.28 ? 301 ASN A C   1 
ATOM   1398 O O   . ASN A 1 187 ? 7.764   13.173  -8.899  1.00 30.98 ? 301 ASN A O   1 
ATOM   1399 C CB  . ASN A 1 187 ? 6.839   12.455  -12.017 1.00 31.05 ? 301 ASN A CB  1 
ATOM   1400 N N   . TRP A 1 188 ? 5.770   12.054  -9.127  1.00 27.77 ? 302 TRP A N   1 
ATOM   1401 C CA  . TRP A 1 188 ? 5.173   12.497  -7.840  1.00 25.75 ? 302 TRP A CA  1 
ATOM   1402 C C   . TRP A 1 188 ? 6.143   12.370  -6.665  1.00 24.42 ? 302 TRP A C   1 
ATOM   1403 O O   . TRP A 1 188 ? 6.834   11.395  -6.538  1.00 23.10 ? 302 TRP A O   1 
ATOM   1404 C CB  . TRP A 1 188 ? 3.832   11.782  -7.469  1.00 25.34 ? 302 TRP A CB  1 
ATOM   1405 C CG  . TRP A 1 188 ? 3.274   12.428  -6.204  1.00 24.19 ? 302 TRP A CG  1 
ATOM   1406 C CD1 . TRP A 1 188 ? 2.556   13.597  -6.124  1.00 21.90 ? 302 TRP A CD1 1 
ATOM   1407 C CD2 . TRP A 1 188 ? 3.541   12.036  -4.838  1.00 22.27 ? 302 TRP A CD2 1 
ATOM   1408 N NE1 . TRP A 1 188 ? 2.351   13.931  -4.806  1.00 20.71 ? 302 TRP A NE1 1 
ATOM   1409 C CE2 . TRP A 1 188 ? 2.949   12.996  -4.002  1.00 19.27 ? 302 TRP A CE2 1 
ATOM   1410 C CE3 . TRP A 1 188 ? 4.246   10.969  -4.240  1.00 20.35 ? 302 TRP A CE3 1 
ATOM   1411 C CZ2 . TRP A 1 188 ? 2.990   12.900  -2.626  1.00 19.58 ? 302 TRP A CZ2 1 
ATOM   1412 C CZ3 . TRP A 1 188 ? 4.304   10.894  -2.852  1.00 17.60 ? 302 TRP A CZ3 1 
ATOM   1413 C CH2 . TRP A 1 188 ? 3.683   11.834  -2.074  1.00 18.93 ? 302 TRP A CH2 1 
ATOM   1414 N N   . GLY A 1 189 ? 6.170   13.394  -5.812  1.00 23.92 ? 303 GLY A N   1 
ATOM   1415 C CA  . GLY A 1 189 ? 6.937   13.352  -4.571  1.00 22.94 ? 303 GLY A CA  1 
ATOM   1416 C C   . GLY A 1 189 ? 8.385   13.193  -4.879  1.00 21.69 ? 303 GLY A C   1 
ATOM   1417 O O   . GLY A 1 189 ? 8.874   13.821  -5.786  1.00 22.75 ? 303 GLY A O   1 
ATOM   1418 N N   . ASN A 1 190 ? 9.033   12.319  -4.142  1.00 20.77 ? 304 ASN A N   1 
ATOM   1419 C CA  . ASN A 1 190 ? 10.415  11.941  -4.336  1.00 19.91 ? 304 ASN A CA  1 
ATOM   1420 C C   . ASN A 1 190 ? 10.547  10.509  -4.929  1.00 20.93 ? 304 ASN A C   1 
ATOM   1421 O O   . ASN A 1 190 ? 10.407  9.487   -4.242  1.00 21.51 ? 304 ASN A O   1 
ATOM   1422 C CB  . ASN A 1 190 ? 11.136  11.996  -3.014  1.00 18.99 ? 304 ASN A CB  1 
ATOM   1423 C CG  . ASN A 1 190 ? 12.612  11.766  -3.183  1.00 18.59 ? 304 ASN A CG  1 
ATOM   1424 O OD1 . ASN A 1 190 ? 13.089  11.546  -4.293  1.00 17.32 ? 304 ASN A OD1 1 
ATOM   1425 N ND2 . ASN A 1 190 ? 13.337  11.799  -2.103  1.00 14.12 ? 304 ASN A ND2 1 
ATOM   1426 N N   . LYS A 1 191 ? 10.799  10.455  -6.225  1.00 22.10 ? 305 LYS A N   1 
ATOM   1427 C CA  . LYS A 1 191 ? 10.824  9.211   -7.012  1.00 22.81 ? 305 LYS A CA  1 
ATOM   1428 C C   . LYS A 1 191 ? 9.590   8.384   -6.812  1.00 22.57 ? 305 LYS A C   1 
ATOM   1429 O O   . LYS A 1 191 ? 9.616   7.194   -7.042  1.00 23.05 ? 305 LYS A O   1 
ATOM   1430 C CB  . LYS A 1 191 ? 12.079  8.387   -6.699  1.00 23.19 ? 305 LYS A CB  1 
ATOM   1431 C CG  . LYS A 1 191 ? 13.326  8.931   -7.354  1.00 23.46 ? 305 LYS A CG  1 
ATOM   1432 C CD  . LYS A 1 191 ? 14.527  8.456   -6.578  1.00 27.08 ? 305 LYS A CD  1 
ATOM   1433 C CE  . LYS A 1 191 ? 15.837  9.045   -7.082  1.00 29.81 ? 305 LYS A CE  1 
ATOM   1434 N NZ  . LYS A 1 191 ? 17.009  8.136   -6.719  1.00 30.54 ? 305 LYS A NZ  1 
ATOM   1435 N N   . GLY A 1 192 ? 8.509   9.043   -6.400  1.00 22.75 ? 306 GLY A N   1 
ATOM   1436 C CA  . GLY A 1 192 ? 7.221   8.422   -6.130  1.00 22.41 ? 306 GLY A CA  1 
ATOM   1437 C C   . GLY A 1 192 ? 7.002   8.135   -4.662  1.00 22.54 ? 306 GLY A C   1 
ATOM   1438 O O   . GLY A 1 192 ? 5.993   7.513   -4.309  1.00 22.63 ? 306 GLY A O   1 
ATOM   1439 N N   . TYR A 1 193 ? 7.939   8.570   -3.814  1.00 22.48 ? 307 TYR A N   1 
ATOM   1440 C CA  . TYR A 1 193 ? 7.879   8.307   -2.383  1.00 22.32 ? 307 TYR A CA  1 
ATOM   1441 C C   . TYR A 1 193 ? 7.779   9.580   -1.550  1.00 22.23 ? 307 TYR A C   1 
ATOM   1442 O O   . TYR A 1 193 ? 8.139   10.667  -1.993  1.00 21.86 ? 307 TYR A O   1 
ATOM   1443 C CB  . TYR A 1 193 ? 9.078   7.494   -1.927  1.00 21.54 ? 307 TYR A CB  1 
ATOM   1444 C CG  . TYR A 1 193 ? 9.120   6.152   -2.528  1.00 24.34 ? 307 TYR A CG  1 
ATOM   1445 C CD1 . TYR A 1 193 ? 8.596   5.047   -1.852  1.00 27.83 ? 307 TYR A CD1 1 
ATOM   1446 C CD2 . TYR A 1 193 ? 9.667   5.951   -3.796  1.00 28.23 ? 307 TYR A CD2 1 
ATOM   1447 C CE1 . TYR A 1 193 ? 8.616   3.762   -2.417  1.00 27.51 ? 307 TYR A CE1 1 
ATOM   1448 C CE2 . TYR A 1 193 ? 9.719   4.658   -4.358  1.00 27.51 ? 307 TYR A CE2 1 
ATOM   1449 C CZ  . TYR A 1 193 ? 9.190   3.588   -3.656  1.00 27.60 ? 307 TYR A CZ  1 
ATOM   1450 O OH  . TYR A 1 193 ? 9.248   2.347   -4.184  1.00 30.40 ? 307 TYR A OH  1 
ATOM   1451 N N   . ILE A 1 194 ? 7.305   9.401   -0.316  1.00 22.26 ? 308 ILE A N   1 
ATOM   1452 C CA  . ILE A 1 194 ? 7.208   10.463  0.670   1.00 22.51 ? 308 ILE A CA  1 
ATOM   1453 C C   . ILE A 1 194 ? 7.515   9.937   2.062   1.00 22.37 ? 308 ILE A C   1 
ATOM   1454 O O   . ILE A 1 194 ? 6.967   8.935   2.487   1.00 20.83 ? 308 ILE A O   1 
ATOM   1455 C CB  . ILE A 1 194 ? 5.790   11.062  0.665   1.00 22.99 ? 308 ILE A CB  1 
ATOM   1456 C CG1 . ILE A 1 194 ? 5.682   12.156  1.707   1.00 22.65 ? 308 ILE A CG1 1 
ATOM   1457 C CG2 . ILE A 1 194 ? 4.680   9.962   0.906   1.00 22.68 ? 308 ILE A CG2 1 
ATOM   1458 C CD1 . ILE A 1 194 ? 4.359   12.922  1.593   1.00 25.65 ? 308 ILE A CD1 1 
ATOM   1459 N N   . LEU A 1 195 ? 8.385   10.632  2.770   1.00 22.02 ? 309 LEU A N   1 
ATOM   1460 C CA  . LEU A 1 195 ? 8.608   10.290  4.146   1.00 22.15 ? 309 LEU A CA  1 
ATOM   1461 C C   . LEU A 1 195 ? 7.585   11.085  5.000   1.00 21.98 ? 309 LEU A C   1 
ATOM   1462 O O   . LEU A 1 195 ? 7.579   12.305  4.963   1.00 20.72 ? 309 LEU A O   1 
ATOM   1463 C CB  . LEU A 1 195 ? 10.028  10.648  4.544   1.00 22.20 ? 309 LEU A CB  1 
ATOM   1464 C CG  . LEU A 1 195 ? 11.033  10.360  3.440   1.00 22.43 ? 309 LEU A CG  1 
ATOM   1465 C CD1 . LEU A 1 195 ? 12.398  10.950  3.783   1.00 21.65 ? 309 LEU A CD1 1 
ATOM   1466 C CD2 . LEU A 1 195 ? 11.095  8.849   3.247   1.00 20.52 ? 309 LEU A CD2 1 
ATOM   1467 N N   . MET A 1 196 ? 6.764   10.371  5.764   1.00 22.16 ? 310 MET A N   1 
ATOM   1468 C CA  . MET A 1 196 ? 5.700   10.958  6.581   1.00 22.50 ? 310 MET A CA  1 
ATOM   1469 C C   . MET A 1 196 ? 6.045   10.798  8.036   1.00 22.31 ? 310 MET A C   1 
ATOM   1470 O O   . MET A 1 196 ? 6.318   9.699   8.463   1.00 23.52 ? 310 MET A O   1 
ATOM   1471 C CB  . MET A 1 196 ? 4.342   10.247  6.328   1.00 22.46 ? 310 MET A CB  1 
ATOM   1472 C CG  . MET A 1 196 ? 3.951   10.170  4.847   1.00 21.64 ? 310 MET A CG  1 
ATOM   1473 S SD  . MET A 1 196 ? 2.243   9.755   4.684   1.00 24.18 ? 310 MET A SD  1 
ATOM   1474 C CE  . MET A 1 196 ? 1.537   11.155  5.448   1.00 23.08 ? 310 MET A CE  1 
ATOM   1475 N N   . ALA A 1 197 ? 5.997   11.889  8.792   1.00 22.27 ? 311 ALA A N   1 
ATOM   1476 C CA  . ALA A 1 197 ? 6.254   11.887  10.238  1.00 22.66 ? 311 ALA A CA  1 
ATOM   1477 C C   . ALA A 1 197 ? 5.797   10.612  10.981  1.00 22.38 ? 311 ALA A C   1 
ATOM   1478 O O   . ALA A 1 197 ? 4.684   10.139  10.772  1.00 21.74 ? 311 ALA A O   1 
ATOM   1479 C CB  . ALA A 1 197 ? 5.574   13.108  10.880  1.00 22.93 ? 311 ALA A CB  1 
ATOM   1480 N N   . ARG A 1 198 ? 6.652   10.100  11.861  1.00 22.02 ? 312 ARG A N   1 
ATOM   1481 C CA  . ARG A 1 198 ? 6.302   8.990   12.739  1.00 21.84 ? 312 ARG A CA  1 
ATOM   1482 C C   . ARG A 1 198 ? 6.397   9.365   14.226  1.00 21.35 ? 312 ARG A C   1 
ATOM   1483 O O   . ARG A 1 198 ? 7.169   10.223  14.618  1.00 20.74 ? 312 ARG A O   1 
ATOM   1484 C CB  . ARG A 1 198 ? 7.209   7.824   12.462  1.00 21.84 ? 312 ARG A CB  1 
ATOM   1485 C CG  . ARG A 1 198 ? 6.980   6.662   13.336  1.00 20.39 ? 312 ARG A CG  1 
ATOM   1486 C CD  . ARG A 1 198 ? 7.699   5.446   12.872  1.00 21.95 ? 312 ARG A CD  1 
ATOM   1487 N NE  . ARG A 1 198 ? 9.095   5.717   12.519  1.00 23.30 ? 312 ARG A NE  1 
ATOM   1488 C CZ  . ARG A 1 198 ? 10.148  5.581   13.330  1.00 24.83 ? 312 ARG A CZ  1 
ATOM   1489 N NH1 . ARG A 1 198 ? 10.005  5.204   14.602  1.00 26.68 ? 312 ARG A NH1 1 
ATOM   1490 N NH2 . ARG A 1 198 ? 11.368  5.848   12.874  1.00 24.75 ? 312 ARG A NH2 1 
ATOM   1491 N N   . ASN A 1 199 ? 5.616   8.684   15.050  1.00 21.39 ? 313 ASN A N   1 
ATOM   1492 C CA  . ASN A 1 199 ? 5.507   9.015   16.456  1.00 22.69 ? 313 ASN A CA  1 
ATOM   1493 C C   . ASN A 1 199 ? 5.239   10.517  16.653  1.00 23.41 ? 313 ASN A C   1 
ATOM   1494 O O   . ASN A 1 199 ? 5.837   11.159  17.515  1.00 24.64 ? 313 ASN A O   1 
ATOM   1495 C CB  . ASN A 1 199 ? 6.771   8.571   17.218  1.00 22.75 ? 313 ASN A CB  1 
ATOM   1496 C CG  . ASN A 1 199 ? 7.042   7.068   17.087  1.00 24.00 ? 313 ASN A CG  1 
ATOM   1497 O OD1 . ASN A 1 199 ? 6.229   6.295   16.579  1.00 23.11 ? 313 ASN A OD1 1 
ATOM   1498 N ND2 . ASN A 1 199 ? 8.210   6.663   17.522  1.00 24.71 ? 313 ASN A ND2 1 
ATOM   1499 N N   . LYS A 1 200 ? 4.353   11.064  15.829  1.00 24.25 ? 314 LYS A N   1 
ATOM   1500 C CA  . LYS A 1 200 ? 3.890   12.459  15.939  1.00 24.56 ? 314 LYS A CA  1 
ATOM   1501 C C   . LYS A 1 200 ? 2.360   12.493  15.944  1.00 24.57 ? 314 LYS A C   1 
ATOM   1502 O O   . LYS A 1 200 ? 1.714   13.212  15.139  1.00 24.77 ? 314 LYS A O   1 
ATOM   1503 C CB  . LYS A 1 200 ? 4.442   13.342  14.816  1.00 24.99 ? 314 LYS A CB  1 
ATOM   1504 C CG  . LYS A 1 200 ? 5.702   14.122  15.186  1.00 25.89 ? 314 LYS A CG  1 
ATOM   1505 C CD  . LYS A 1 200 ? 6.116   15.018  14.041  1.00 27.47 ? 314 LYS A CD  1 
ATOM   1506 C CE  . LYS A 1 200 ? 6.891   16.240  14.522  1.00 29.47 ? 314 LYS A CE  1 
ATOM   1507 N NZ  . LYS A 1 200 ? 6.971   17.221  13.392  1.00 30.51 ? 314 LYS A NZ  1 
ATOM   1508 N N   . ASN A 1 201 ? 1.813   11.706  16.889  1.00 23.73 ? 315 ASN A N   1 
ATOM   1509 C CA  . ASN A 1 201 ? 0.415   11.683  17.261  1.00 22.25 ? 315 ASN A CA  1 
ATOM   1510 C C   . ASN A 1 201 ? -0.319  11.136  16.111  1.00 21.11 ? 315 ASN A C   1 
ATOM   1511 O O   . ASN A 1 201 ? -1.424  11.614  15.773  1.00 21.90 ? 315 ASN A O   1 
ATOM   1512 C CB  . ASN A 1 201 ? -0.091  13.073  17.666  1.00 23.01 ? 315 ASN A CB  1 
ATOM   1513 C CG  . ASN A 1 201 ? -1.279  13.029  18.645  1.00 25.73 ? 315 ASN A CG  1 
ATOM   1514 O OD1 . ASN A 1 201 ? -1.275  12.256  19.633  1.00 29.32 ? 315 ASN A OD1 1 
ATOM   1515 N ND2 . ASN A 1 201 ? -2.304  13.859  18.377  1.00 25.45 ? 315 ASN A ND2 1 
ATOM   1516 N N   . ASN A 1 202 ? 0.248   10.084  15.517  1.00 19.38 ? 316 ASN A N   1 
ATOM   1517 C CA  . ASN A 1 202 ? -0.464  9.408   14.457  1.00 18.39 ? 316 ASN A CA  1 
ATOM   1518 C C   . ASN A 1 202 ? -0.854  10.453  13.339  1.00 17.55 ? 316 ASN A C   1 
ATOM   1519 O O   . ASN A 1 202 ? -2.031  10.644  13.004  1.00 17.02 ? 316 ASN A O   1 
ATOM   1520 C CB  . ASN A 1 202 ? -1.697  8.757   15.093  1.00 17.59 ? 316 ASN A CB  1 
ATOM   1521 C CG  . ASN A 1 202 ? -2.481  7.938   14.117  1.00 18.72 ? 316 ASN A CG  1 
ATOM   1522 O OD1 . ASN A 1 202 ? -1.890  7.238   13.281  1.00 22.04 ? 316 ASN A OD1 1 
ATOM   1523 N ND2 . ASN A 1 202 ? -3.808  8.049   14.166  1.00 12.49 ? 316 ASN A ND2 1 
ATOM   1524 N N   . ALA A 1 203 ? 0.156   11.176  12.856  1.00 16.02 ? 317 ALA A N   1 
ATOM   1525 C CA  . ALA A 1 203 ? -0.005  12.229  11.869  1.00 14.77 ? 317 ALA A CA  1 
ATOM   1526 C C   . ALA A 1 203 ? -0.638  11.680  10.608  1.00 16.07 ? 317 ALA A C   1 
ATOM   1527 O O   . ALA A 1 203 ? -0.277  10.586  10.091  1.00 14.82 ? 317 ALA A O   1 
ATOM   1528 C CB  . ALA A 1 203 ? 1.358   12.932  11.538  1.00 13.83 ? 317 ALA A CB  1 
ATOM   1529 N N   . CYS A 1 204 ? -1.627  12.447  10.128  1.00 18.18 ? 318 CYS A N   1 
ATOM   1530 C CA  . CYS A 1 204 ? -2.443  12.083  8.962   1.00 18.96 ? 318 CYS A CA  1 
ATOM   1531 C C   . CYS A 1 204 ? -3.200  10.774  9.101   1.00 18.27 ? 318 CYS A C   1 
ATOM   1532 O O   . CYS A 1 204 ? -3.764  10.289  8.143   1.00 17.96 ? 318 CYS A O   1 
ATOM   1533 C CB  . CYS A 1 204 ? -1.552  12.010  7.710   1.00 20.08 ? 318 CYS A CB  1 
ATOM   1534 S SG  . CYS A 1 204 ? -0.860  13.566  7.154   1.00 23.10 ? 318 CYS A SG  1 
ATOM   1535 N N   . GLY A 1 205 ? -3.194  10.178  10.279  1.00 19.39 ? 319 GLY A N   1 
ATOM   1536 C CA  . GLY A 1 205 ? -3.863  8.896   10.489  1.00 19.58 ? 319 GLY A CA  1 
ATOM   1537 C C   . GLY A 1 205 ? -3.103  7.723   9.892   1.00 19.40 ? 319 GLY A C   1 
ATOM   1538 O O   . GLY A 1 205 ? -3.725  6.702   9.543   1.00 19.45 ? 319 GLY A O   1 
ATOM   1539 N N   . ILE A 1 206 ? -1.779  7.860   9.793   1.00 19.06 ? 320 ILE A N   1 
ATOM   1540 C CA  . ILE A 1 206 ? -0.933  6.824   9.221   1.00 19.71 ? 320 ILE A CA  1 
ATOM   1541 C C   . ILE A 1 206 ? -1.201  5.446   9.822   1.00 20.42 ? 320 ILE A C   1 
ATOM   1542 O O   . ILE A 1 206 ? -1.136  4.444   9.089   1.00 21.22 ? 320 ILE A O   1 
ATOM   1543 C CB  . ILE A 1 206 ? 0.568   7.205   9.345   1.00 20.08 ? 320 ILE A CB  1 
ATOM   1544 C CG1 . ILE A 1 206 ? 1.484   6.198   8.662   1.00 20.88 ? 320 ILE A CG1 1 
ATOM   1545 C CG2 . ILE A 1 206 ? 1.032   7.257   10.806  1.00 21.55 ? 320 ILE A CG2 1 
ATOM   1546 C CD1 . ILE A 1 206 ? 1.180   5.997   7.214   1.00 21.50 ? 320 ILE A CD1 1 
ATOM   1547 N N   . ALA A 1 207 ? -1.537  5.375   11.123  1.00 21.05 ? 321 ALA A N   1 
ATOM   1548 C CA  . ALA A 1 207 ? -1.796  4.077   11.808  1.00 21.36 ? 321 ALA A CA  1 
ATOM   1549 C C   . ALA A 1 207 ? -3.279  3.700   12.106  1.00 22.11 ? 321 ALA A C   1 
ATOM   1550 O O   . ALA A 1 207 ? -3.564  2.730   12.800  1.00 21.57 ? 321 ALA A O   1 
ATOM   1551 C CB  . ALA A 1 207 ? -0.962  3.975   13.071  1.00 21.31 ? 321 ALA A CB  1 
ATOM   1552 N N   . ASN A 1 208 ? -4.227  4.412   11.517  1.00 23.01 ? 322 ASN A N   1 
ATOM   1553 C CA  . ASN A 1 208 ? -5.630  4.154   11.787  1.00 23.61 ? 322 ASN A CA  1 
ATOM   1554 C C   . ASN A 1 208 ? -6.261  3.018   10.988  1.00 23.90 ? 322 ASN A C   1 
ATOM   1555 O O   . ASN A 1 208 ? -7.291  2.486   11.365  1.00 23.91 ? 322 ASN A O   1 
ATOM   1556 C CB  . ASN A 1 208 ? -6.409  5.439   11.538  1.00 23.45 ? 322 ASN A CB  1 
ATOM   1557 C CG  . ASN A 1 208 ? -6.411  6.324   12.750  1.00 23.96 ? 322 ASN A CG  1 
ATOM   1558 O OD1 . ASN A 1 208 ? -5.667  6.076   13.725  1.00 24.76 ? 322 ASN A OD1 1 
ATOM   1559 N ND2 . ASN A 1 208 ? -7.244  7.341   12.722  1.00 17.67 ? 322 ASN A ND2 1 
ATOM   1560 N N   . LEU A 1 209 ? -5.665  2.673   9.864   1.00 23.36 ? 323 LEU A N   1 
ATOM   1561 C CA  . LEU A 1 209 ? -6.238  1.671   9.008   1.00 23.63 ? 323 LEU A CA  1 
ATOM   1562 C C   . LEU A 1 209 ? -5.141  0.769   8.378   1.00 23.06 ? 323 LEU A C   1 
ATOM   1563 O O   . LEU A 1 209 ? -5.137  0.519   7.183   1.00 23.15 ? 323 LEU A O   1 
ATOM   1564 C CB  . LEU A 1 209 ? -7.079  2.381   7.957   1.00 23.90 ? 323 LEU A CB  1 
ATOM   1565 C CG  . LEU A 1 209 ? -8.075  1.515   7.170   1.00 25.70 ? 323 LEU A CG  1 
ATOM   1566 C CD1 . LEU A 1 209 ? -9.175  0.859   8.031   1.00 27.62 ? 323 LEU A CD1 1 
ATOM   1567 C CD2 . LEU A 1 209 ? -8.695  2.356   6.066   1.00 25.16 ? 323 LEU A CD2 1 
ATOM   1568 N N   . ALA A 1 210 ? -4.222  0.291   9.204   1.00 22.45 ? 324 ALA A N   1 
ATOM   1569 C CA  . ALA A 1 210 ? -3.069  -0.479  8.719   1.00 22.80 ? 324 ALA A CA  1 
ATOM   1570 C C   . ALA A 1 210 ? -3.317  -2.001  8.778   1.00 22.93 ? 324 ALA A C   1 
ATOM   1571 O O   . ALA A 1 210 ? -3.814  -2.517  9.757   1.00 23.06 ? 324 ALA A O   1 
ATOM   1572 C CB  . ALA A 1 210 ? -1.771  -0.097  9.511   1.00 22.08 ? 324 ALA A CB  1 
ATOM   1573 N N   . SER A 1 211 ? -2.981  -2.711  7.711   1.00 23.71 ? 325 SER A N   1 
ATOM   1574 C CA  . SER A 1 211 ? -3.120  -4.165  7.695   1.00 24.92 ? 325 SER A CA  1 
ATOM   1575 C C   . SER A 1 211 ? -2.111  -4.832  6.809   1.00 24.75 ? 325 SER A C   1 
ATOM   1576 O O   . SER A 1 211 ? -1.403  -4.178  6.017   1.00 25.66 ? 325 SER A O   1 
ATOM   1577 C CB  . SER A 1 211 ? -4.482  -4.592  7.165   1.00 25.86 ? 325 SER A CB  1 
ATOM   1578 O OG  . SER A 1 211 ? -4.556  -4.433  5.734   1.00 27.01 ? 325 SER A OG  1 
ATOM   1579 N N   . PHE A 1 212 ? -2.086  -6.152  6.910   1.00 23.63 ? 326 PHE A N   1 
ATOM   1580 C CA  . PHE A 1 212 ? -1.217  -6.925  6.082   1.00 23.19 ? 326 PHE A CA  1 
ATOM   1581 C C   . PHE A 1 212 ? -1.695  -8.337  5.917   1.00 23.70 ? 326 PHE A C   1 
ATOM   1582 O O   . PHE A 1 212 ? -2.371  -8.885  6.814   1.00 24.53 ? 326 PHE A O   1 
ATOM   1583 C CB  . PHE A 1 212 ? 0.200   -6.926  6.647   1.00 22.85 ? 326 PHE A CB  1 
ATOM   1584 C CG  . PHE A 1 212 ? 0.318   -7.524  7.994   1.00 20.67 ? 326 PHE A CG  1 
ATOM   1585 C CD1 . PHE A 1 212 ? 0.597   -8.868  8.134   1.00 18.92 ? 326 PHE A CD1 1 
ATOM   1586 C CD2 . PHE A 1 212 ? 0.214   -6.732  9.137   1.00 19.97 ? 326 PHE A CD2 1 
ATOM   1587 C CE1 . PHE A 1 212 ? 0.754   -9.437  9.407   1.00 17.59 ? 326 PHE A CE1 1 
ATOM   1588 C CE2 . PHE A 1 212 ? 0.363   -7.286  10.402  1.00 19.10 ? 326 PHE A CE2 1 
ATOM   1589 C CZ  . PHE A 1 212 ? 0.632   -8.643  10.534  1.00 17.64 ? 326 PHE A CZ  1 
ATOM   1590 N N   . PRO A 1 213 ? -1.326  -8.936  4.782   1.00 23.63 ? 327 PRO A N   1 
ATOM   1591 C CA  . PRO A 1 213 ? -1.695  -10.323 4.510   1.00 23.94 ? 327 PRO A CA  1 
ATOM   1592 C C   . PRO A 1 213 ? -0.768  -11.340 5.191   1.00 24.12 ? 327 PRO A C   1 
ATOM   1593 O O   . PRO A 1 213 ? 0.403   -11.081 5.421   1.00 22.16 ? 327 PRO A O   1 
ATOM   1594 C CB  . PRO A 1 213 ? -1.619  -10.415 2.973   1.00 23.87 ? 327 PRO A CB  1 
ATOM   1595 C CG  . PRO A 1 213 ? -0.546  -9.394  2.601   1.00 24.50 ? 327 PRO A CG  1 
ATOM   1596 C CD  . PRO A 1 213 ? -0.540  -8.339  3.672   1.00 23.58 ? 327 PRO A CD  1 
ATOM   1597 N N   . LYS A 1 214 ? -1.322  -12.519 5.457   1.00 25.91 ? 328 LYS A N   1 
ATOM   1598 C CA  . LYS A 1 214 ? -0.590  -13.665 5.969   1.00 27.97 ? 328 LYS A CA  1 
ATOM   1599 C C   . LYS A 1 214 ? -0.304  -14.710 4.880   1.00 29.59 ? 328 LYS A C   1 
ATOM   1600 O O   . LYS A 1 214 ? -0.942  -15.759 4.847   1.00 30.85 ? 328 LYS A O   1 
ATOM   1601 C CB  . LYS A 1 214 ? -1.433  -14.319 7.058   1.00 28.36 ? 328 LYS A CB  1 
ATOM   1602 C CG  . LYS A 1 214 ? -2.012  -13.357 8.022   1.00 28.82 ? 328 LYS A CG  1 
ATOM   1603 C CD  . LYS A 1 214 ? -2.479  -14.046 9.307   1.00 32.01 ? 328 LYS A CD  1 
ATOM   1604 C CE  . LYS A 1 214 ? -1.323  -14.798 10.083  1.00 33.76 ? 328 LYS A CE  1 
ATOM   1605 N NZ  . LYS A 1 214 ? -0.074  -13.972 10.375  1.00 32.84 ? 328 LYS A NZ  1 
ATOM   1606 N N   . MET A 1 215 ? 0.678   -14.466 4.017   1.00 31.50 ? 329 MET A N   1 
ATOM   1607 C CA  . MET A 1 215 ? 0.957   -15.390 2.898   1.00 32.54 ? 329 MET A CA  1 
ATOM   1608 C C   . MET A 1 215 ? 1.698   -16.677 3.314   1.00 32.74 ? 329 MET A C   1 
ATOM   1609 O O   . MET A 1 215 ? 1.207   -17.776 3.069   1.00 32.63 ? 329 MET A O   1 
ATOM   1610 C CB  . MET A 1 215 ? 1.764   -14.677 1.832   1.00 32.76 ? 329 MET A CB  1 
ATOM   1611 C CG  . MET A 1 215 ? 2.169   -15.577 0.686   1.00 33.35 ? 329 MET A CG  1 
ATOM   1612 S SD  . MET A 1 215 ? 3.075   -14.599 -0.478  1.00 37.71 ? 329 MET A SD  1 
ATOM   1613 C CE  . MET A 1 215 ? 1.942   -13.207 -0.799  1.00 34.49 ? 329 MET A CE  1 
ATOM   1614 O OXT . MET A 1 215 ? 2.800   -16.631 3.873   1.00 33.76 ? 329 MET A OXT 1 
HETATM 1615 C C1  . T2M B 2 .   ? -9.893  6.478   -3.627  1.00 7.49  ? 101 T2M A C1  1 
HETATM 1616 N N2  . T2M B 2 .   ? -9.004  5.566   -2.894  1.00 15.09 ? 101 T2M A N2  1 
HETATM 1617 N N3  . T2M B 2 .   ? -8.954  5.955   -1.549  1.00 14.58 ? 101 T2M A N3  1 
HETATM 1618 C C4  . T2M B 2 .   ? -9.395  5.140   -0.600  1.00 15.45 ? 101 T2M A C4  1 
HETATM 1619 O O5  . T2M B 2 .   ? -9.934  4.063   -0.923  1.00 12.60 ? 101 T2M A O5  1 
HETATM 1620 O O6  . T2M B 2 .   ? -9.236  5.521   0.719   1.00 16.04 ? 101 T2M A O6  1 
HETATM 1621 C C7  . T2M B 2 .   ? -9.797  4.656   1.687   1.00 12.45 ? 101 T2M A C7  1 
HETATM 1622 C C8  . T2M B 2 .   ? -11.293 4.430   1.427   1.00 10.14 ? 101 T2M A C8  1 
HETATM 1623 C C9  . T2M B 2 .   ? -9.642  5.322   3.066   1.00 11.76 ? 101 T2M A C9  1 
HETATM 1624 C C10 . T2M B 2 .   ? -9.031  3.317   1.680   1.00 14.12 ? 101 T2M A C10 1 
HETATM 1625 C C11 . T2M B 2 .   ? -7.659  5.592   -3.454  1.00 13.54 ? 101 T2M A C11 1 
HETATM 1626 N N12 . T2M B 2 .   ? -7.441  6.220   -4.648  1.00 15.54 ? 101 T2M A N12 1 
HETATM 1627 O O   . HOH C 3 .   ? 14.750  3.749   7.259   1.00 26.85 ? 1   HOH A O   1 
HETATM 1628 O O   . HOH C 3 .   ? 17.606  -1.818  5.463   1.00 13.01 ? 2   HOH A O   1 
HETATM 1629 O O   . HOH C 3 .   ? 12.923  -3.242  -3.561  1.00 7.40  ? 3   HOH A O   1 
HETATM 1630 O O   . HOH C 3 .   ? 11.614  -2.172  -7.714  1.00 22.53 ? 4   HOH A O   1 
HETATM 1631 O O   . HOH C 3 .   ? 5.923   -3.143  -4.770  1.00 12.24 ? 5   HOH A O   1 
HETATM 1632 O O   . HOH C 3 .   ? -2.282  4.913   -15.240 1.00 33.94 ? 6   HOH A O   1 
HETATM 1633 O O   . HOH C 3 .   ? 1.869   -4.495  -10.111 1.00 27.06 ? 7   HOH A O   1 
HETATM 1634 O O   . HOH C 3 .   ? -3.321  -4.716  -13.235 1.00 16.91 ? 8   HOH A O   1 
HETATM 1635 O O   . HOH C 3 .   ? -13.577 -3.217  -6.284  1.00 8.36  ? 9   HOH A O   1 
HETATM 1636 O O   . HOH C 3 .   ? -15.572 1.242   -11.057 1.00 16.29 ? 10  HOH A O   1 
HETATM 1637 O O   . HOH C 3 .   ? -6.597  -1.695  7.215   1.00 26.16 ? 11  HOH A O   1 
HETATM 1638 O O   . HOH C 3 .   ? -5.133  -17.086 -2.016  1.00 15.95 ? 12  HOH A O   1 
HETATM 1639 O O   . HOH C 3 .   ? -11.914 -5.689  8.353   1.00 15.29 ? 13  HOH A O   1 
HETATM 1640 O O   . HOH C 3 .   ? -6.712  6.066   16.383  1.00 24.22 ? 14  HOH A O   1 
HETATM 1641 O O   . HOH C 3 .   ? 10.235  -8.518  7.760   1.00 21.35 ? 15  HOH A O   1 
HETATM 1642 O O   . HOH C 3 .   ? 4.875   16.591  -5.170  1.00 14.47 ? 16  HOH A O   1 
HETATM 1643 O O   . HOH C 3 .   ? 13.928  13.566  1.802   1.00 12.99 ? 17  HOH A O   1 
HETATM 1644 O O   . HOH C 3 .   ? -8.911  15.310  13.798  1.00 11.03 ? 18  HOH A O   1 
HETATM 1645 O O   . HOH C 3 .   ? -5.971  14.075  14.244  1.00 31.80 ? 19  HOH A O   1 
HETATM 1646 O O   . HOH C 3 .   ? 5.286   19.360  1.671   1.00 22.39 ? 20  HOH A O   1 
HETATM 1647 O O   . HOH C 3 .   ? 12.329  5.276   16.983  1.00 22.60 ? 21  HOH A O   1 
HETATM 1648 O O   . HOH C 3 .   ? 2.816   10.595  9.082   1.00 11.06 ? 22  HOH A O   1 
HETATM 1649 O O   . HOH C 3 .   ? 2.302   -1.070  -6.347  1.00 16.99 ? 23  HOH A O   1 
HETATM 1650 O O   . HOH C 3 .   ? 3.475   8.266   -13.978 1.00 18.76 ? 24  HOH A O   1 
HETATM 1651 O O   . HOH C 3 .   ? 0.685   2.545   -2.744  1.00 23.98 ? 25  HOH A O   1 
HETATM 1652 O O   . HOH C 3 .   ? 13.388  -13.840 0.814   1.00 24.80 ? 26  HOH A O   1 
HETATM 1653 O O   . HOH C 3 .   ? -19.950 3.934   -5.869  1.00 24.89 ? 27  HOH A O   1 
HETATM 1654 O O   . HOH C 3 .   ? -2.751  -2.688  -19.988 1.00 24.61 ? 28  HOH A O   1 
HETATM 1655 O O   . HOH C 3 .   ? -16.449 -5.021  -11.527 1.00 24.61 ? 29  HOH A O   1 
HETATM 1656 O O   . HOH C 3 .   ? -3.648  3.884   7.813   1.00 8.55  ? 30  HOH A O   1 
HETATM 1657 O O   . HOH C 3 .   ? -1.021  23.876  8.291   1.00 26.79 ? 31  HOH A O   1 
HETATM 1658 O O   . HOH C 3 .   ? -4.449  9.659   16.628  1.00 24.00 ? 32  HOH A O   1 
HETATM 1659 O O   . HOH C 3 .   ? 6.295   19.142  5.958   1.00 19.36 ? 33  HOH A O   1 
# 
